data_2I0M
# 
_entry.id   2I0M 
# 
_audit_conform.dict_name       mmcif_pdbx.dic 
_audit_conform.dict_version    5.387 
_audit_conform.dict_location   http://mmcif.pdb.org/dictionaries/ascii/mmcif_pdbx.dic 
# 
loop_
_database_2.database_id 
_database_2.database_code 
_database_2.pdbx_database_accession 
_database_2.pdbx_DOI 
PDB   2I0M         pdb_00002i0m 10.2210/pdb2i0m/pdb 
RCSB  RCSB038987   ?            ?                   
WWPDB D_1000038987 ?            ?                   
# 
loop_
_pdbx_audit_revision_history.ordinal 
_pdbx_audit_revision_history.data_content_type 
_pdbx_audit_revision_history.major_revision 
_pdbx_audit_revision_history.minor_revision 
_pdbx_audit_revision_history.revision_date 
1 'Structure model' 1 0 2006-09-19 
2 'Structure model' 1 1 2008-05-01 
3 'Structure model' 1 2 2011-07-13 
4 'Structure model' 1 3 2024-02-21 
# 
_pdbx_audit_revision_details.ordinal             1 
_pdbx_audit_revision_details.revision_ordinal    1 
_pdbx_audit_revision_details.data_content_type   'Structure model' 
_pdbx_audit_revision_details.provider            repository 
_pdbx_audit_revision_details.type                'Initial release' 
_pdbx_audit_revision_details.description         ? 
_pdbx_audit_revision_details.details             ? 
# 
loop_
_pdbx_audit_revision_group.ordinal 
_pdbx_audit_revision_group.revision_ordinal 
_pdbx_audit_revision_group.data_content_type 
_pdbx_audit_revision_group.group 
1 2 'Structure model' 'Version format compliance' 
2 3 'Structure model' Advisory                    
3 3 'Structure model' 'Derived calculations'      
4 3 'Structure model' 'Source and taxonomy'       
5 3 'Structure model' 'Version format compliance' 
6 4 'Structure model' 'Data collection'           
7 4 'Structure model' 'Database references'       
8 4 'Structure model' 'Derived calculations'      
# 
loop_
_pdbx_audit_revision_category.ordinal 
_pdbx_audit_revision_category.revision_ordinal 
_pdbx_audit_revision_category.data_content_type 
_pdbx_audit_revision_category.category 
1 4 'Structure model' chem_comp_atom         
2 4 'Structure model' chem_comp_bond         
3 4 'Structure model' database_2             
4 4 'Structure model' pdbx_struct_conn_angle 
5 4 'Structure model' struct_conn            
6 4 'Structure model' struct_site            
# 
loop_
_pdbx_audit_revision_item.ordinal 
_pdbx_audit_revision_item.revision_ordinal 
_pdbx_audit_revision_item.data_content_type 
_pdbx_audit_revision_item.item 
1  4 'Structure model' '_database_2.pdbx_DOI'                        
2  4 'Structure model' '_database_2.pdbx_database_accession'         
3  4 'Structure model' '_pdbx_struct_conn_angle.ptnr1_auth_comp_id'  
4  4 'Structure model' '_pdbx_struct_conn_angle.ptnr1_auth_seq_id'   
5  4 'Structure model' '_pdbx_struct_conn_angle.ptnr1_label_atom_id' 
6  4 'Structure model' '_pdbx_struct_conn_angle.ptnr1_label_comp_id' 
7  4 'Structure model' '_pdbx_struct_conn_angle.ptnr1_label_seq_id'  
8  4 'Structure model' '_pdbx_struct_conn_angle.ptnr1_symmetry'      
9  4 'Structure model' '_pdbx_struct_conn_angle.ptnr2_auth_seq_id'   
10 4 'Structure model' '_pdbx_struct_conn_angle.ptnr2_label_asym_id' 
11 4 'Structure model' '_pdbx_struct_conn_angle.ptnr3_auth_comp_id'  
12 4 'Structure model' '_pdbx_struct_conn_angle.ptnr3_auth_seq_id'   
13 4 'Structure model' '_pdbx_struct_conn_angle.ptnr3_label_atom_id' 
14 4 'Structure model' '_pdbx_struct_conn_angle.ptnr3_label_comp_id' 
15 4 'Structure model' '_pdbx_struct_conn_angle.ptnr3_label_seq_id'  
16 4 'Structure model' '_pdbx_struct_conn_angle.ptnr3_symmetry'      
17 4 'Structure model' '_pdbx_struct_conn_angle.value'               
18 4 'Structure model' '_struct_conn.pdbx_dist_value'                
19 4 'Structure model' '_struct_conn.ptnr1_auth_comp_id'             
20 4 'Structure model' '_struct_conn.ptnr1_auth_seq_id'              
21 4 'Structure model' '_struct_conn.ptnr1_label_asym_id'            
22 4 'Structure model' '_struct_conn.ptnr1_label_atom_id'            
23 4 'Structure model' '_struct_conn.ptnr1_label_comp_id'            
24 4 'Structure model' '_struct_conn.ptnr1_label_seq_id'             
25 4 'Structure model' '_struct_conn.ptnr1_symmetry'                 
26 4 'Structure model' '_struct_conn.ptnr2_auth_comp_id'             
27 4 'Structure model' '_struct_conn.ptnr2_auth_seq_id'              
28 4 'Structure model' '_struct_conn.ptnr2_label_asym_id'            
29 4 'Structure model' '_struct_conn.ptnr2_label_atom_id'            
30 4 'Structure model' '_struct_conn.ptnr2_label_comp_id'            
31 4 'Structure model' '_struct_conn.ptnr2_label_seq_id'             
32 4 'Structure model' '_struct_conn.ptnr2_symmetry'                 
33 4 'Structure model' '_struct_site.pdbx_auth_asym_id'              
34 4 'Structure model' '_struct_site.pdbx_auth_comp_id'              
35 4 'Structure model' '_struct_site.pdbx_auth_seq_id'               
# 
_pdbx_database_status.status_code                     REL 
_pdbx_database_status.entry_id                        2I0M 
_pdbx_database_status.recvd_initial_deposition_date   2006-08-10 
_pdbx_database_status.deposit_site                    RCSB 
_pdbx_database_status.process_site                    RCSB 
_pdbx_database_status.status_code_sf                  REL 
_pdbx_database_status.status_code_mr                  ? 
_pdbx_database_status.SG_entry                        Y 
_pdbx_database_status.status_code_cs                  ? 
_pdbx_database_status.pdb_format_compatible           Y 
_pdbx_database_status.status_code_nmr_data            ? 
_pdbx_database_status.methods_development_category    ? 
# 
loop_
_pdbx_database_related.db_name 
_pdbx_database_related.db_id 
_pdbx_database_related.details 
_pdbx_database_related.content_type 
TargetDB APC80686 . unspecified 
PDB      1T8B     
;1T8B is the crystal structure of refolded PhoU-like protein (gi 2983430) from Aquifex aeolicus determined at 3.23 angstrom resolution
;
unspecified 
# 
loop_
_audit_author.name 
_audit_author.pdbx_ordinal 
'Zhang, R.'                                     1 
'Li, H.'                                        2 
'Abdullah, J.'                                  3 
'Joachimiak, A.'                                4 
'Midwest Center for Structural Genomics (MCSG)' 5 
# 
_citation.id                        primary 
_citation.title                     
'Crystal structure of the phosphate transport system regulatory protein PhoU from Streptococcus pneumoniae' 
_citation.journal_abbrev            'To be Published' 
_citation.journal_volume            ? 
_citation.page_first                ? 
_citation.page_last                 ? 
_citation.year                      2006 
_citation.journal_id_ASTM           ? 
_citation.country                   ? 
_citation.journal_id_ISSN           ? 
_citation.journal_id_CSD            0353 
_citation.book_publisher            ? 
_citation.pdbx_database_id_PubMed   ? 
_citation.pdbx_database_id_DOI      ? 
# 
loop_
_citation_author.citation_id 
_citation_author.name 
_citation_author.ordinal 
_citation_author.identifier_ORCID 
primary 'Zhang, R.'      1 ? 
primary 'Li, H.'         2 ? 
primary 'Abdullah, J.'   3 ? 
primary 'Joachimiak, A.' 4 ? 
# 
loop_
_entity.id 
_entity.type 
_entity.src_method 
_entity.pdbx_description 
_entity.formula_weight 
_entity.pdbx_number_of_molecules 
_entity.pdbx_ec 
_entity.pdbx_mutation 
_entity.pdbx_fragment 
_entity.details 
1 polymer     man 'Phosphate transport system protein phoU' 24214.793 1  ? ? ? ? 
2 non-polymer syn 'ZINC ION'                                65.409    3  ? ? ? ? 
3 water       nat water                                     18.015    24 ? ? ? ? 
# 
_entity_poly.entity_id                      1 
_entity_poly.type                           'polypeptide(L)' 
_entity_poly.nstd_linkage                   no 
_entity_poly.nstd_monomer                   no 
_entity_poly.pdbx_seq_one_letter_code       
;MRNQFDLELHELEQSFLGLGQLVLETASKALLALASKDKEMAELIINKDHAINQGQSAIELTCARLLALQQPQVSDLRFV
ISIMSSCSDLERMGDHMAGIAKAVLQLKENQLAPDEEQLHQMGKLSLSMLADLLVAFPLHQASKAISIAQKDEQIDQYYY
ALSKEIIGLMKDQETSIPNGTQYLYIIGHLERFADYIANICERLVYLETGELVDLN
;
_entity_poly.pdbx_seq_one_letter_code_can   
;MRNQFDLELHELEQSFLGLGQLVLETASKALLALASKDKEMAELIINKDHAINQGQSAIELTCARLLALQQPQVSDLRFV
ISIMSSCSDLERMGDHMAGIAKAVLQLKENQLAPDEEQLHQMGKLSLSMLADLLVAFPLHQASKAISIAQKDEQIDQYYY
ALSKEIIGLMKDQETSIPNGTQYLYIIGHLERFADYIANICERLVYLETGELVDLN
;
_entity_poly.pdbx_strand_id                 A 
_entity_poly.pdbx_target_identifier         APC80686 
# 
loop_
_pdbx_entity_nonpoly.entity_id 
_pdbx_entity_nonpoly.name 
_pdbx_entity_nonpoly.comp_id 
2 'ZINC ION' ZN  
3 water      HOH 
# 
loop_
_entity_poly_seq.entity_id 
_entity_poly_seq.num 
_entity_poly_seq.mon_id 
_entity_poly_seq.hetero 
1 1   MET n 
1 2   ARG n 
1 3   ASN n 
1 4   GLN n 
1 5   PHE n 
1 6   ASP n 
1 7   LEU n 
1 8   GLU n 
1 9   LEU n 
1 10  HIS n 
1 11  GLU n 
1 12  LEU n 
1 13  GLU n 
1 14  GLN n 
1 15  SER n 
1 16  PHE n 
1 17  LEU n 
1 18  GLY n 
1 19  LEU n 
1 20  GLY n 
1 21  GLN n 
1 22  LEU n 
1 23  VAL n 
1 24  LEU n 
1 25  GLU n 
1 26  THR n 
1 27  ALA n 
1 28  SER n 
1 29  LYS n 
1 30  ALA n 
1 31  LEU n 
1 32  LEU n 
1 33  ALA n 
1 34  LEU n 
1 35  ALA n 
1 36  SER n 
1 37  LYS n 
1 38  ASP n 
1 39  LYS n 
1 40  GLU n 
1 41  MET n 
1 42  ALA n 
1 43  GLU n 
1 44  LEU n 
1 45  ILE n 
1 46  ILE n 
1 47  ASN n 
1 48  LYS n 
1 49  ASP n 
1 50  HIS n 
1 51  ALA n 
1 52  ILE n 
1 53  ASN n 
1 54  GLN n 
1 55  GLY n 
1 56  GLN n 
1 57  SER n 
1 58  ALA n 
1 59  ILE n 
1 60  GLU n 
1 61  LEU n 
1 62  THR n 
1 63  CYS n 
1 64  ALA n 
1 65  ARG n 
1 66  LEU n 
1 67  LEU n 
1 68  ALA n 
1 69  LEU n 
1 70  GLN n 
1 71  GLN n 
1 72  PRO n 
1 73  GLN n 
1 74  VAL n 
1 75  SER n 
1 76  ASP n 
1 77  LEU n 
1 78  ARG n 
1 79  PHE n 
1 80  VAL n 
1 81  ILE n 
1 82  SER n 
1 83  ILE n 
1 84  MET n 
1 85  SER n 
1 86  SER n 
1 87  CYS n 
1 88  SER n 
1 89  ASP n 
1 90  LEU n 
1 91  GLU n 
1 92  ARG n 
1 93  MET n 
1 94  GLY n 
1 95  ASP n 
1 96  HIS n 
1 97  MET n 
1 98  ALA n 
1 99  GLY n 
1 100 ILE n 
1 101 ALA n 
1 102 LYS n 
1 103 ALA n 
1 104 VAL n 
1 105 LEU n 
1 106 GLN n 
1 107 LEU n 
1 108 LYS n 
1 109 GLU n 
1 110 ASN n 
1 111 GLN n 
1 112 LEU n 
1 113 ALA n 
1 114 PRO n 
1 115 ASP n 
1 116 GLU n 
1 117 GLU n 
1 118 GLN n 
1 119 LEU n 
1 120 HIS n 
1 121 GLN n 
1 122 MET n 
1 123 GLY n 
1 124 LYS n 
1 125 LEU n 
1 126 SER n 
1 127 LEU n 
1 128 SER n 
1 129 MET n 
1 130 LEU n 
1 131 ALA n 
1 132 ASP n 
1 133 LEU n 
1 134 LEU n 
1 135 VAL n 
1 136 ALA n 
1 137 PHE n 
1 138 PRO n 
1 139 LEU n 
1 140 HIS n 
1 141 GLN n 
1 142 ALA n 
1 143 SER n 
1 144 LYS n 
1 145 ALA n 
1 146 ILE n 
1 147 SER n 
1 148 ILE n 
1 149 ALA n 
1 150 GLN n 
1 151 LYS n 
1 152 ASP n 
1 153 GLU n 
1 154 GLN n 
1 155 ILE n 
1 156 ASP n 
1 157 GLN n 
1 158 TYR n 
1 159 TYR n 
1 160 TYR n 
1 161 ALA n 
1 162 LEU n 
1 163 SER n 
1 164 LYS n 
1 165 GLU n 
1 166 ILE n 
1 167 ILE n 
1 168 GLY n 
1 169 LEU n 
1 170 MET n 
1 171 LYS n 
1 172 ASP n 
1 173 GLN n 
1 174 GLU n 
1 175 THR n 
1 176 SER n 
1 177 ILE n 
1 178 PRO n 
1 179 ASN n 
1 180 GLY n 
1 181 THR n 
1 182 GLN n 
1 183 TYR n 
1 184 LEU n 
1 185 TYR n 
1 186 ILE n 
1 187 ILE n 
1 188 GLY n 
1 189 HIS n 
1 190 LEU n 
1 191 GLU n 
1 192 ARG n 
1 193 PHE n 
1 194 ALA n 
1 195 ASP n 
1 196 TYR n 
1 197 ILE n 
1 198 ALA n 
1 199 ASN n 
1 200 ILE n 
1 201 CYS n 
1 202 GLU n 
1 203 ARG n 
1 204 LEU n 
1 205 VAL n 
1 206 TYR n 
1 207 LEU n 
1 208 GLU n 
1 209 THR n 
1 210 GLY n 
1 211 GLU n 
1 212 LEU n 
1 213 VAL n 
1 214 ASP n 
1 215 LEU n 
1 216 ASN n 
# 
_entity_src_gen.entity_id                          1 
_entity_src_gen.pdbx_src_id                        1 
_entity_src_gen.pdbx_alt_source_flag               sample 
_entity_src_gen.pdbx_seq_type                      ? 
_entity_src_gen.pdbx_beg_seq_num                   ? 
_entity_src_gen.pdbx_end_seq_num                   ? 
_entity_src_gen.gene_src_common_name               ? 
_entity_src_gen.gene_src_genus                     Streptococcus 
_entity_src_gen.pdbx_gene_src_gene                 phoU 
_entity_src_gen.gene_src_species                   'Streptococcus pneumoniae' 
_entity_src_gen.gene_src_strain                    TIGR4 
_entity_src_gen.gene_src_tissue                    ? 
_entity_src_gen.gene_src_tissue_fraction           ? 
_entity_src_gen.gene_src_details                   ? 
_entity_src_gen.pdbx_gene_src_fragment             ? 
_entity_src_gen.pdbx_gene_src_scientific_name      'Streptococcus pneumoniae' 
_entity_src_gen.pdbx_gene_src_ncbi_taxonomy_id     170187 
_entity_src_gen.pdbx_gene_src_variant              ? 
_entity_src_gen.pdbx_gene_src_cell_line            ? 
_entity_src_gen.pdbx_gene_src_atcc                 ? 
_entity_src_gen.pdbx_gene_src_organ                ? 
_entity_src_gen.pdbx_gene_src_organelle            ? 
_entity_src_gen.pdbx_gene_src_cell                 ? 
_entity_src_gen.pdbx_gene_src_cellular_location    ? 
_entity_src_gen.host_org_common_name               ? 
_entity_src_gen.pdbx_host_org_scientific_name      'Escherichia coli BL21' 
_entity_src_gen.pdbx_host_org_ncbi_taxonomy_id     511693 
_entity_src_gen.host_org_genus                     Escherichia 
_entity_src_gen.pdbx_host_org_gene                 ? 
_entity_src_gen.pdbx_host_org_organ                ? 
_entity_src_gen.host_org_species                   'Escherichia coli' 
_entity_src_gen.pdbx_host_org_tissue               ? 
_entity_src_gen.pdbx_host_org_tissue_fraction      ? 
_entity_src_gen.pdbx_host_org_strain               BL21 
_entity_src_gen.pdbx_host_org_variant              ? 
_entity_src_gen.pdbx_host_org_cell_line            ? 
_entity_src_gen.pdbx_host_org_atcc                 ? 
_entity_src_gen.pdbx_host_org_culture_collection   ? 
_entity_src_gen.pdbx_host_org_cell                 ? 
_entity_src_gen.pdbx_host_org_organelle            ? 
_entity_src_gen.pdbx_host_org_cellular_location    ? 
_entity_src_gen.pdbx_host_org_vector_type          Plasmid 
_entity_src_gen.pdbx_host_org_vector               ? 
_entity_src_gen.host_org_details                   ? 
_entity_src_gen.expression_system_id               ? 
_entity_src_gen.plasmid_name                       PDM68 
_entity_src_gen.plasmid_details                    ? 
_entity_src_gen.pdbx_description                   ? 
# 
loop_
_chem_comp.id 
_chem_comp.type 
_chem_comp.mon_nstd_flag 
_chem_comp.name 
_chem_comp.pdbx_synonyms 
_chem_comp.formula 
_chem_comp.formula_weight 
ALA 'L-peptide linking' y ALANINE         ? 'C3 H7 N O2'     89.093  
ARG 'L-peptide linking' y ARGININE        ? 'C6 H15 N4 O2 1' 175.209 
ASN 'L-peptide linking' y ASPARAGINE      ? 'C4 H8 N2 O3'    132.118 
ASP 'L-peptide linking' y 'ASPARTIC ACID' ? 'C4 H7 N O4'     133.103 
CYS 'L-peptide linking' y CYSTEINE        ? 'C3 H7 N O2 S'   121.158 
GLN 'L-peptide linking' y GLUTAMINE       ? 'C5 H10 N2 O3'   146.144 
GLU 'L-peptide linking' y 'GLUTAMIC ACID' ? 'C5 H9 N O4'     147.129 
GLY 'peptide linking'   y GLYCINE         ? 'C2 H5 N O2'     75.067  
HIS 'L-peptide linking' y HISTIDINE       ? 'C6 H10 N3 O2 1' 156.162 
HOH non-polymer         . WATER           ? 'H2 O'           18.015  
ILE 'L-peptide linking' y ISOLEUCINE      ? 'C6 H13 N O2'    131.173 
LEU 'L-peptide linking' y LEUCINE         ? 'C6 H13 N O2'    131.173 
LYS 'L-peptide linking' y LYSINE          ? 'C6 H15 N2 O2 1' 147.195 
MET 'L-peptide linking' y METHIONINE      ? 'C5 H11 N O2 S'  149.211 
PHE 'L-peptide linking' y PHENYLALANINE   ? 'C9 H11 N O2'    165.189 
PRO 'L-peptide linking' y PROLINE         ? 'C5 H9 N O2'     115.130 
SER 'L-peptide linking' y SERINE          ? 'C3 H7 N O3'     105.093 
THR 'L-peptide linking' y THREONINE       ? 'C4 H9 N O3'     119.119 
TYR 'L-peptide linking' y TYROSINE        ? 'C9 H11 N O3'    181.189 
VAL 'L-peptide linking' y VALINE          ? 'C5 H11 N O2'    117.146 
ZN  non-polymer         . 'ZINC ION'      ? 'Zn 2'           65.409  
# 
loop_
_pdbx_poly_seq_scheme.asym_id 
_pdbx_poly_seq_scheme.entity_id 
_pdbx_poly_seq_scheme.seq_id 
_pdbx_poly_seq_scheme.mon_id 
_pdbx_poly_seq_scheme.ndb_seq_num 
_pdbx_poly_seq_scheme.pdb_seq_num 
_pdbx_poly_seq_scheme.auth_seq_num 
_pdbx_poly_seq_scheme.pdb_mon_id 
_pdbx_poly_seq_scheme.auth_mon_id 
_pdbx_poly_seq_scheme.pdb_strand_id 
_pdbx_poly_seq_scheme.pdb_ins_code 
_pdbx_poly_seq_scheme.hetero 
A 1 1   MET 1   1   ?   ?   ?   A . n 
A 1 2   ARG 2   2   ?   ?   ?   A . n 
A 1 3   ASN 3   3   ?   ?   ?   A . n 
A 1 4   GLN 4   4   4   GLN GLN A . n 
A 1 5   PHE 5   5   5   PHE PHE A . n 
A 1 6   ASP 6   6   6   ASP ASP A . n 
A 1 7   LEU 7   7   7   LEU LEU A . n 
A 1 8   GLU 8   8   8   GLU GLU A . n 
A 1 9   LEU 9   9   9   LEU LEU A . n 
A 1 10  HIS 10  10  10  HIS HIS A . n 
A 1 11  GLU 11  11  11  GLU GLU A . n 
A 1 12  LEU 12  12  12  LEU LEU A . n 
A 1 13  GLU 13  13  13  GLU GLU A . n 
A 1 14  GLN 14  14  14  GLN GLN A . n 
A 1 15  SER 15  15  15  SER SER A . n 
A 1 16  PHE 16  16  16  PHE PHE A . n 
A 1 17  LEU 17  17  17  LEU LEU A . n 
A 1 18  GLY 18  18  18  GLY GLY A . n 
A 1 19  LEU 19  19  19  LEU LEU A . n 
A 1 20  GLY 20  20  20  GLY GLY A . n 
A 1 21  GLN 21  21  21  GLN GLN A . n 
A 1 22  LEU 22  22  22  LEU LEU A . n 
A 1 23  VAL 23  23  23  VAL VAL A . n 
A 1 24  LEU 24  24  24  LEU LEU A . n 
A 1 25  GLU 25  25  25  GLU GLU A . n 
A 1 26  THR 26  26  26  THR THR A . n 
A 1 27  ALA 27  27  27  ALA ALA A . n 
A 1 28  SER 28  28  28  SER SER A . n 
A 1 29  LYS 29  29  29  LYS LYS A . n 
A 1 30  ALA 30  30  30  ALA ALA A . n 
A 1 31  LEU 31  31  31  LEU LEU A . n 
A 1 32  LEU 32  32  32  LEU LEU A . n 
A 1 33  ALA 33  33  33  ALA ALA A . n 
A 1 34  LEU 34  34  34  LEU LEU A . n 
A 1 35  ALA 35  35  35  ALA ALA A . n 
A 1 36  SER 36  36  36  SER SER A . n 
A 1 37  LYS 37  37  37  LYS LYS A . n 
A 1 38  ASP 38  38  38  ASP ASP A . n 
A 1 39  LYS 39  39  39  LYS LYS A . n 
A 1 40  GLU 40  40  40  GLU GLU A . n 
A 1 41  MET 41  41  41  MET MET A . n 
A 1 42  ALA 42  42  42  ALA ALA A . n 
A 1 43  GLU 43  43  43  GLU GLU A . n 
A 1 44  LEU 44  44  44  LEU LEU A . n 
A 1 45  ILE 45  45  45  ILE ILE A . n 
A 1 46  ILE 46  46  46  ILE ILE A . n 
A 1 47  ASN 47  47  47  ASN ASN A . n 
A 1 48  LYS 48  48  48  LYS LYS A . n 
A 1 49  ASP 49  49  49  ASP ASP A . n 
A 1 50  HIS 50  50  50  HIS HIS A . n 
A 1 51  ALA 51  51  51  ALA ALA A . n 
A 1 52  ILE 52  52  52  ILE ILE A . n 
A 1 53  ASN 53  53  53  ASN ASN A . n 
A 1 54  GLN 54  54  54  GLN GLN A . n 
A 1 55  GLY 55  55  55  GLY GLY A . n 
A 1 56  GLN 56  56  56  GLN GLN A . n 
A 1 57  SER 57  57  57  SER SER A . n 
A 1 58  ALA 58  58  58  ALA ALA A . n 
A 1 59  ILE 59  59  59  ILE ILE A . n 
A 1 60  GLU 60  60  60  GLU GLU A . n 
A 1 61  LEU 61  61  61  LEU LEU A . n 
A 1 62  THR 62  62  62  THR THR A . n 
A 1 63  CYS 63  63  63  CYS CYS A . n 
A 1 64  ALA 64  64  64  ALA ALA A . n 
A 1 65  ARG 65  65  65  ARG ARG A . n 
A 1 66  LEU 66  66  66  LEU LEU A . n 
A 1 67  LEU 67  67  67  LEU LEU A . n 
A 1 68  ALA 68  68  68  ALA LEU A . n 
A 1 69  LEU 69  69  69  LEU LEU A . n 
A 1 70  GLN 70  70  ?   ?   ?   A . n 
A 1 71  GLN 71  71  ?   ?   ?   A . n 
A 1 72  PRO 72  72  72  PRO PRO A . n 
A 1 73  GLN 73  73  73  GLN GLN A . n 
A 1 74  VAL 74  74  74  VAL VAL A . n 
A 1 75  SER 75  75  75  SER SER A . n 
A 1 76  ASP 76  76  76  ASP ASP A . n 
A 1 77  LEU 77  77  77  LEU LEU A . n 
A 1 78  ARG 78  78  78  ARG ARG A . n 
A 1 79  PHE 79  79  79  PHE PHE A . n 
A 1 80  VAL 80  80  80  VAL VAL A . n 
A 1 81  ILE 81  81  81  ILE ILE A . n 
A 1 82  SER 82  82  82  SER SER A . n 
A 1 83  ILE 83  83  83  ILE ILE A . n 
A 1 84  MET 84  84  84  MET MET A . n 
A 1 85  SER 85  85  85  SER SER A . n 
A 1 86  SER 86  86  86  SER SER A . n 
A 1 87  CYS 87  87  87  CYS CYS A . n 
A 1 88  SER 88  88  88  SER SER A . n 
A 1 89  ASP 89  89  89  ASP ASP A . n 
A 1 90  LEU 90  90  90  LEU LEU A . n 
A 1 91  GLU 91  91  91  GLU GLU A . n 
A 1 92  ARG 92  92  92  ARG ARG A . n 
A 1 93  MET 93  93  93  MET MET A . n 
A 1 94  GLY 94  94  94  GLY GLY A . n 
A 1 95  ASP 95  95  95  ASP ASP A . n 
A 1 96  HIS 96  96  96  HIS HIS A . n 
A 1 97  MET 97  97  97  MET MET A . n 
A 1 98  ALA 98  98  98  ALA ALA A . n 
A 1 99  GLY 99  99  99  GLY GLY A . n 
A 1 100 ILE 100 100 100 ILE ILE A . n 
A 1 101 ALA 101 101 101 ALA ALA A . n 
A 1 102 LYS 102 102 102 LYS LYS A . n 
A 1 103 ALA 103 103 103 ALA ALA A . n 
A 1 104 VAL 104 104 104 VAL VAL A . n 
A 1 105 LEU 105 105 105 LEU LEU A . n 
A 1 106 GLN 106 106 106 GLN GLN A . n 
A 1 107 LEU 107 107 107 LEU LEU A . n 
A 1 108 LYS 108 108 108 LYS LYS A . n 
A 1 109 GLU 109 109 109 GLU GLU A . n 
A 1 110 ASN 110 110 110 ASN ASN A . n 
A 1 111 GLN 111 111 111 GLN GLN A . n 
A 1 112 LEU 112 112 112 LEU LEU A . n 
A 1 113 ALA 113 113 113 ALA ALA A . n 
A 1 114 PRO 114 114 ?   ?   ?   A . n 
A 1 115 ASP 115 115 ?   ?   ?   A . n 
A 1 116 GLU 116 116 116 GLU GLU A . n 
A 1 117 GLU 117 117 117 GLU GLU A . n 
A 1 118 GLN 118 118 118 GLN GLN A . n 
A 1 119 LEU 119 119 119 LEU LEU A . n 
A 1 120 HIS 120 120 120 HIS HIS A . n 
A 1 121 GLN 121 121 121 GLN GLN A . n 
A 1 122 MET 122 122 122 MET MET A . n 
A 1 123 GLY 123 123 123 GLY GLY A . n 
A 1 124 LYS 124 124 124 LYS LYS A . n 
A 1 125 LEU 125 125 125 LEU LEU A . n 
A 1 126 SER 126 126 126 SER SER A . n 
A 1 127 LEU 127 127 127 LEU LEU A . n 
A 1 128 SER 128 128 128 SER SER A . n 
A 1 129 MET 129 129 129 MET MET A . n 
A 1 130 LEU 130 130 130 LEU LEU A . n 
A 1 131 ALA 131 131 131 ALA ALA A . n 
A 1 132 ASP 132 132 132 ASP ASP A . n 
A 1 133 LEU 133 133 133 LEU LEU A . n 
A 1 134 LEU 134 134 134 LEU LEU A . n 
A 1 135 VAL 135 135 135 VAL VAL A . n 
A 1 136 ALA 136 136 136 ALA ALA A . n 
A 1 137 PHE 137 137 137 PHE PHE A . n 
A 1 138 PRO 138 138 138 PRO PRO A . n 
A 1 139 LEU 139 139 139 LEU LEU A . n 
A 1 140 HIS 140 140 140 HIS HIS A . n 
A 1 141 GLN 141 141 141 GLN GLN A . n 
A 1 142 ALA 142 142 142 ALA ALA A . n 
A 1 143 SER 143 143 143 SER SER A . n 
A 1 144 LYS 144 144 144 LYS LYS A . n 
A 1 145 ALA 145 145 145 ALA ALA A . n 
A 1 146 ILE 146 146 146 ILE ILE A . n 
A 1 147 SER 147 147 147 SER SER A . n 
A 1 148 ILE 148 148 148 ILE ILE A . n 
A 1 149 ALA 149 149 149 ALA ALA A . n 
A 1 150 GLN 150 150 150 GLN GLN A . n 
A 1 151 LYS 151 151 151 LYS LYS A . n 
A 1 152 ASP 152 152 152 ASP ASP A . n 
A 1 153 GLU 153 153 153 GLU GLU A . n 
A 1 154 GLN 154 154 154 GLN GLN A . n 
A 1 155 ILE 155 155 155 ILE ILE A . n 
A 1 156 ASP 156 156 156 ASP ASP A . n 
A 1 157 GLN 157 157 157 GLN GLN A . n 
A 1 158 TYR 158 158 158 TYR TYR A . n 
A 1 159 TYR 159 159 159 TYR TYR A . n 
A 1 160 TYR 160 160 160 TYR TYR A . n 
A 1 161 ALA 161 161 161 ALA ALA A . n 
A 1 162 LEU 162 162 162 LEU LEU A . n 
A 1 163 SER 163 163 163 SER SER A . n 
A 1 164 LYS 164 164 164 LYS LYS A . n 
A 1 165 GLU 165 165 165 GLU GLU A . n 
A 1 166 ILE 166 166 166 ILE ILE A . n 
A 1 167 ILE 167 167 167 ILE ILE A . n 
A 1 168 GLY 168 168 168 GLY GLY A . n 
A 1 169 LEU 169 169 169 LEU LEU A . n 
A 1 170 MET 170 170 170 MET MET A . n 
A 1 171 LYS 171 171 171 LYS LYS A . n 
A 1 172 ASP 172 172 172 ASP ASP A . n 
A 1 173 GLN 173 173 173 GLN GLN A . n 
A 1 174 GLU 174 174 174 GLU GLU A . n 
A 1 175 THR 175 175 ?   ?   ?   A . n 
A 1 176 SER 176 176 176 SER SER A . n 
A 1 177 ILE 177 177 177 ILE ILE A . n 
A 1 178 PRO 178 178 178 PRO PRO A . n 
A 1 179 ASN 179 179 179 ASN ASN A . n 
A 1 180 GLY 180 180 180 GLY GLY A . n 
A 1 181 THR 181 181 181 THR THR A . n 
A 1 182 GLN 182 182 182 GLN GLN A . n 
A 1 183 TYR 183 183 183 TYR TYR A . n 
A 1 184 LEU 184 184 184 LEU LEU A . n 
A 1 185 TYR 185 185 185 TYR TYR A . n 
A 1 186 ILE 186 186 186 ILE ILE A . n 
A 1 187 ILE 187 187 187 ILE ILE A . n 
A 1 188 GLY 188 188 188 GLY GLY A . n 
A 1 189 HIS 189 189 189 HIS HIS A . n 
A 1 190 LEU 190 190 190 LEU LEU A . n 
A 1 191 GLU 191 191 191 GLU GLU A . n 
A 1 192 ARG 192 192 192 ARG ARG A . n 
A 1 193 PHE 193 193 193 PHE PHE A . n 
A 1 194 ALA 194 194 194 ALA ALA A . n 
A 1 195 ASP 195 195 195 ASP ASP A . n 
A 1 196 TYR 196 196 196 TYR TYR A . n 
A 1 197 ILE 197 197 197 ILE ILE A . n 
A 1 198 ALA 198 198 198 ALA ALA A . n 
A 1 199 ASN 199 199 199 ASN ASN A . n 
A 1 200 ILE 200 200 200 ILE ILE A . n 
A 1 201 CYS 201 201 201 CYS CYS A . n 
A 1 202 GLU 202 202 202 GLU GLU A . n 
A 1 203 ARG 203 203 203 ARG ARG A . n 
A 1 204 LEU 204 204 204 LEU LEU A . n 
A 1 205 VAL 205 205 205 VAL VAL A . n 
A 1 206 TYR 206 206 206 TYR TYR A . n 
A 1 207 LEU 207 207 207 LEU LEU A . n 
A 1 208 GLU 208 208 208 GLU GLU A . n 
A 1 209 THR 209 209 209 THR THR A . n 
A 1 210 GLY 210 210 210 GLY GLY A . n 
A 1 211 GLU 211 211 211 GLU GLU A . n 
A 1 212 LEU 212 212 212 LEU LEU A . n 
A 1 213 VAL 213 213 213 VAL VAL A . n 
A 1 214 ASP 214 214 214 ASP ASP A . n 
A 1 215 LEU 215 215 215 LEU LEU A . n 
A 1 216 ASN 216 216 ?   ?   ?   A . n 
# 
loop_
_pdbx_nonpoly_scheme.asym_id 
_pdbx_nonpoly_scheme.entity_id 
_pdbx_nonpoly_scheme.mon_id 
_pdbx_nonpoly_scheme.ndb_seq_num 
_pdbx_nonpoly_scheme.pdb_seq_num 
_pdbx_nonpoly_scheme.auth_seq_num 
_pdbx_nonpoly_scheme.pdb_mon_id 
_pdbx_nonpoly_scheme.auth_mon_id 
_pdbx_nonpoly_scheme.pdb_strand_id 
_pdbx_nonpoly_scheme.pdb_ins_code 
B 2 ZN  1  217 1  ZN  ZN  A . 
C 2 ZN  1  218 2  ZN  ZN  A . 
D 2 ZN  1  219 3  ZN  ZN  A . 
E 3 HOH 1  220 2  HOH HOH A . 
E 3 HOH 2  221 3  HOH HOH A . 
E 3 HOH 3  222 4  HOH HOH A . 
E 3 HOH 4  223 5  HOH HOH A . 
E 3 HOH 5  224 6  HOH HOH A . 
E 3 HOH 6  225 7  HOH HOH A . 
E 3 HOH 7  226 8  HOH HOH A . 
E 3 HOH 8  227 9  HOH HOH A . 
E 3 HOH 9  228 10 HOH HOH A . 
E 3 HOH 10 229 11 HOH HOH A . 
E 3 HOH 11 230 12 HOH HOH A . 
E 3 HOH 12 231 13 HOH HOH A . 
E 3 HOH 13 232 14 HOH HOH A . 
E 3 HOH 14 233 15 HOH HOH A . 
E 3 HOH 15 234 16 HOH HOH A . 
E 3 HOH 16 235 17 HOH HOH A . 
E 3 HOH 17 236 18 HOH HOH A . 
E 3 HOH 18 237 19 HOH HOH A . 
E 3 HOH 19 238 20 HOH HOH A . 
E 3 HOH 20 239 21 HOH HOH A . 
E 3 HOH 21 240 22 HOH HOH A . 
E 3 HOH 22 241 23 HOH HOH A . 
E 3 HOH 23 242 24 HOH HOH A . 
E 3 HOH 24 243 25 HOH HOH A . 
# 
loop_
_software.name 
_software.classification 
_software.version 
_software.citation_id 
_software.pdbx_ordinal 
REFMAC      refinement        5.2.0019 ? 1 
SBC-Collect 'data collection' .        ? 2 
HKL-2000    'data reduction'  .        ? 3 
HKL-2000    'data scaling'    .        ? 4 
HKL-3000    phasing           .        ? 5 
SHELXE      'model building'  .        ? 6 
SOLVE       phasing           .        ? 7 
RESOLVE     phasing           .        ? 8 
ARP/wARP    'model building'  .        ? 9 
# 
_cell.entry_id           2I0M 
_cell.length_a           72.547 
_cell.length_b           88.965 
_cell.length_c           75.790 
_cell.angle_alpha        90.00 
_cell.angle_beta         90.00 
_cell.angle_gamma        90.00 
_cell.Z_PDB              8 
_cell.pdbx_unique_axis   ? 
_cell.length_a_esd       ? 
_cell.length_b_esd       ? 
_cell.length_c_esd       ? 
_cell.angle_alpha_esd    ? 
_cell.angle_beta_esd     ? 
_cell.angle_gamma_esd    ? 
# 
_symmetry.entry_id                         2I0M 
_symmetry.space_group_name_H-M             'C 2 2 21' 
_symmetry.pdbx_full_space_group_name_H-M   ? 
_symmetry.cell_setting                     ? 
_symmetry.Int_Tables_number                20 
_symmetry.space_group_name_Hall            ? 
# 
_exptl.entry_id          2I0M 
_exptl.method            'X-RAY DIFFRACTION' 
_exptl.crystals_number   1 
# 
_exptl_crystal.id                    1 
_exptl_crystal.density_meas          ? 
_exptl_crystal.density_Matthews      2.52 
_exptl_crystal.density_percent_sol   51.28 
_exptl_crystal.description           ? 
_exptl_crystal.F_000                 ? 
_exptl_crystal.preparation           ? 
# 
_exptl_crystal_grow.crystal_id      1 
_exptl_crystal_grow.method          'VAPOR DIFFUSION, SITTING DROP' 
_exptl_crystal_grow.temp            298 
_exptl_crystal_grow.temp_details    ? 
_exptl_crystal_grow.pH              6.5 
_exptl_crystal_grow.pdbx_details    
'0.01M Zinc Sulfate, 0.1M MES, 25% W/V PEG MME550, pH 6.5, VAPOR DIFFUSION, SITTING DROP, temperature 298K' 
_exptl_crystal_grow.pdbx_pH_range   . 
# 
_diffrn.id                     1 
_diffrn.ambient_temp           100 
_diffrn.ambient_temp_details   ? 
_diffrn.crystal_id             1 
# 
_diffrn_detector.diffrn_id              1 
_diffrn_detector.detector               CCD 
_diffrn_detector.type                   'ADSC QUANTUM 315' 
_diffrn_detector.pdbx_collection_date   2006-08-08 
_diffrn_detector.details                mirrors 
# 
_diffrn_radiation.diffrn_id                        1 
_diffrn_radiation.wavelength_id                    1 
_diffrn_radiation.pdbx_monochromatic_or_laue_m_l   M 
_diffrn_radiation.monochromator                    'Si 111 channel' 
_diffrn_radiation.pdbx_diffrn_protocol             'SINGLE WAVELENGTH' 
_diffrn_radiation.pdbx_scattering_type             x-ray 
# 
_diffrn_radiation_wavelength.id           1 
_diffrn_radiation_wavelength.wavelength   0.97980 
_diffrn_radiation_wavelength.wt           1.0 
# 
_diffrn_source.diffrn_id                   1 
_diffrn_source.source                      SYNCHROTRON 
_diffrn_source.type                        'APS BEAMLINE 19-BM' 
_diffrn_source.pdbx_synchrotron_site       APS 
_diffrn_source.pdbx_synchrotron_beamline   19-BM 
_diffrn_source.pdbx_wavelength             ? 
_diffrn_source.pdbx_wavelength_list        0.97980 
# 
_reflns.entry_id                     2I0M 
_reflns.observed_criterion_sigma_F   ? 
_reflns.observed_criterion_sigma_I   2.0 
_reflns.d_resolution_high            2.40 
_reflns.d_resolution_low             56.25 
_reflns.number_all                   9422 
_reflns.number_obs                   9296 
_reflns.percent_possible_obs         98.66 
_reflns.pdbx_Rmerge_I_obs            0.1 
_reflns.pdbx_Rsym_value              ? 
_reflns.pdbx_netI_over_sigmaI        17.76 
_reflns.B_iso_Wilson_estimate        45 
_reflns.pdbx_redundancy              8.8 
_reflns.R_free_details               ? 
_reflns.limit_h_max                  ? 
_reflns.limit_h_min                  ? 
_reflns.limit_k_max                  ? 
_reflns.limit_k_min                  ? 
_reflns.limit_l_max                  ? 
_reflns.limit_l_min                  ? 
_reflns.observed_criterion_F_max     ? 
_reflns.observed_criterion_F_min     ? 
_reflns.pdbx_chi_squared             ? 
_reflns.pdbx_scaling_rejects         ? 
_reflns.pdbx_ordinal                 1 
_reflns.pdbx_diffrn_id               1 
# 
_reflns_shell.d_res_high             2.40 
_reflns_shell.d_res_low              2.46 
_reflns_shell.percent_possible_all   99.15 
_reflns_shell.Rmerge_I_obs           0.47 
_reflns_shell.pdbx_Rsym_value        ? 
_reflns_shell.meanI_over_sigI_obs    2.97 
_reflns_shell.pdbx_redundancy        8.5 
_reflns_shell.percent_possible_obs   ? 
_reflns_shell.number_unique_all      704 
_reflns_shell.number_measured_all    ? 
_reflns_shell.number_measured_obs    ? 
_reflns_shell.number_unique_obs      ? 
_reflns_shell.pdbx_chi_squared       ? 
_reflns_shell.pdbx_ordinal           1 
_reflns_shell.pdbx_diffrn_id         1 
# 
_refine.entry_id                                 2I0M 
_refine.ls_number_reflns_obs                     9296 
_refine.ls_number_reflns_all                     9296 
_refine.pdbx_ls_sigma_I                          0 
_refine.pdbx_ls_sigma_F                          0 
_refine.pdbx_data_cutoff_high_absF               ? 
_refine.pdbx_data_cutoff_low_absF                ? 
_refine.pdbx_data_cutoff_high_rms_absF           ? 
_refine.ls_d_res_low                             32.72 
_refine.ls_d_res_high                            2.40 
_refine.ls_percent_reflns_obs                    98.66 
_refine.ls_R_factor_obs                          0.23746 
_refine.ls_R_factor_all                          0.23746 
_refine.ls_R_factor_R_work                       0.23493 
_refine.ls_R_factor_R_free                       0.28624 
_refine.ls_R_factor_R_free_error                 ? 
_refine.ls_R_factor_R_free_error_details         ? 
_refine.ls_percent_reflns_R_free                 4.8 
_refine.ls_number_reflns_R_free                  465 
_refine.ls_number_parameters                     ? 
_refine.ls_number_restraints                     ? 
_refine.occupancy_min                            ? 
_refine.occupancy_max                            ? 
_refine.correlation_coeff_Fo_to_Fc               0.919 
_refine.correlation_coeff_Fo_to_Fc_free          0.884 
_refine.B_iso_mean                               46.108 
_refine.aniso_B[1][1]                            -0.28 
_refine.aniso_B[2][2]                            -0.46 
_refine.aniso_B[3][3]                            0.74 
_refine.aniso_B[1][2]                            0.00 
_refine.aniso_B[1][3]                            0.00 
_refine.aniso_B[2][3]                            0.00 
_refine.solvent_model_details                    MASK 
_refine.solvent_model_param_ksol                 ? 
_refine.solvent_model_param_bsol                 ? 
_refine.pdbx_solvent_vdw_probe_radii             1.20 
_refine.pdbx_solvent_ion_probe_radii             0.80 
_refine.pdbx_solvent_shrinkage_radii             0.80 
_refine.pdbx_ls_cross_valid_method               THROUGHOUT 
_refine.details                                  'HYDROGENS HAVE BEEN ADDED IN THE RIDING POSITIONS' 
_refine.pdbx_starting_model                      ? 
_refine.pdbx_method_to_determine_struct          SAD 
_refine.pdbx_isotropic_thermal_model             ? 
_refine.pdbx_stereochemistry_target_values       'MAXIMUM LIKELIHOOD WITH PHASES' 
_refine.pdbx_stereochem_target_val_spec_case     ? 
_refine.pdbx_R_Free_selection_details            RANDOM 
_refine.pdbx_overall_ESU_R                       0.453 
_refine.pdbx_overall_ESU_R_Free                  0.296 
_refine.overall_SU_ML                            0.223 
_refine.overall_SU_B                             18.439 
_refine.ls_redundancy_reflns_obs                 ? 
_refine.B_iso_min                                ? 
_refine.B_iso_max                                ? 
_refine.overall_SU_R_Cruickshank_DPI             ? 
_refine.overall_SU_R_free                        ? 
_refine.ls_wR_factor_R_free                      ? 
_refine.ls_wR_factor_R_work                      ? 
_refine.overall_FOM_free_R_set                   ? 
_refine.overall_FOM_work_R_set                   ? 
_refine.pdbx_refine_id                           'X-RAY DIFFRACTION' 
_refine.pdbx_TLS_residual_ADP_flag               'LIKELY RESIDUAL' 
_refine.pdbx_overall_phase_error                 ? 
_refine.pdbx_diffrn_id                           1 
_refine.pdbx_overall_SU_R_free_Cruickshank_DPI   ? 
_refine.pdbx_overall_SU_R_Blow_DPI               ? 
_refine.pdbx_overall_SU_R_free_Blow_DPI          ? 
# 
_refine_analyze.entry_id                        2I0M 
_refine_analyze.Luzzati_coordinate_error_obs    0.035 
_refine_analyze.Luzzati_sigma_a_obs             0.34 
_refine_analyze.Luzzati_d_res_low_obs           6.0 
_refine_analyze.Luzzati_coordinate_error_free   0.040 
_refine_analyze.Luzzati_sigma_a_free            0.5 
_refine_analyze.Luzzati_d_res_low_free          ? 
_refine_analyze.number_disordered_residues      ? 
_refine_analyze.occupancy_sum_non_hydrogen      ? 
_refine_analyze.occupancy_sum_hydrogen          ? 
_refine_analyze.pdbx_Luzzati_d_res_high_obs     ? 
_refine_analyze.pdbx_refine_id                  'X-RAY DIFFRACTION' 
# 
_refine_hist.pdbx_refine_id                   'X-RAY DIFFRACTION' 
_refine_hist.cycle_id                         LAST 
_refine_hist.pdbx_number_atoms_protein        1618 
_refine_hist.pdbx_number_atoms_nucleic_acid   0 
_refine_hist.pdbx_number_atoms_ligand         3 
_refine_hist.number_atoms_solvent             24 
_refine_hist.number_atoms_total               1645 
_refine_hist.d_res_high                       2.40 
_refine_hist.d_res_low                        32.72 
# 
loop_
_refine_ls_restr.type 
_refine_ls_restr.dev_ideal 
_refine_ls_restr.dev_ideal_target 
_refine_ls_restr.weight 
_refine_ls_restr.number 
_refine_ls_restr.pdbx_refine_id 
_refine_ls_restr.pdbx_restraint_function 
r_bond_refined_d             0.012  0.022  ? 1646 'X-RAY DIFFRACTION' ? 
r_angle_refined_deg          1.444  1.989  ? 2215 'X-RAY DIFFRACTION' ? 
r_dihedral_angle_1_deg       6.136  5.000  ? 205  'X-RAY DIFFRACTION' ? 
r_dihedral_angle_2_deg       41.937 26.216 ? 74   'X-RAY DIFFRACTION' ? 
r_dihedral_angle_3_deg       19.758 15.000 ? 319  'X-RAY DIFFRACTION' ? 
r_dihedral_angle_4_deg       6.170  15.000 ? 5    'X-RAY DIFFRACTION' ? 
r_chiral_restr               0.118  0.200  ? 263  'X-RAY DIFFRACTION' ? 
r_gen_planes_refined         0.004  0.020  ? 1184 'X-RAY DIFFRACTION' ? 
r_nbd_refined                0.222  0.200  ? 852  'X-RAY DIFFRACTION' ? 
r_nbtor_refined              0.295  0.200  ? 1148 'X-RAY DIFFRACTION' ? 
r_xyhbond_nbd_refined        0.159  0.200  ? 46   'X-RAY DIFFRACTION' ? 
r_metal_ion_refined          0.032  0.200  ? 1    'X-RAY DIFFRACTION' ? 
r_symmetry_vdw_refined       0.235  0.200  ? 42   'X-RAY DIFFRACTION' ? 
r_symmetry_hbond_refined     0.377  0.200  ? 12   'X-RAY DIFFRACTION' ? 
r_symmetry_metal_ion_refined 0.038  0.200  ? 1    'X-RAY DIFFRACTION' ? 
r_mcbond_it                  0.617  1.500  ? 1074 'X-RAY DIFFRACTION' ? 
r_mcangle_it                 0.975  2.000  ? 1642 'X-RAY DIFFRACTION' ? 
r_scbond_it                  1.664  3.000  ? 647  'X-RAY DIFFRACTION' ? 
r_scangle_it                 2.519  4.500  ? 573  'X-RAY DIFFRACTION' ? 
# 
_refine_ls_shell.pdbx_total_number_of_bins_used   20 
_refine_ls_shell.d_res_high                       2.40 
_refine_ls_shell.d_res_low                        2.46 
_refine_ls_shell.number_reflns_R_work             659 
_refine_ls_shell.R_factor_R_work                  0.239 
_refine_ls_shell.percent_reflns_obs               99.15 
_refine_ls_shell.R_factor_R_free                  0.296 
_refine_ls_shell.R_factor_R_free_error            ? 
_refine_ls_shell.percent_reflns_R_free            ? 
_refine_ls_shell.number_reflns_R_free             39 
_refine_ls_shell.number_reflns_all                ? 
_refine_ls_shell.R_factor_all                     ? 
_refine_ls_shell.number_reflns_obs                698 
_refine_ls_shell.redundancy_reflns_obs            ? 
_refine_ls_shell.pdbx_refine_id                   'X-RAY DIFFRACTION' 
# 
_struct.entry_id                  2I0M 
_struct.title                     
'Crystal structure of the phosphate transport system regulatory protein PhoU from Streptococcus pneumoniae' 
_struct.pdbx_model_details        ? 
_struct.pdbx_CASP_flag            ? 
_struct.pdbx_model_type_details   ? 
# 
_struct_keywords.entry_id        2I0M 
_struct_keywords.pdbx_keywords   'STRUCTURAL GENOMICS, UNKNOWN FUNCTION' 
_struct_keywords.text            
;PhoU, Zinc-binding protein, Structural Genomics, PSI-2, Protein Structure Initiative, Midwest Center for Structural Genomics, MCSG, UNKNOWN FUNCTION
;
# 
loop_
_struct_asym.id 
_struct_asym.pdbx_blank_PDB_chainid_flag 
_struct_asym.pdbx_modified 
_struct_asym.entity_id 
_struct_asym.details 
A N N 1 ? 
B N N 2 ? 
C N N 2 ? 
D N N 2 ? 
E N N 3 ? 
# 
_struct_ref.id                         1 
_struct_ref.db_name                    UNP 
_struct_ref.db_code                    PHOU_STRPN 
_struct_ref.pdbx_db_accession          P0A3Y7 
_struct_ref.entity_id                  1 
_struct_ref.pdbx_seq_one_letter_code   
;MRNQFDLELHELEQSFLGLGQLVLETASKALLALASKDKEMAELIINKDHAINQGQSAIELTCARLLALQQPQVSDLRFV
ISIMSSCSDLERMGDHMAGIAKAVLQLKENQLAPDEEQLHQMGKLSLSMLADLLVAFPLHQASKAISIAQKDEQIDQYYY
ALSKEIIGLMKDQETSIPNGTQYLYIIGHLERFADYIANICERLVYLETGELVDLN
;
_struct_ref.pdbx_align_begin           1 
_struct_ref.pdbx_db_isoform            ? 
# 
_struct_ref_seq.align_id                      1 
_struct_ref_seq.ref_id                        1 
_struct_ref_seq.pdbx_PDB_id_code              2I0M 
_struct_ref_seq.pdbx_strand_id                A 
_struct_ref_seq.seq_align_beg                 1 
_struct_ref_seq.pdbx_seq_align_beg_ins_code   ? 
_struct_ref_seq.seq_align_end                 216 
_struct_ref_seq.pdbx_seq_align_end_ins_code   ? 
_struct_ref_seq.pdbx_db_accession             P0A3Y7 
_struct_ref_seq.db_align_beg                  1 
_struct_ref_seq.pdbx_db_align_beg_ins_code    ? 
_struct_ref_seq.db_align_end                  216 
_struct_ref_seq.pdbx_db_align_end_ins_code    ? 
_struct_ref_seq.pdbx_auth_seq_align_beg       1 
_struct_ref_seq.pdbx_auth_seq_align_end       216 
# 
loop_
_pdbx_struct_assembly.id 
_pdbx_struct_assembly.details 
_pdbx_struct_assembly.method_details 
_pdbx_struct_assembly.oligomeric_details 
_pdbx_struct_assembly.oligomeric_count 
1 software_defined_assembly PISA dimeric   2 
2 software_defined_assembly PQS  monomeric 1 
# 
loop_
_pdbx_struct_assembly_prop.biol_id 
_pdbx_struct_assembly_prop.type 
_pdbx_struct_assembly_prop.value 
_pdbx_struct_assembly_prop.details 
1 'ABSA (A^2)' 3720  ? 
1 MORE         -214  ? 
1 'SSA (A^2)'  17890 ? 
# 
loop_
_pdbx_struct_assembly_gen.assembly_id 
_pdbx_struct_assembly_gen.oper_expression 
_pdbx_struct_assembly_gen.asym_id_list 
1 1,2 A,B,C,D,E 
2 1   A,B,C,D,E 
# 
loop_
_pdbx_struct_oper_list.id 
_pdbx_struct_oper_list.type 
_pdbx_struct_oper_list.name 
_pdbx_struct_oper_list.symmetry_operation 
_pdbx_struct_oper_list.matrix[1][1] 
_pdbx_struct_oper_list.matrix[1][2] 
_pdbx_struct_oper_list.matrix[1][3] 
_pdbx_struct_oper_list.vector[1] 
_pdbx_struct_oper_list.matrix[2][1] 
_pdbx_struct_oper_list.matrix[2][2] 
_pdbx_struct_oper_list.matrix[2][3] 
_pdbx_struct_oper_list.vector[2] 
_pdbx_struct_oper_list.matrix[3][1] 
_pdbx_struct_oper_list.matrix[3][2] 
_pdbx_struct_oper_list.matrix[3][3] 
_pdbx_struct_oper_list.vector[3] 
1 'identity operation'         1_555 x,y,z       1.0000000000  0.0000000000 0.0000000000  0.0000000000   0.0000000000 1.0000000000 0.0000000000  0.0000000000  0.0000000000  0.0000000000  1.0000000000  0.0000000000   
2 'crystal symmetry operation' 4_566 x,-y+1,-z+1 -0.9981273336 0.0609541828 -0.0051394111 -15.6160206124 0.0609541828 0.9840225545 -0.1672847867 -0.6107071189 -0.0051394111 -0.1672847867 -0.9858952209 -12.9331454266 
# 
_struct_biol.id        1 
_struct_biol.details   ? 
# 
loop_
_struct_conf.conf_type_id 
_struct_conf.id 
_struct_conf.pdbx_PDB_helix_id 
_struct_conf.beg_label_comp_id 
_struct_conf.beg_label_asym_id 
_struct_conf.beg_label_seq_id 
_struct_conf.pdbx_beg_PDB_ins_code 
_struct_conf.end_label_comp_id 
_struct_conf.end_label_asym_id 
_struct_conf.end_label_seq_id 
_struct_conf.pdbx_end_PDB_ins_code 
_struct_conf.beg_auth_comp_id 
_struct_conf.beg_auth_asym_id 
_struct_conf.beg_auth_seq_id 
_struct_conf.end_auth_comp_id 
_struct_conf.end_auth_asym_id 
_struct_conf.end_auth_seq_id 
_struct_conf.pdbx_PDB_helix_class 
_struct_conf.details 
_struct_conf.pdbx_PDB_helix_length 
HELX_P HELX_P1 1 GLN A 4   ? SER A 36  ? GLN A 4   SER A 36  1 ? 33 
HELX_P HELX_P2 2 ASP A 38  ? LEU A 67  ? ASP A 38  LEU A 67  1 ? 30 
HELX_P HELX_P3 3 GLN A 73  ? GLN A 106 ? GLN A 73  GLN A 106 1 ? 34 
HELX_P HELX_P4 4 GLU A 116 ? PHE A 137 ? GLU A 116 PHE A 137 1 ? 22 
HELX_P HELX_P5 5 PRO A 138 ? HIS A 140 ? PRO A 138 HIS A 140 5 ? 3  
HELX_P HELX_P6 6 GLN A 141 ? LYS A 151 ? GLN A 141 LYS A 151 1 ? 11 
HELX_P HELX_P7 7 LYS A 151 ? LEU A 169 ? LYS A 151 LEU A 169 1 ? 19 
HELX_P HELX_P8 8 SER A 176 ? GLY A 210 ? SER A 176 GLY A 210 1 ? 35 
# 
_struct_conf_type.id          HELX_P 
_struct_conf_type.criteria    ? 
_struct_conf_type.reference   ? 
# 
loop_
_struct_conn.id 
_struct_conn.conn_type_id 
_struct_conn.pdbx_leaving_atom_flag 
_struct_conn.pdbx_PDB_id 
_struct_conn.ptnr1_label_asym_id 
_struct_conn.ptnr1_label_comp_id 
_struct_conn.ptnr1_label_seq_id 
_struct_conn.ptnr1_label_atom_id 
_struct_conn.pdbx_ptnr1_label_alt_id 
_struct_conn.pdbx_ptnr1_PDB_ins_code 
_struct_conn.pdbx_ptnr1_standard_comp_id 
_struct_conn.ptnr1_symmetry 
_struct_conn.ptnr2_label_asym_id 
_struct_conn.ptnr2_label_comp_id 
_struct_conn.ptnr2_label_seq_id 
_struct_conn.ptnr2_label_atom_id 
_struct_conn.pdbx_ptnr2_label_alt_id 
_struct_conn.pdbx_ptnr2_PDB_ins_code 
_struct_conn.ptnr1_auth_asym_id 
_struct_conn.ptnr1_auth_comp_id 
_struct_conn.ptnr1_auth_seq_id 
_struct_conn.ptnr2_auth_asym_id 
_struct_conn.ptnr2_auth_comp_id 
_struct_conn.ptnr2_auth_seq_id 
_struct_conn.ptnr2_symmetry 
_struct_conn.pdbx_ptnr3_label_atom_id 
_struct_conn.pdbx_ptnr3_label_seq_id 
_struct_conn.pdbx_ptnr3_label_comp_id 
_struct_conn.pdbx_ptnr3_label_asym_id 
_struct_conn.pdbx_ptnr3_label_alt_id 
_struct_conn.pdbx_ptnr3_PDB_ins_code 
_struct_conn.details 
_struct_conn.pdbx_dist_value 
_struct_conn.pdbx_value_order 
_struct_conn.pdbx_role 
metalc1  metalc ? ? A HIS 10  NE2 ? ? ? 1_555 C ZN . ZN ? ? A HIS 10  A ZN 218 1_555 ? ? ? ? ? ? ? 2.178 ? ? 
metalc2  metalc ? ? A GLU 91  OE2 ? ? ? 1_555 D ZN . ZN ? ? A GLU 91  A ZN 219 1_555 ? ? ? ? ? ? ? 2.279 ? ? 
metalc3  metalc ? ? A GLU 91  OE1 ? ? ? 1_555 D ZN . ZN ? ? A GLU 91  A ZN 219 1_555 ? ? ? ? ? ? ? 2.586 ? ? 
metalc4  metalc ? ? A ASP 95  OD2 ? ? ? 1_555 D ZN . ZN ? ? A ASP 95  A ZN 219 1_555 ? ? ? ? ? ? ? 2.023 ? ? 
metalc5  metalc ? ? A GLU 117 OE1 ? ? ? 8_456 C ZN . ZN ? ? A GLU 117 A ZN 218 1_555 ? ? ? ? ? ? ? 1.984 ? ? 
metalc6  metalc ? ? A HIS 120 ND1 ? ? ? 8_456 C ZN . ZN ? ? A HIS 120 A ZN 218 1_555 ? ? ? ? ? ? ? 2.090 ? ? 
metalc7  metalc ? ? A ASP 152 OD2 ? ? ? 1_555 B ZN . ZN ? ? A ASP 152 A ZN 217 1_555 ? ? ? ? ? ? ? 2.737 ? ? 
metalc8  metalc ? ? A ASP 156 OD2 ? ? ? 1_555 B ZN . ZN ? ? A ASP 156 A ZN 217 1_555 ? ? ? ? ? ? ? 2.209 ? ? 
metalc9  metalc ? ? A GLU 191 OE2 ? ? ? 1_555 B ZN . ZN ? ? A GLU 191 A ZN 217 1_555 ? ? ? ? ? ? ? 1.988 ? ? 
metalc10 metalc ? ? A ASP 195 OD1 ? ? ? 1_555 B ZN . ZN ? ? A ASP 195 A ZN 217 1_555 ? ? ? ? ? ? ? 2.523 ? ? 
metalc11 metalc ? ? A ASP 214 OD1 ? ? ? 4_566 D ZN . ZN ? ? A ASP 214 A ZN 219 1_555 ? ? ? ? ? ? ? 2.025 ? ? 
# 
_struct_conn_type.id          metalc 
_struct_conn_type.criteria    ? 
_struct_conn_type.reference   ? 
# 
loop_
_pdbx_struct_conn_angle.id 
_pdbx_struct_conn_angle.ptnr1_label_atom_id 
_pdbx_struct_conn_angle.ptnr1_label_alt_id 
_pdbx_struct_conn_angle.ptnr1_label_asym_id 
_pdbx_struct_conn_angle.ptnr1_label_comp_id 
_pdbx_struct_conn_angle.ptnr1_label_seq_id 
_pdbx_struct_conn_angle.ptnr1_auth_atom_id 
_pdbx_struct_conn_angle.ptnr1_auth_asym_id 
_pdbx_struct_conn_angle.ptnr1_auth_comp_id 
_pdbx_struct_conn_angle.ptnr1_auth_seq_id 
_pdbx_struct_conn_angle.ptnr1_PDB_ins_code 
_pdbx_struct_conn_angle.ptnr1_symmetry 
_pdbx_struct_conn_angle.ptnr2_label_atom_id 
_pdbx_struct_conn_angle.ptnr2_label_alt_id 
_pdbx_struct_conn_angle.ptnr2_label_asym_id 
_pdbx_struct_conn_angle.ptnr2_label_comp_id 
_pdbx_struct_conn_angle.ptnr2_label_seq_id 
_pdbx_struct_conn_angle.ptnr2_auth_atom_id 
_pdbx_struct_conn_angle.ptnr2_auth_asym_id 
_pdbx_struct_conn_angle.ptnr2_auth_comp_id 
_pdbx_struct_conn_angle.ptnr2_auth_seq_id 
_pdbx_struct_conn_angle.ptnr2_PDB_ins_code 
_pdbx_struct_conn_angle.ptnr2_symmetry 
_pdbx_struct_conn_angle.ptnr3_label_atom_id 
_pdbx_struct_conn_angle.ptnr3_label_alt_id 
_pdbx_struct_conn_angle.ptnr3_label_asym_id 
_pdbx_struct_conn_angle.ptnr3_label_comp_id 
_pdbx_struct_conn_angle.ptnr3_label_seq_id 
_pdbx_struct_conn_angle.ptnr3_auth_atom_id 
_pdbx_struct_conn_angle.ptnr3_auth_asym_id 
_pdbx_struct_conn_angle.ptnr3_auth_comp_id 
_pdbx_struct_conn_angle.ptnr3_auth_seq_id 
_pdbx_struct_conn_angle.ptnr3_PDB_ins_code 
_pdbx_struct_conn_angle.ptnr3_symmetry 
_pdbx_struct_conn_angle.value 
_pdbx_struct_conn_angle.value_esd 
1  NE2 ? A HIS 10  ? A HIS 10  ? 1_555 ZN ? C ZN . ? A ZN 218 ? 1_555 OE1 ? A GLU 117 ? A GLU 117 ? 8_456 113.6 ? 
2  NE2 ? A HIS 10  ? A HIS 10  ? 1_555 ZN ? C ZN . ? A ZN 218 ? 1_555 ND1 ? A HIS 120 ? A HIS 120 ? 8_456 106.0 ? 
3  OE1 ? A GLU 117 ? A GLU 117 ? 8_456 ZN ? C ZN . ? A ZN 218 ? 1_555 ND1 ? A HIS 120 ? A HIS 120 ? 8_456 100.1 ? 
4  OE2 ? A GLU 91  ? A GLU 91  ? 1_555 ZN ? D ZN . ? A ZN 219 ? 1_555 OE1 ? A GLU 91  ? A GLU 91  ? 1_555 53.6  ? 
5  OE2 ? A GLU 91  ? A GLU 91  ? 1_555 ZN ? D ZN . ? A ZN 219 ? 1_555 OD2 ? A ASP 95  ? A ASP 95  ? 1_555 95.6  ? 
6  OE1 ? A GLU 91  ? A GLU 91  ? 1_555 ZN ? D ZN . ? A ZN 219 ? 1_555 OD2 ? A ASP 95  ? A ASP 95  ? 1_555 85.0  ? 
7  OE2 ? A GLU 91  ? A GLU 91  ? 1_555 ZN ? D ZN . ? A ZN 219 ? 1_555 OD1 ? A ASP 214 ? A ASP 214 ? 4_566 94.8  ? 
8  OE1 ? A GLU 91  ? A GLU 91  ? 1_555 ZN ? D ZN . ? A ZN 219 ? 1_555 OD1 ? A ASP 214 ? A ASP 214 ? 4_566 147.5 ? 
9  OD2 ? A ASP 95  ? A ASP 95  ? 1_555 ZN ? D ZN . ? A ZN 219 ? 1_555 OD1 ? A ASP 214 ? A ASP 214 ? 4_566 91.6  ? 
10 OD2 ? A ASP 152 ? A ASP 152 ? 1_555 ZN ? B ZN . ? A ZN 217 ? 1_555 OD2 ? A ASP 156 ? A ASP 156 ? 1_555 110.2 ? 
11 OD2 ? A ASP 152 ? A ASP 152 ? 1_555 ZN ? B ZN . ? A ZN 217 ? 1_555 OE2 ? A GLU 191 ? A GLU 191 ? 1_555 165.4 ? 
12 OD2 ? A ASP 156 ? A ASP 156 ? 1_555 ZN ? B ZN . ? A ZN 217 ? 1_555 OE2 ? A GLU 191 ? A GLU 191 ? 1_555 83.3  ? 
13 OD2 ? A ASP 152 ? A ASP 152 ? 1_555 ZN ? B ZN . ? A ZN 217 ? 1_555 OD1 ? A ASP 195 ? A ASP 195 ? 1_555 64.9  ? 
14 OD2 ? A ASP 156 ? A ASP 156 ? 1_555 ZN ? B ZN . ? A ZN 217 ? 1_555 OD1 ? A ASP 195 ? A ASP 195 ? 1_555 162.1 ? 
15 OE2 ? A GLU 191 ? A GLU 191 ? 1_555 ZN ? B ZN . ? A ZN 217 ? 1_555 OD1 ? A ASP 195 ? A ASP 195 ? 1_555 100.6 ? 
# 
loop_
_struct_mon_prot_cis.pdbx_id 
_struct_mon_prot_cis.label_comp_id 
_struct_mon_prot_cis.label_seq_id 
_struct_mon_prot_cis.label_asym_id 
_struct_mon_prot_cis.label_alt_id 
_struct_mon_prot_cis.pdbx_PDB_ins_code 
_struct_mon_prot_cis.auth_comp_id 
_struct_mon_prot_cis.auth_seq_id 
_struct_mon_prot_cis.auth_asym_id 
_struct_mon_prot_cis.pdbx_label_comp_id_2 
_struct_mon_prot_cis.pdbx_label_seq_id_2 
_struct_mon_prot_cis.pdbx_label_asym_id_2 
_struct_mon_prot_cis.pdbx_PDB_ins_code_2 
_struct_mon_prot_cis.pdbx_auth_comp_id_2 
_struct_mon_prot_cis.pdbx_auth_seq_id_2 
_struct_mon_prot_cis.pdbx_auth_asym_id_2 
_struct_mon_prot_cis.pdbx_PDB_model_num 
_struct_mon_prot_cis.pdbx_omega_angle 
1 GLU 109 A . ? GLU 109 A ASN 110 A ? ASN 110 A 1 -9.90 
2 GLN 111 A . ? GLN 111 A LEU 112 A ? LEU 112 A 1 -0.69 
# 
loop_
_struct_site.id 
_struct_site.pdbx_evidence_code 
_struct_site.pdbx_auth_asym_id 
_struct_site.pdbx_auth_comp_id 
_struct_site.pdbx_auth_seq_id 
_struct_site.pdbx_auth_ins_code 
_struct_site.pdbx_num_residues 
_struct_site.details 
AC1 Software A ZN 217 ? 4 'BINDING SITE FOR RESIDUE ZN A 217' 
AC2 Software A ZN 218 ? 4 'BINDING SITE FOR RESIDUE ZN A 218' 
AC3 Software A ZN 219 ? 3 'BINDING SITE FOR RESIDUE ZN A 219' 
# 
loop_
_struct_site_gen.id 
_struct_site_gen.site_id 
_struct_site_gen.pdbx_num_res 
_struct_site_gen.label_comp_id 
_struct_site_gen.label_asym_id 
_struct_site_gen.label_seq_id 
_struct_site_gen.pdbx_auth_ins_code 
_struct_site_gen.auth_comp_id 
_struct_site_gen.auth_asym_id 
_struct_site_gen.auth_seq_id 
_struct_site_gen.label_atom_id 
_struct_site_gen.label_alt_id 
_struct_site_gen.symmetry 
_struct_site_gen.details 
1  AC1 4 ASP A 152 ? ASP A 152 . ? 1_555 ? 
2  AC1 4 ASP A 156 ? ASP A 156 . ? 1_555 ? 
3  AC1 4 GLU A 191 ? GLU A 191 . ? 1_555 ? 
4  AC1 4 ASP A 195 ? ASP A 195 . ? 1_555 ? 
5  AC2 4 HIS A 10  ? HIS A 10  . ? 1_555 ? 
6  AC2 4 GLU A 117 ? GLU A 117 . ? 8_456 ? 
7  AC2 4 HIS A 120 ? HIS A 120 . ? 8_456 ? 
8  AC2 4 LYS A 124 ? LYS A 124 . ? 8_456 ? 
9  AC3 3 GLU A 91  ? GLU A 91  . ? 1_555 ? 
10 AC3 3 ASP A 95  ? ASP A 95  . ? 1_555 ? 
11 AC3 3 ASP A 214 ? ASP A 214 . ? 4_566 ? 
# 
loop_
_pdbx_validate_symm_contact.id 
_pdbx_validate_symm_contact.PDB_model_num 
_pdbx_validate_symm_contact.auth_atom_id_1 
_pdbx_validate_symm_contact.auth_asym_id_1 
_pdbx_validate_symm_contact.auth_comp_id_1 
_pdbx_validate_symm_contact.auth_seq_id_1 
_pdbx_validate_symm_contact.PDB_ins_code_1 
_pdbx_validate_symm_contact.label_alt_id_1 
_pdbx_validate_symm_contact.site_symmetry_1 
_pdbx_validate_symm_contact.auth_atom_id_2 
_pdbx_validate_symm_contact.auth_asym_id_2 
_pdbx_validate_symm_contact.auth_comp_id_2 
_pdbx_validate_symm_contact.auth_seq_id_2 
_pdbx_validate_symm_contact.PDB_ins_code_2 
_pdbx_validate_symm_contact.label_alt_id_2 
_pdbx_validate_symm_contact.site_symmetry_2 
_pdbx_validate_symm_contact.dist 
1 1 OD1 A ASP 95 ? ? 1_555 O A HOH 233 ? ? 4_566 1.99 
2 1 ND2 A ASN 53 ? ? 1_555 O A HOH 233 ? ? 4_566 2.05 
3 1 OD2 A ASP 49 ? ? 1_555 O A HOH 233 ? ? 4_566 2.18 
# 
loop_
_pdbx_validate_torsion.id 
_pdbx_validate_torsion.PDB_model_num 
_pdbx_validate_torsion.auth_comp_id 
_pdbx_validate_torsion.auth_asym_id 
_pdbx_validate_torsion.auth_seq_id 
_pdbx_validate_torsion.PDB_ins_code 
_pdbx_validate_torsion.label_alt_id 
_pdbx_validate_torsion.phi 
_pdbx_validate_torsion.psi 
1 1 VAL A 74  ? ? -45.36 -78.06  
2 1 ASN A 110 ? ? 60.88  -162.16 
3 1 LEU A 169 ? ? -70.02 34.26   
# 
_pdbx_SG_project.id                    1 
_pdbx_SG_project.project_name          'PSI, Protein Structure Initiative' 
_pdbx_SG_project.full_name_of_center   'Midwest Center for Structural Genomics' 
_pdbx_SG_project.initial_of_center     MCSG 
# 
loop_
_pdbx_struct_special_symmetry.id 
_pdbx_struct_special_symmetry.PDB_model_num 
_pdbx_struct_special_symmetry.auth_asym_id 
_pdbx_struct_special_symmetry.auth_comp_id 
_pdbx_struct_special_symmetry.auth_seq_id 
_pdbx_struct_special_symmetry.PDB_ins_code 
_pdbx_struct_special_symmetry.label_asym_id 
_pdbx_struct_special_symmetry.label_comp_id 
_pdbx_struct_special_symmetry.label_seq_id 
1 1 A HOH 228 ? E HOH . 
2 1 A HOH 237 ? E HOH . 
# 
_pdbx_refine_tls.id               1 
_pdbx_refine_tls.details          ? 
_pdbx_refine_tls.method           refined 
_pdbx_refine_tls.origin_x         -0.1462 
_pdbx_refine_tls.origin_y         -0.3684 
_pdbx_refine_tls.origin_z         0.0993 
_pdbx_refine_tls.T[1][1]          -0.2218 
_pdbx_refine_tls.T[2][2]          -0.0035 
_pdbx_refine_tls.T[3][3]          -0.2264 
_pdbx_refine_tls.T[1][2]          -0.0131 
_pdbx_refine_tls.T[1][3]          -0.0646 
_pdbx_refine_tls.T[2][3]          -0.0333 
_pdbx_refine_tls.L[1][1]          4.5118 
_pdbx_refine_tls.L[2][2]          3.8714 
_pdbx_refine_tls.L[3][3]          2.5665 
_pdbx_refine_tls.L[1][2]          1.2607 
_pdbx_refine_tls.L[1][3]          0.9665 
_pdbx_refine_tls.L[2][3]          0.0776 
_pdbx_refine_tls.S[1][1]          -0.1819 
_pdbx_refine_tls.S[1][2]          0.1121 
_pdbx_refine_tls.S[1][3]          0.1608 
_pdbx_refine_tls.S[2][1]          -0.1200 
_pdbx_refine_tls.S[2][2]          0.1532 
_pdbx_refine_tls.S[2][3]          -0.1141 
_pdbx_refine_tls.S[3][1]          -0.1994 
_pdbx_refine_tls.S[3][2]          0.2264 
_pdbx_refine_tls.S[3][3]          0.0287 
_pdbx_refine_tls.pdbx_refine_id   'X-RAY DIFFRACTION' 
# 
loop_
_pdbx_refine_tls_group.id 
_pdbx_refine_tls_group.refine_tls_id 
_pdbx_refine_tls_group.beg_auth_asym_id 
_pdbx_refine_tls_group.beg_auth_seq_id 
_pdbx_refine_tls_group.beg_label_asym_id 
_pdbx_refine_tls_group.beg_label_seq_id 
_pdbx_refine_tls_group.end_auth_asym_id 
_pdbx_refine_tls_group.end_auth_seq_id 
_pdbx_refine_tls_group.end_label_asym_id 
_pdbx_refine_tls_group.end_label_seq_id 
_pdbx_refine_tls_group.selection 
_pdbx_refine_tls_group.pdbx_refine_id 
_pdbx_refine_tls_group.selection_details 
1 1 A 4   A 4   A 50  A 50  ? 'X-RAY DIFFRACTION' ? 
2 1 A 51  A 51  A 100 A 100 ? 'X-RAY DIFFRACTION' ? 
3 1 A 101 A 101 A 150 A 150 ? 'X-RAY DIFFRACTION' ? 
4 1 A 151 A 151 A 185 A 185 ? 'X-RAY DIFFRACTION' ? 
5 1 A 186 A 186 A 215 A 215 ? 'X-RAY DIFFRACTION' ? 
# 
loop_
_pdbx_unobs_or_zero_occ_residues.id 
_pdbx_unobs_or_zero_occ_residues.PDB_model_num 
_pdbx_unobs_or_zero_occ_residues.polymer_flag 
_pdbx_unobs_or_zero_occ_residues.occupancy_flag 
_pdbx_unobs_or_zero_occ_residues.auth_asym_id 
_pdbx_unobs_or_zero_occ_residues.auth_comp_id 
_pdbx_unobs_or_zero_occ_residues.auth_seq_id 
_pdbx_unobs_or_zero_occ_residues.PDB_ins_code 
_pdbx_unobs_or_zero_occ_residues.label_asym_id 
_pdbx_unobs_or_zero_occ_residues.label_comp_id 
_pdbx_unobs_or_zero_occ_residues.label_seq_id 
1 1 Y 1 A MET 1   ? A MET 1   
2 1 Y 1 A ARG 2   ? A ARG 2   
3 1 Y 1 A ASN 3   ? A ASN 3   
4 1 Y 1 A GLN 70  ? A GLN 70  
5 1 Y 1 A GLN 71  ? A GLN 71  
6 1 Y 1 A PRO 114 ? A PRO 114 
7 1 Y 1 A ASP 115 ? A ASP 115 
8 1 Y 1 A THR 175 ? A THR 175 
9 1 Y 1 A ASN 216 ? A ASN 216 
# 
loop_
_chem_comp_atom.comp_id 
_chem_comp_atom.atom_id 
_chem_comp_atom.type_symbol 
_chem_comp_atom.pdbx_aromatic_flag 
_chem_comp_atom.pdbx_stereo_config 
_chem_comp_atom.pdbx_ordinal 
ALA N    N  N N 1   
ALA CA   C  N S 2   
ALA C    C  N N 3   
ALA O    O  N N 4   
ALA CB   C  N N 5   
ALA OXT  O  N N 6   
ALA H    H  N N 7   
ALA H2   H  N N 8   
ALA HA   H  N N 9   
ALA HB1  H  N N 10  
ALA HB2  H  N N 11  
ALA HB3  H  N N 12  
ALA HXT  H  N N 13  
ARG N    N  N N 14  
ARG CA   C  N S 15  
ARG C    C  N N 16  
ARG O    O  N N 17  
ARG CB   C  N N 18  
ARG CG   C  N N 19  
ARG CD   C  N N 20  
ARG NE   N  N N 21  
ARG CZ   C  N N 22  
ARG NH1  N  N N 23  
ARG NH2  N  N N 24  
ARG OXT  O  N N 25  
ARG H    H  N N 26  
ARG H2   H  N N 27  
ARG HA   H  N N 28  
ARG HB2  H  N N 29  
ARG HB3  H  N N 30  
ARG HG2  H  N N 31  
ARG HG3  H  N N 32  
ARG HD2  H  N N 33  
ARG HD3  H  N N 34  
ARG HE   H  N N 35  
ARG HH11 H  N N 36  
ARG HH12 H  N N 37  
ARG HH21 H  N N 38  
ARG HH22 H  N N 39  
ARG HXT  H  N N 40  
ASN N    N  N N 41  
ASN CA   C  N S 42  
ASN C    C  N N 43  
ASN O    O  N N 44  
ASN CB   C  N N 45  
ASN CG   C  N N 46  
ASN OD1  O  N N 47  
ASN ND2  N  N N 48  
ASN OXT  O  N N 49  
ASN H    H  N N 50  
ASN H2   H  N N 51  
ASN HA   H  N N 52  
ASN HB2  H  N N 53  
ASN HB3  H  N N 54  
ASN HD21 H  N N 55  
ASN HD22 H  N N 56  
ASN HXT  H  N N 57  
ASP N    N  N N 58  
ASP CA   C  N S 59  
ASP C    C  N N 60  
ASP O    O  N N 61  
ASP CB   C  N N 62  
ASP CG   C  N N 63  
ASP OD1  O  N N 64  
ASP OD2  O  N N 65  
ASP OXT  O  N N 66  
ASP H    H  N N 67  
ASP H2   H  N N 68  
ASP HA   H  N N 69  
ASP HB2  H  N N 70  
ASP HB3  H  N N 71  
ASP HD2  H  N N 72  
ASP HXT  H  N N 73  
CYS N    N  N N 74  
CYS CA   C  N R 75  
CYS C    C  N N 76  
CYS O    O  N N 77  
CYS CB   C  N N 78  
CYS SG   S  N N 79  
CYS OXT  O  N N 80  
CYS H    H  N N 81  
CYS H2   H  N N 82  
CYS HA   H  N N 83  
CYS HB2  H  N N 84  
CYS HB3  H  N N 85  
CYS HG   H  N N 86  
CYS HXT  H  N N 87  
GLN N    N  N N 88  
GLN CA   C  N S 89  
GLN C    C  N N 90  
GLN O    O  N N 91  
GLN CB   C  N N 92  
GLN CG   C  N N 93  
GLN CD   C  N N 94  
GLN OE1  O  N N 95  
GLN NE2  N  N N 96  
GLN OXT  O  N N 97  
GLN H    H  N N 98  
GLN H2   H  N N 99  
GLN HA   H  N N 100 
GLN HB2  H  N N 101 
GLN HB3  H  N N 102 
GLN HG2  H  N N 103 
GLN HG3  H  N N 104 
GLN HE21 H  N N 105 
GLN HE22 H  N N 106 
GLN HXT  H  N N 107 
GLU N    N  N N 108 
GLU CA   C  N S 109 
GLU C    C  N N 110 
GLU O    O  N N 111 
GLU CB   C  N N 112 
GLU CG   C  N N 113 
GLU CD   C  N N 114 
GLU OE1  O  N N 115 
GLU OE2  O  N N 116 
GLU OXT  O  N N 117 
GLU H    H  N N 118 
GLU H2   H  N N 119 
GLU HA   H  N N 120 
GLU HB2  H  N N 121 
GLU HB3  H  N N 122 
GLU HG2  H  N N 123 
GLU HG3  H  N N 124 
GLU HE2  H  N N 125 
GLU HXT  H  N N 126 
GLY N    N  N N 127 
GLY CA   C  N N 128 
GLY C    C  N N 129 
GLY O    O  N N 130 
GLY OXT  O  N N 131 
GLY H    H  N N 132 
GLY H2   H  N N 133 
GLY HA2  H  N N 134 
GLY HA3  H  N N 135 
GLY HXT  H  N N 136 
HIS N    N  N N 137 
HIS CA   C  N S 138 
HIS C    C  N N 139 
HIS O    O  N N 140 
HIS CB   C  N N 141 
HIS CG   C  Y N 142 
HIS ND1  N  Y N 143 
HIS CD2  C  Y N 144 
HIS CE1  C  Y N 145 
HIS NE2  N  Y N 146 
HIS OXT  O  N N 147 
HIS H    H  N N 148 
HIS H2   H  N N 149 
HIS HA   H  N N 150 
HIS HB2  H  N N 151 
HIS HB3  H  N N 152 
HIS HD1  H  N N 153 
HIS HD2  H  N N 154 
HIS HE1  H  N N 155 
HIS HE2  H  N N 156 
HIS HXT  H  N N 157 
HOH O    O  N N 158 
HOH H1   H  N N 159 
HOH H2   H  N N 160 
ILE N    N  N N 161 
ILE CA   C  N S 162 
ILE C    C  N N 163 
ILE O    O  N N 164 
ILE CB   C  N S 165 
ILE CG1  C  N N 166 
ILE CG2  C  N N 167 
ILE CD1  C  N N 168 
ILE OXT  O  N N 169 
ILE H    H  N N 170 
ILE H2   H  N N 171 
ILE HA   H  N N 172 
ILE HB   H  N N 173 
ILE HG12 H  N N 174 
ILE HG13 H  N N 175 
ILE HG21 H  N N 176 
ILE HG22 H  N N 177 
ILE HG23 H  N N 178 
ILE HD11 H  N N 179 
ILE HD12 H  N N 180 
ILE HD13 H  N N 181 
ILE HXT  H  N N 182 
LEU N    N  N N 183 
LEU CA   C  N S 184 
LEU C    C  N N 185 
LEU O    O  N N 186 
LEU CB   C  N N 187 
LEU CG   C  N N 188 
LEU CD1  C  N N 189 
LEU CD2  C  N N 190 
LEU OXT  O  N N 191 
LEU H    H  N N 192 
LEU H2   H  N N 193 
LEU HA   H  N N 194 
LEU HB2  H  N N 195 
LEU HB3  H  N N 196 
LEU HG   H  N N 197 
LEU HD11 H  N N 198 
LEU HD12 H  N N 199 
LEU HD13 H  N N 200 
LEU HD21 H  N N 201 
LEU HD22 H  N N 202 
LEU HD23 H  N N 203 
LEU HXT  H  N N 204 
LYS N    N  N N 205 
LYS CA   C  N S 206 
LYS C    C  N N 207 
LYS O    O  N N 208 
LYS CB   C  N N 209 
LYS CG   C  N N 210 
LYS CD   C  N N 211 
LYS CE   C  N N 212 
LYS NZ   N  N N 213 
LYS OXT  O  N N 214 
LYS H    H  N N 215 
LYS H2   H  N N 216 
LYS HA   H  N N 217 
LYS HB2  H  N N 218 
LYS HB3  H  N N 219 
LYS HG2  H  N N 220 
LYS HG3  H  N N 221 
LYS HD2  H  N N 222 
LYS HD3  H  N N 223 
LYS HE2  H  N N 224 
LYS HE3  H  N N 225 
LYS HZ1  H  N N 226 
LYS HZ2  H  N N 227 
LYS HZ3  H  N N 228 
LYS HXT  H  N N 229 
MET N    N  N N 230 
MET CA   C  N S 231 
MET C    C  N N 232 
MET O    O  N N 233 
MET CB   C  N N 234 
MET CG   C  N N 235 
MET SD   S  N N 236 
MET CE   C  N N 237 
MET OXT  O  N N 238 
MET H    H  N N 239 
MET H2   H  N N 240 
MET HA   H  N N 241 
MET HB2  H  N N 242 
MET HB3  H  N N 243 
MET HG2  H  N N 244 
MET HG3  H  N N 245 
MET HE1  H  N N 246 
MET HE2  H  N N 247 
MET HE3  H  N N 248 
MET HXT  H  N N 249 
PHE N    N  N N 250 
PHE CA   C  N S 251 
PHE C    C  N N 252 
PHE O    O  N N 253 
PHE CB   C  N N 254 
PHE CG   C  Y N 255 
PHE CD1  C  Y N 256 
PHE CD2  C  Y N 257 
PHE CE1  C  Y N 258 
PHE CE2  C  Y N 259 
PHE CZ   C  Y N 260 
PHE OXT  O  N N 261 
PHE H    H  N N 262 
PHE H2   H  N N 263 
PHE HA   H  N N 264 
PHE HB2  H  N N 265 
PHE HB3  H  N N 266 
PHE HD1  H  N N 267 
PHE HD2  H  N N 268 
PHE HE1  H  N N 269 
PHE HE2  H  N N 270 
PHE HZ   H  N N 271 
PHE HXT  H  N N 272 
PRO N    N  N N 273 
PRO CA   C  N S 274 
PRO C    C  N N 275 
PRO O    O  N N 276 
PRO CB   C  N N 277 
PRO CG   C  N N 278 
PRO CD   C  N N 279 
PRO OXT  O  N N 280 
PRO H    H  N N 281 
PRO HA   H  N N 282 
PRO HB2  H  N N 283 
PRO HB3  H  N N 284 
PRO HG2  H  N N 285 
PRO HG3  H  N N 286 
PRO HD2  H  N N 287 
PRO HD3  H  N N 288 
PRO HXT  H  N N 289 
SER N    N  N N 290 
SER CA   C  N S 291 
SER C    C  N N 292 
SER O    O  N N 293 
SER CB   C  N N 294 
SER OG   O  N N 295 
SER OXT  O  N N 296 
SER H    H  N N 297 
SER H2   H  N N 298 
SER HA   H  N N 299 
SER HB2  H  N N 300 
SER HB3  H  N N 301 
SER HG   H  N N 302 
SER HXT  H  N N 303 
THR N    N  N N 304 
THR CA   C  N S 305 
THR C    C  N N 306 
THR O    O  N N 307 
THR CB   C  N R 308 
THR OG1  O  N N 309 
THR CG2  C  N N 310 
THR OXT  O  N N 311 
THR H    H  N N 312 
THR H2   H  N N 313 
THR HA   H  N N 314 
THR HB   H  N N 315 
THR HG1  H  N N 316 
THR HG21 H  N N 317 
THR HG22 H  N N 318 
THR HG23 H  N N 319 
THR HXT  H  N N 320 
TYR N    N  N N 321 
TYR CA   C  N S 322 
TYR C    C  N N 323 
TYR O    O  N N 324 
TYR CB   C  N N 325 
TYR CG   C  Y N 326 
TYR CD1  C  Y N 327 
TYR CD2  C  Y N 328 
TYR CE1  C  Y N 329 
TYR CE2  C  Y N 330 
TYR CZ   C  Y N 331 
TYR OH   O  N N 332 
TYR OXT  O  N N 333 
TYR H    H  N N 334 
TYR H2   H  N N 335 
TYR HA   H  N N 336 
TYR HB2  H  N N 337 
TYR HB3  H  N N 338 
TYR HD1  H  N N 339 
TYR HD2  H  N N 340 
TYR HE1  H  N N 341 
TYR HE2  H  N N 342 
TYR HH   H  N N 343 
TYR HXT  H  N N 344 
VAL N    N  N N 345 
VAL CA   C  N S 346 
VAL C    C  N N 347 
VAL O    O  N N 348 
VAL CB   C  N N 349 
VAL CG1  C  N N 350 
VAL CG2  C  N N 351 
VAL OXT  O  N N 352 
VAL H    H  N N 353 
VAL H2   H  N N 354 
VAL HA   H  N N 355 
VAL HB   H  N N 356 
VAL HG11 H  N N 357 
VAL HG12 H  N N 358 
VAL HG13 H  N N 359 
VAL HG21 H  N N 360 
VAL HG22 H  N N 361 
VAL HG23 H  N N 362 
VAL HXT  H  N N 363 
ZN  ZN   ZN N N 364 
# 
loop_
_chem_comp_bond.comp_id 
_chem_comp_bond.atom_id_1 
_chem_comp_bond.atom_id_2 
_chem_comp_bond.value_order 
_chem_comp_bond.pdbx_aromatic_flag 
_chem_comp_bond.pdbx_stereo_config 
_chem_comp_bond.pdbx_ordinal 
ALA N   CA   sing N N 1   
ALA N   H    sing N N 2   
ALA N   H2   sing N N 3   
ALA CA  C    sing N N 4   
ALA CA  CB   sing N N 5   
ALA CA  HA   sing N N 6   
ALA C   O    doub N N 7   
ALA C   OXT  sing N N 8   
ALA CB  HB1  sing N N 9   
ALA CB  HB2  sing N N 10  
ALA CB  HB3  sing N N 11  
ALA OXT HXT  sing N N 12  
ARG N   CA   sing N N 13  
ARG N   H    sing N N 14  
ARG N   H2   sing N N 15  
ARG CA  C    sing N N 16  
ARG CA  CB   sing N N 17  
ARG CA  HA   sing N N 18  
ARG C   O    doub N N 19  
ARG C   OXT  sing N N 20  
ARG CB  CG   sing N N 21  
ARG CB  HB2  sing N N 22  
ARG CB  HB3  sing N N 23  
ARG CG  CD   sing N N 24  
ARG CG  HG2  sing N N 25  
ARG CG  HG3  sing N N 26  
ARG CD  NE   sing N N 27  
ARG CD  HD2  sing N N 28  
ARG CD  HD3  sing N N 29  
ARG NE  CZ   sing N N 30  
ARG NE  HE   sing N N 31  
ARG CZ  NH1  sing N N 32  
ARG CZ  NH2  doub N N 33  
ARG NH1 HH11 sing N N 34  
ARG NH1 HH12 sing N N 35  
ARG NH2 HH21 sing N N 36  
ARG NH2 HH22 sing N N 37  
ARG OXT HXT  sing N N 38  
ASN N   CA   sing N N 39  
ASN N   H    sing N N 40  
ASN N   H2   sing N N 41  
ASN CA  C    sing N N 42  
ASN CA  CB   sing N N 43  
ASN CA  HA   sing N N 44  
ASN C   O    doub N N 45  
ASN C   OXT  sing N N 46  
ASN CB  CG   sing N N 47  
ASN CB  HB2  sing N N 48  
ASN CB  HB3  sing N N 49  
ASN CG  OD1  doub N N 50  
ASN CG  ND2  sing N N 51  
ASN ND2 HD21 sing N N 52  
ASN ND2 HD22 sing N N 53  
ASN OXT HXT  sing N N 54  
ASP N   CA   sing N N 55  
ASP N   H    sing N N 56  
ASP N   H2   sing N N 57  
ASP CA  C    sing N N 58  
ASP CA  CB   sing N N 59  
ASP CA  HA   sing N N 60  
ASP C   O    doub N N 61  
ASP C   OXT  sing N N 62  
ASP CB  CG   sing N N 63  
ASP CB  HB2  sing N N 64  
ASP CB  HB3  sing N N 65  
ASP CG  OD1  doub N N 66  
ASP CG  OD2  sing N N 67  
ASP OD2 HD2  sing N N 68  
ASP OXT HXT  sing N N 69  
CYS N   CA   sing N N 70  
CYS N   H    sing N N 71  
CYS N   H2   sing N N 72  
CYS CA  C    sing N N 73  
CYS CA  CB   sing N N 74  
CYS CA  HA   sing N N 75  
CYS C   O    doub N N 76  
CYS C   OXT  sing N N 77  
CYS CB  SG   sing N N 78  
CYS CB  HB2  sing N N 79  
CYS CB  HB3  sing N N 80  
CYS SG  HG   sing N N 81  
CYS OXT HXT  sing N N 82  
GLN N   CA   sing N N 83  
GLN N   H    sing N N 84  
GLN N   H2   sing N N 85  
GLN CA  C    sing N N 86  
GLN CA  CB   sing N N 87  
GLN CA  HA   sing N N 88  
GLN C   O    doub N N 89  
GLN C   OXT  sing N N 90  
GLN CB  CG   sing N N 91  
GLN CB  HB2  sing N N 92  
GLN CB  HB3  sing N N 93  
GLN CG  CD   sing N N 94  
GLN CG  HG2  sing N N 95  
GLN CG  HG3  sing N N 96  
GLN CD  OE1  doub N N 97  
GLN CD  NE2  sing N N 98  
GLN NE2 HE21 sing N N 99  
GLN NE2 HE22 sing N N 100 
GLN OXT HXT  sing N N 101 
GLU N   CA   sing N N 102 
GLU N   H    sing N N 103 
GLU N   H2   sing N N 104 
GLU CA  C    sing N N 105 
GLU CA  CB   sing N N 106 
GLU CA  HA   sing N N 107 
GLU C   O    doub N N 108 
GLU C   OXT  sing N N 109 
GLU CB  CG   sing N N 110 
GLU CB  HB2  sing N N 111 
GLU CB  HB3  sing N N 112 
GLU CG  CD   sing N N 113 
GLU CG  HG2  sing N N 114 
GLU CG  HG3  sing N N 115 
GLU CD  OE1  doub N N 116 
GLU CD  OE2  sing N N 117 
GLU OE2 HE2  sing N N 118 
GLU OXT HXT  sing N N 119 
GLY N   CA   sing N N 120 
GLY N   H    sing N N 121 
GLY N   H2   sing N N 122 
GLY CA  C    sing N N 123 
GLY CA  HA2  sing N N 124 
GLY CA  HA3  sing N N 125 
GLY C   O    doub N N 126 
GLY C   OXT  sing N N 127 
GLY OXT HXT  sing N N 128 
HIS N   CA   sing N N 129 
HIS N   H    sing N N 130 
HIS N   H2   sing N N 131 
HIS CA  C    sing N N 132 
HIS CA  CB   sing N N 133 
HIS CA  HA   sing N N 134 
HIS C   O    doub N N 135 
HIS C   OXT  sing N N 136 
HIS CB  CG   sing N N 137 
HIS CB  HB2  sing N N 138 
HIS CB  HB3  sing N N 139 
HIS CG  ND1  sing Y N 140 
HIS CG  CD2  doub Y N 141 
HIS ND1 CE1  doub Y N 142 
HIS ND1 HD1  sing N N 143 
HIS CD2 NE2  sing Y N 144 
HIS CD2 HD2  sing N N 145 
HIS CE1 NE2  sing Y N 146 
HIS CE1 HE1  sing N N 147 
HIS NE2 HE2  sing N N 148 
HIS OXT HXT  sing N N 149 
HOH O   H1   sing N N 150 
HOH O   H2   sing N N 151 
ILE N   CA   sing N N 152 
ILE N   H    sing N N 153 
ILE N   H2   sing N N 154 
ILE CA  C    sing N N 155 
ILE CA  CB   sing N N 156 
ILE CA  HA   sing N N 157 
ILE C   O    doub N N 158 
ILE C   OXT  sing N N 159 
ILE CB  CG1  sing N N 160 
ILE CB  CG2  sing N N 161 
ILE CB  HB   sing N N 162 
ILE CG1 CD1  sing N N 163 
ILE CG1 HG12 sing N N 164 
ILE CG1 HG13 sing N N 165 
ILE CG2 HG21 sing N N 166 
ILE CG2 HG22 sing N N 167 
ILE CG2 HG23 sing N N 168 
ILE CD1 HD11 sing N N 169 
ILE CD1 HD12 sing N N 170 
ILE CD1 HD13 sing N N 171 
ILE OXT HXT  sing N N 172 
LEU N   CA   sing N N 173 
LEU N   H    sing N N 174 
LEU N   H2   sing N N 175 
LEU CA  C    sing N N 176 
LEU CA  CB   sing N N 177 
LEU CA  HA   sing N N 178 
LEU C   O    doub N N 179 
LEU C   OXT  sing N N 180 
LEU CB  CG   sing N N 181 
LEU CB  HB2  sing N N 182 
LEU CB  HB3  sing N N 183 
LEU CG  CD1  sing N N 184 
LEU CG  CD2  sing N N 185 
LEU CG  HG   sing N N 186 
LEU CD1 HD11 sing N N 187 
LEU CD1 HD12 sing N N 188 
LEU CD1 HD13 sing N N 189 
LEU CD2 HD21 sing N N 190 
LEU CD2 HD22 sing N N 191 
LEU CD2 HD23 sing N N 192 
LEU OXT HXT  sing N N 193 
LYS N   CA   sing N N 194 
LYS N   H    sing N N 195 
LYS N   H2   sing N N 196 
LYS CA  C    sing N N 197 
LYS CA  CB   sing N N 198 
LYS CA  HA   sing N N 199 
LYS C   O    doub N N 200 
LYS C   OXT  sing N N 201 
LYS CB  CG   sing N N 202 
LYS CB  HB2  sing N N 203 
LYS CB  HB3  sing N N 204 
LYS CG  CD   sing N N 205 
LYS CG  HG2  sing N N 206 
LYS CG  HG3  sing N N 207 
LYS CD  CE   sing N N 208 
LYS CD  HD2  sing N N 209 
LYS CD  HD3  sing N N 210 
LYS CE  NZ   sing N N 211 
LYS CE  HE2  sing N N 212 
LYS CE  HE3  sing N N 213 
LYS NZ  HZ1  sing N N 214 
LYS NZ  HZ2  sing N N 215 
LYS NZ  HZ3  sing N N 216 
LYS OXT HXT  sing N N 217 
MET N   CA   sing N N 218 
MET N   H    sing N N 219 
MET N   H2   sing N N 220 
MET CA  C    sing N N 221 
MET CA  CB   sing N N 222 
MET CA  HA   sing N N 223 
MET C   O    doub N N 224 
MET C   OXT  sing N N 225 
MET CB  CG   sing N N 226 
MET CB  HB2  sing N N 227 
MET CB  HB3  sing N N 228 
MET CG  SD   sing N N 229 
MET CG  HG2  sing N N 230 
MET CG  HG3  sing N N 231 
MET SD  CE   sing N N 232 
MET CE  HE1  sing N N 233 
MET CE  HE2  sing N N 234 
MET CE  HE3  sing N N 235 
MET OXT HXT  sing N N 236 
PHE N   CA   sing N N 237 
PHE N   H    sing N N 238 
PHE N   H2   sing N N 239 
PHE CA  C    sing N N 240 
PHE CA  CB   sing N N 241 
PHE CA  HA   sing N N 242 
PHE C   O    doub N N 243 
PHE C   OXT  sing N N 244 
PHE CB  CG   sing N N 245 
PHE CB  HB2  sing N N 246 
PHE CB  HB3  sing N N 247 
PHE CG  CD1  doub Y N 248 
PHE CG  CD2  sing Y N 249 
PHE CD1 CE1  sing Y N 250 
PHE CD1 HD1  sing N N 251 
PHE CD2 CE2  doub Y N 252 
PHE CD2 HD2  sing N N 253 
PHE CE1 CZ   doub Y N 254 
PHE CE1 HE1  sing N N 255 
PHE CE2 CZ   sing Y N 256 
PHE CE2 HE2  sing N N 257 
PHE CZ  HZ   sing N N 258 
PHE OXT HXT  sing N N 259 
PRO N   CA   sing N N 260 
PRO N   CD   sing N N 261 
PRO N   H    sing N N 262 
PRO CA  C    sing N N 263 
PRO CA  CB   sing N N 264 
PRO CA  HA   sing N N 265 
PRO C   O    doub N N 266 
PRO C   OXT  sing N N 267 
PRO CB  CG   sing N N 268 
PRO CB  HB2  sing N N 269 
PRO CB  HB3  sing N N 270 
PRO CG  CD   sing N N 271 
PRO CG  HG2  sing N N 272 
PRO CG  HG3  sing N N 273 
PRO CD  HD2  sing N N 274 
PRO CD  HD3  sing N N 275 
PRO OXT HXT  sing N N 276 
SER N   CA   sing N N 277 
SER N   H    sing N N 278 
SER N   H2   sing N N 279 
SER CA  C    sing N N 280 
SER CA  CB   sing N N 281 
SER CA  HA   sing N N 282 
SER C   O    doub N N 283 
SER C   OXT  sing N N 284 
SER CB  OG   sing N N 285 
SER CB  HB2  sing N N 286 
SER CB  HB3  sing N N 287 
SER OG  HG   sing N N 288 
SER OXT HXT  sing N N 289 
THR N   CA   sing N N 290 
THR N   H    sing N N 291 
THR N   H2   sing N N 292 
THR CA  C    sing N N 293 
THR CA  CB   sing N N 294 
THR CA  HA   sing N N 295 
THR C   O    doub N N 296 
THR C   OXT  sing N N 297 
THR CB  OG1  sing N N 298 
THR CB  CG2  sing N N 299 
THR CB  HB   sing N N 300 
THR OG1 HG1  sing N N 301 
THR CG2 HG21 sing N N 302 
THR CG2 HG22 sing N N 303 
THR CG2 HG23 sing N N 304 
THR OXT HXT  sing N N 305 
TYR N   CA   sing N N 306 
TYR N   H    sing N N 307 
TYR N   H2   sing N N 308 
TYR CA  C    sing N N 309 
TYR CA  CB   sing N N 310 
TYR CA  HA   sing N N 311 
TYR C   O    doub N N 312 
TYR C   OXT  sing N N 313 
TYR CB  CG   sing N N 314 
TYR CB  HB2  sing N N 315 
TYR CB  HB3  sing N N 316 
TYR CG  CD1  doub Y N 317 
TYR CG  CD2  sing Y N 318 
TYR CD1 CE1  sing Y N 319 
TYR CD1 HD1  sing N N 320 
TYR CD2 CE2  doub Y N 321 
TYR CD2 HD2  sing N N 322 
TYR CE1 CZ   doub Y N 323 
TYR CE1 HE1  sing N N 324 
TYR CE2 CZ   sing Y N 325 
TYR CE2 HE2  sing N N 326 
TYR CZ  OH   sing N N 327 
TYR OH  HH   sing N N 328 
TYR OXT HXT  sing N N 329 
VAL N   CA   sing N N 330 
VAL N   H    sing N N 331 
VAL N   H2   sing N N 332 
VAL CA  C    sing N N 333 
VAL CA  CB   sing N N 334 
VAL CA  HA   sing N N 335 
VAL C   O    doub N N 336 
VAL C   OXT  sing N N 337 
VAL CB  CG1  sing N N 338 
VAL CB  CG2  sing N N 339 
VAL CB  HB   sing N N 340 
VAL CG1 HG11 sing N N 341 
VAL CG1 HG12 sing N N 342 
VAL CG1 HG13 sing N N 343 
VAL CG2 HG21 sing N N 344 
VAL CG2 HG22 sing N N 345 
VAL CG2 HG23 sing N N 346 
VAL OXT HXT  sing N N 347 
# 
_atom_sites.entry_id                    2I0M 
_atom_sites.fract_transf_matrix[1][1]   0.00042178 
_atom_sites.fract_transf_matrix[1][2]   0.01372883 
_atom_sites.fract_transf_matrix[1][3]   -0.00115756 
_atom_sites.fract_transf_matrix[2][1]   -0.00767367 
_atom_sites.fract_transf_matrix[2][2]   -0.00045566 
_atom_sites.fract_transf_matrix[2][3]   -0.00820029 
_atom_sites.fract_transf_matrix[3][1]   -0.00963225 
_atom_sites.fract_transf_matrix[3][2]   0.00105100 
_atom_sites.fract_transf_matrix[3][3]   0.00895527 
_atom_sites.fract_transf_vector[1]      0.616500 
_atom_sites.fract_transf_vector[2]      0.386900 
_atom_sites.fract_transf_vector[3]      0.483009 
# 
loop_
_atom_type.symbol 
C  
N  
O  
S  
ZN 
# 
loop_
_atom_site.group_PDB 
_atom_site.id 
_atom_site.type_symbol 
_atom_site.label_atom_id 
_atom_site.label_alt_id 
_atom_site.label_comp_id 
_atom_site.label_asym_id 
_atom_site.label_entity_id 
_atom_site.label_seq_id 
_atom_site.pdbx_PDB_ins_code 
_atom_site.Cartn_x 
_atom_site.Cartn_y 
_atom_site.Cartn_z 
_atom_site.occupancy 
_atom_site.B_iso_or_equiv 
_atom_site.pdbx_formal_charge 
_atom_site.auth_seq_id 
_atom_site.auth_comp_id 
_atom_site.auth_asym_id 
_atom_site.auth_atom_id 
_atom_site.pdbx_PDB_model_num 
ATOM   1    N  N   . GLN A 1 4   ? -1.392  -30.005 11.066  1.00 50.71 ? 4   GLN A N   1 
ATOM   2    C  CA  . GLN A 1 4   ? -0.644  -30.057 9.775   1.00 51.06 ? 4   GLN A CA  1 
ATOM   3    C  C   . GLN A 1 4   ? -1.167  -29.022 8.785   1.00 50.92 ? 4   GLN A C   1 
ATOM   4    O  O   . GLN A 1 4   ? -0.398  -28.197 8.279   1.00 51.19 ? 4   GLN A O   1 
ATOM   5    C  CB  . GLN A 1 4   ? -0.669  -31.478 9.180   1.00 51.33 ? 4   GLN A CB  1 
ATOM   6    C  CG  . GLN A 1 4   ? -0.285  -31.596 7.686   1.00 52.53 ? 4   GLN A CG  1 
ATOM   7    C  CD  . GLN A 1 4   ? 1.129   -31.096 7.348   1.00 54.08 ? 4   GLN A CD  1 
ATOM   8    O  OE1 . GLN A 1 4   ? 1.970   -30.883 8.229   1.00 53.86 ? 4   GLN A OE1 1 
ATOM   9    N  NE2 . GLN A 1 4   ? 1.388   -30.912 6.053   1.00 54.53 ? 4   GLN A NE2 1 
ATOM   10   N  N   . PHE A 1 5   ? -2.473  -29.067 8.518   1.00 50.57 ? 5   PHE A N   1 
ATOM   11   C  CA  . PHE A 1 5   ? -3.134  -28.086 7.659   1.00 50.06 ? 5   PHE A CA  1 
ATOM   12   C  C   . PHE A 1 5   ? -3.108  -26.704 8.311   1.00 49.60 ? 5   PHE A C   1 
ATOM   13   O  O   . PHE A 1 5   ? -2.768  -25.712 7.660   1.00 49.20 ? 5   PHE A O   1 
ATOM   14   C  CB  . PHE A 1 5   ? -4.574  -28.531 7.345   1.00 50.26 ? 5   PHE A CB  1 
ATOM   15   C  CG  . PHE A 1 5   ? -5.334  -27.586 6.437   1.00 50.26 ? 5   PHE A CG  1 
ATOM   16   C  CD1 . PHE A 1 5   ? -4.846  -27.259 5.173   1.00 50.13 ? 5   PHE A CD1 1 
ATOM   17   C  CD2 . PHE A 1 5   ? -6.554  -27.049 6.842   1.00 50.33 ? 5   PHE A CD2 1 
ATOM   18   C  CE1 . PHE A 1 5   ? -5.554  -26.400 4.335   1.00 49.89 ? 5   PHE A CE1 1 
ATOM   19   C  CE2 . PHE A 1 5   ? -7.269  -26.193 6.008   1.00 50.32 ? 5   PHE A CE2 1 
ATOM   20   C  CZ  . PHE A 1 5   ? -6.764  -25.866 4.753   1.00 50.21 ? 5   PHE A CZ  1 
ATOM   21   N  N   . ASP A 1 6   ? -3.456  -26.658 9.600   1.00 49.21 ? 6   ASP A N   1 
ATOM   22   C  CA  . ASP A 1 6   ? -3.375  -25.438 10.418  1.00 48.86 ? 6   ASP A CA  1 
ATOM   23   C  C   . ASP A 1 6   ? -1.971  -24.841 10.442  1.00 48.46 ? 6   ASP A C   1 
ATOM   24   O  O   . ASP A 1 6   ? -1.816  -23.614 10.417  1.00 47.99 ? 6   ASP A O   1 
ATOM   25   C  CB  . ASP A 1 6   ? -3.845  -25.711 11.851  1.00 48.91 ? 6   ASP A CB  1 
ATOM   26   C  CG  . ASP A 1 6   ? -5.360  -25.809 11.965  1.00 49.51 ? 6   ASP A CG  1 
ATOM   27   O  OD1 . ASP A 1 6   ? -6.069  -25.320 11.046  1.00 49.71 ? 6   ASP A OD1 1 
ATOM   28   O  OD2 . ASP A 1 6   ? -5.839  -26.375 12.979  1.00 49.10 ? 6   ASP A OD2 1 
ATOM   29   N  N   . LEU A 1 7   ? -0.961  -25.714 10.485  1.00 47.98 ? 7   LEU A N   1 
ATOM   30   C  CA  . LEU A 1 7   ? 0.443   -25.300 10.384  1.00 47.91 ? 7   LEU A CA  1 
ATOM   31   C  C   . LEU A 1 7   ? 0.759   -24.758 8.983   1.00 47.51 ? 7   LEU A C   1 
ATOM   32   O  O   . LEU A 1 7   ? 1.489   -23.778 8.837   1.00 47.38 ? 7   LEU A O   1 
ATOM   33   C  CB  . LEU A 1 7   ? 1.380   -26.458 10.760  1.00 47.80 ? 7   LEU A CB  1 
ATOM   34   C  CG  . LEU A 1 7   ? 2.889   -26.221 10.902  1.00 48.15 ? 7   LEU A CG  1 
ATOM   35   C  CD1 . LEU A 1 7   ? 3.219   -25.029 11.808  1.00 49.16 ? 7   LEU A CD1 1 
ATOM   36   C  CD2 . LEU A 1 7   ? 3.584   -27.483 11.409  1.00 48.11 ? 7   LEU A CD2 1 
ATOM   37   N  N   . GLU A 1 8   ? 0.187   -25.397 7.968   1.00 47.48 ? 8   GLU A N   1 
ATOM   38   C  CA  . GLU A 1 8   ? 0.291   -24.959 6.573   1.00 47.49 ? 8   GLU A CA  1 
ATOM   39   C  C   . GLU A 1 8   ? -0.352  -23.585 6.307   1.00 47.00 ? 8   GLU A C   1 
ATOM   40   O  O   . GLU A 1 8   ? 0.222   -22.745 5.602   1.00 46.97 ? 8   GLU A O   1 
ATOM   41   C  CB  . GLU A 1 8   ? -0.357  -25.999 5.667   1.00 47.93 ? 8   GLU A CB  1 
ATOM   42   C  CG  . GLU A 1 8   ? 0.223   -26.047 4.272   1.00 49.57 ? 8   GLU A CG  1 
ATOM   43   C  CD  . GLU A 1 8   ? 1.531   -26.794 4.228   1.00 51.16 ? 8   GLU A CD  1 
ATOM   44   O  OE1 . GLU A 1 8   ? 2.555   -26.224 4.669   1.00 51.58 ? 8   GLU A OE1 1 
ATOM   45   O  OE2 . GLU A 1 8   ? 1.527   -27.949 3.752   1.00 52.21 ? 8   GLU A OE2 1 
ATOM   46   N  N   . LEU A 1 9   ? -1.542  -23.370 6.863   1.00 46.18 ? 9   LEU A N   1 
ATOM   47   C  CA  . LEU A 1 9   ? -2.212  -22.076 6.781   1.00 45.69 ? 9   LEU A CA  1 
ATOM   48   C  C   . LEU A 1 9   ? -1.377  -20.999 7.457   1.00 45.42 ? 9   LEU A C   1 
ATOM   49   O  O   . LEU A 1 9   ? -1.150  -19.930 6.894   1.00 45.62 ? 9   LEU A O   1 
ATOM   50   C  CB  . LEU A 1 9   ? -3.606  -22.132 7.417   1.00 45.37 ? 9   LEU A CB  1 
ATOM   51   C  CG  . LEU A 1 9   ? -4.642  -23.031 6.749   1.00 45.23 ? 9   LEU A CG  1 
ATOM   52   C  CD1 . LEU A 1 9   ? -6.041  -22.702 7.265   1.00 45.61 ? 9   LEU A CD1 1 
ATOM   53   C  CD2 . LEU A 1 9   ? -4.576  -22.895 5.244   1.00 44.18 ? 9   LEU A CD2 1 
ATOM   54   N  N   . HIS A 1 10  ? -0.929  -21.302 8.669   1.00 44.95 ? 10  HIS A N   1 
ATOM   55   C  CA  . HIS A 1 10  ? -0.076  -20.408 9.431   1.00 44.49 ? 10  HIS A CA  1 
ATOM   56   C  C   . HIS A 1 10  ? 1.164   -20.016 8.636   1.00 44.38 ? 10  HIS A C   1 
ATOM   57   O  O   . HIS A 1 10  ? 1.550   -18.848 8.618   1.00 44.05 ? 10  HIS A O   1 
ATOM   58   C  CB  . HIS A 1 10  ? 0.333   -21.049 10.759  1.00 44.33 ? 10  HIS A CB  1 
ATOM   59   C  CG  . HIS A 1 10  ? 1.453   -20.327 11.426  1.00 43.82 ? 10  HIS A CG  1 
ATOM   60   N  ND1 . HIS A 1 10  ? 1.264   -19.150 12.118  1.00 43.60 ? 10  HIS A ND1 1 
ATOM   61   C  CD2 . HIS A 1 10  ? 2.782   -20.561 11.430  1.00 40.71 ? 10  HIS A CD2 1 
ATOM   62   C  CE1 . HIS A 1 10  ? 2.426   -18.712 12.554  1.00 41.35 ? 10  HIS A CE1 1 
ATOM   63   N  NE2 . HIS A 1 10  ? 3.361   -19.553 12.154  1.00 43.27 ? 10  HIS A NE2 1 
ATOM   64   N  N   . GLU A 1 11  ? 1.782   -20.998 7.980   1.00 44.72 ? 11  GLU A N   1 
ATOM   65   C  CA  . GLU A 1 11  ? 2.932   -20.745 7.108   1.00 45.00 ? 11  GLU A CA  1 
ATOM   66   C  C   . GLU A 1 11  ? 2.566   -19.891 5.901   1.00 44.77 ? 11  GLU A C   1 
ATOM   67   O  O   . GLU A 1 11  ? 3.338   -19.037 5.499   1.00 45.09 ? 11  GLU A O   1 
ATOM   68   C  CB  . GLU A 1 11  ? 3.604   -22.058 6.686   1.00 45.26 ? 11  GLU A CB  1 
ATOM   69   C  CG  . GLU A 1 11  ? 4.682   -22.522 7.668   1.00 46.84 ? 11  GLU A CG  1 
ATOM   70   C  CD  . GLU A 1 11  ? 4.945   -24.028 7.630   1.00 49.96 ? 11  GLU A CD  1 
ATOM   71   O  OE1 . GLU A 1 11  ? 5.554   -24.549 8.600   1.00 51.17 ? 11  GLU A OE1 1 
ATOM   72   O  OE2 . GLU A 1 11  ? 4.553   -24.698 6.645   1.00 50.64 ? 11  GLU A OE2 1 
ATOM   73   N  N   . LEU A 1 12  ? 1.375   -20.116 5.341   1.00 44.74 ? 12  LEU A N   1 
ATOM   74   C  CA  . LEU A 1 12  ? 0.842   -19.266 4.276   1.00 44.19 ? 12  LEU A CA  1 
ATOM   75   C  C   . LEU A 1 12  ? 0.648   -17.826 4.755   1.00 43.52 ? 12  LEU A C   1 
ATOM   76   O  O   . LEU A 1 12  ? 0.950   -16.876 4.036   1.00 43.63 ? 12  LEU A O   1 
ATOM   77   C  CB  . LEU A 1 12  ? -0.488  -19.817 3.740   1.00 44.31 ? 12  LEU A CB  1 
ATOM   78   C  CG  . LEU A 1 12  ? -0.963  -19.467 2.315   1.00 44.42 ? 12  LEU A CG  1 
ATOM   79   C  CD1 . LEU A 1 12  ? -2.482  -19.315 2.290   1.00 44.00 ? 12  LEU A CD1 1 
ATOM   80   C  CD2 . LEU A 1 12  ? -0.307  -18.227 1.742   1.00 43.69 ? 12  LEU A CD2 1 
ATOM   81   N  N   . GLU A 1 13  ? 0.145   -17.658 5.967   1.00 43.07 ? 13  GLU A N   1 
ATOM   82   C  CA  . GLU A 1 13  ? 0.048   -16.315 6.541   1.00 43.06 ? 13  GLU A CA  1 
ATOM   83   C  C   . GLU A 1 13  ? 1.415   -15.609 6.665   1.00 42.75 ? 13  GLU A C   1 
ATOM   84   O  O   . GLU A 1 13  ? 1.507   -14.392 6.479   1.00 42.81 ? 13  GLU A O   1 
ATOM   85   C  CB  . GLU A 1 13  ? -0.647  -16.359 7.895   1.00 42.87 ? 13  GLU A CB  1 
ATOM   86   C  CG  . GLU A 1 13  ? -0.911  -14.986 8.479   1.00 43.43 ? 13  GLU A CG  1 
ATOM   87   C  CD  . GLU A 1 13  ? -1.933  -15.027 9.592   1.00 45.58 ? 13  GLU A CD  1 
ATOM   88   O  OE1 . GLU A 1 13  ? -1.687  -15.686 10.623  1.00 44.47 ? 13  GLU A OE1 1 
ATOM   89   O  OE2 . GLU A 1 13  ? -2.994  -14.400 9.419   1.00 47.50 ? 13  GLU A OE2 1 
ATOM   90   N  N   . GLN A 1 14  ? 2.461   -16.368 6.980   1.00 42.01 ? 14  GLN A N   1 
ATOM   91   C  CA  . GLN A 1 14  ? 3.786   -15.780 7.149   1.00 42.28 ? 14  GLN A CA  1 
ATOM   92   C  C   . GLN A 1 14  ? 4.380   -15.340 5.818   1.00 42.24 ? 14  GLN A C   1 
ATOM   93   O  O   . GLN A 1 14  ? 5.053   -14.302 5.761   1.00 42.51 ? 14  GLN A O   1 
ATOM   94   C  CB  . GLN A 1 14  ? 4.749   -16.724 7.900   1.00 41.53 ? 14  GLN A CB  1 
ATOM   95   C  CG  . GLN A 1 14  ? 4.509   -16.790 9.418   1.00 41.27 ? 14  GLN A CG  1 
ATOM   96   C  CD  . GLN A 1 14  ? 4.633   -15.433 10.121  1.00 40.10 ? 14  GLN A CD  1 
ATOM   97   O  OE1 . GLN A 1 14  ? 3.716   -14.992 10.818  1.00 40.73 ? 14  GLN A OE1 1 
ATOM   98   N  NE2 . GLN A 1 14  ? 5.766   -14.779 9.938   1.00 37.67 ? 14  GLN A NE2 1 
ATOM   99   N  N   . SER A 1 15  ? 4.136   -16.128 4.766   1.00 41.76 ? 15  SER A N   1 
ATOM   100  C  CA  . SER A 1 15  ? 4.503   -15.745 3.398   1.00 42.05 ? 15  SER A CA  1 
ATOM   101  C  C   . SER A 1 15  ? 3.902   -14.394 3.027   1.00 41.52 ? 15  SER A C   1 
ATOM   102  O  O   . SER A 1 15  ? 4.589   -13.535 2.479   1.00 42.05 ? 15  SER A O   1 
ATOM   103  C  CB  . SER A 1 15  ? 4.027   -16.792 2.380   1.00 42.21 ? 15  SER A CB  1 
ATOM   104  O  OG  . SER A 1 15  ? 4.771   -17.993 2.488   1.00 44.38 ? 15  SER A OG  1 
ATOM   105  N  N   . PHE A 1 16  ? 2.617   -14.227 3.338   1.00 41.15 ? 16  PHE A N   1 
ATOM   106  C  CA  . PHE A 1 16  ? 1.856   -13.010 3.059   1.00 40.59 ? 16  PHE A CA  1 
ATOM   107  C  C   . PHE A 1 16  ? 2.360   -11.785 3.849   1.00 40.69 ? 16  PHE A C   1 
ATOM   108  O  O   . PHE A 1 16  ? 2.527   -10.706 3.281   1.00 40.96 ? 16  PHE A O   1 
ATOM   109  C  CB  . PHE A 1 16  ? 0.359   -13.287 3.296   1.00 40.42 ? 16  PHE A CB  1 
ATOM   110  C  CG  . PHE A 1 16  ? -0.489  -12.052 3.338   1.00 40.96 ? 16  PHE A CG  1 
ATOM   111  C  CD1 . PHE A 1 16  ? -0.865  -11.500 4.559   1.00 39.77 ? 16  PHE A CD1 1 
ATOM   112  C  CD2 . PHE A 1 16  ? -0.903  -11.425 2.149   1.00 41.12 ? 16  PHE A CD2 1 
ATOM   113  C  CE1 . PHE A 1 16  ? -1.627  -10.357 4.603   1.00 41.91 ? 16  PHE A CE1 1 
ATOM   114  C  CE2 . PHE A 1 16  ? -1.663  -10.264 2.187   1.00 40.88 ? 16  PHE A CE2 1 
ATOM   115  C  CZ  . PHE A 1 16  ? -2.042  -9.732  3.409   1.00 40.48 ? 16  PHE A CZ  1 
ATOM   116  N  N   . LEU A 1 17  ? 2.619   -11.955 5.146   1.00 40.47 ? 17  LEU A N   1 
ATOM   117  C  CA  . LEU A 1 17  ? 3.246   -10.890 5.956   1.00 40.59 ? 17  LEU A CA  1 
ATOM   118  C  C   . LEU A 1 17  ? 4.648   -10.502 5.461   1.00 40.43 ? 17  LEU A C   1 
ATOM   119  O  O   . LEU A 1 17  ? 4.988   -9.307  5.427   1.00 39.99 ? 17  LEU A O   1 
ATOM   120  C  CB  . LEU A 1 17  ? 3.283   -11.257 7.454   1.00 40.10 ? 17  LEU A CB  1 
ATOM   121  C  CG  . LEU A 1 17  ? 1.923   -11.597 8.077   1.00 39.27 ? 17  LEU A CG  1 
ATOM   122  C  CD1 . LEU A 1 17  ? 2.127   -12.014 9.514   1.00 37.48 ? 17  LEU A CD1 1 
ATOM   123  C  CD2 . LEU A 1 17  ? 0.957   -10.449 8.000   1.00 37.32 ? 17  LEU A CD2 1 
ATOM   124  N  N   . GLY A 1 18  ? 5.439   -11.513 5.076   1.00 40.48 ? 18  GLY A N   1 
ATOM   125  C  CA  . GLY A 1 18  ? 6.718   -11.308 4.375   1.00 40.73 ? 18  GLY A CA  1 
ATOM   126  C  C   . GLY A 1 18  ? 6.554   -10.387 3.171   1.00 41.25 ? 18  GLY A C   1 
ATOM   127  O  O   . GLY A 1 18  ? 7.275   -9.401  3.040   1.00 41.91 ? 18  GLY A O   1 
ATOM   128  N  N   . LEU A 1 19  ? 5.580   -10.683 2.309   1.00 40.82 ? 19  LEU A N   1 
ATOM   129  C  CA  . LEU A 1 19  ? 5.270   -9.820  1.180   1.00 40.90 ? 19  LEU A CA  1 
ATOM   130  C  C   . LEU A 1 19  ? 4.910   -8.409  1.634   1.00 41.23 ? 19  LEU A C   1 
ATOM   131  O  O   . LEU A 1 19  ? 5.378   -7.444  1.054   1.00 40.87 ? 19  LEU A O   1 
ATOM   132  C  CB  . LEU A 1 19  ? 4.105   -10.383 0.362   1.00 40.05 ? 19  LEU A CB  1 
ATOM   133  C  CG  . LEU A 1 19  ? 4.183   -10.468 -1.168  1.00 41.16 ? 19  LEU A CG  1 
ATOM   134  C  CD1 . LEU A 1 19  ? 2.769   -10.388 -1.847  1.00 36.71 ? 19  LEU A CD1 1 
ATOM   135  C  CD2 . LEU A 1 19  ? 5.216   -9.507  -1.834  1.00 39.73 ? 19  LEU A CD2 1 
ATOM   136  N  N   . GLY A 1 20  ? 4.050   -8.310  2.653   1.00 41.71 ? 20  GLY A N   1 
ATOM   137  C  CA  . GLY A 1 20  ? 3.608   -7.025  3.197   1.00 42.02 ? 20  GLY A CA  1 
ATOM   138  C  C   . GLY A 1 20  ? 4.720   -6.222  3.846   1.00 42.56 ? 20  GLY A C   1 
ATOM   139  O  O   . GLY A 1 20  ? 4.751   -4.997  3.736   1.00 43.46 ? 20  GLY A O   1 
ATOM   140  N  N   . GLN A 1 21  ? 5.621   -6.904  4.549   1.00 42.69 ? 21  GLN A N   1 
ATOM   141  C  CA  . GLN A 1 21  ? 6.842   -6.281  5.051   1.00 42.90 ? 21  GLN A CA  1 
ATOM   142  C  C   . GLN A 1 21  ? 7.735   -5.783  3.897   1.00 42.41 ? 21  GLN A C   1 
ATOM   143  O  O   . GLN A 1 21  ? 8.296   -4.700  3.966   1.00 42.38 ? 21  GLN A O   1 
ATOM   144  C  CB  . GLN A 1 21  ? 7.593   -7.274  5.935   1.00 43.37 ? 21  GLN A CB  1 
ATOM   145  C  CG  . GLN A 1 21  ? 8.781   -6.695  6.654   1.00 45.74 ? 21  GLN A CG  1 
ATOM   146  C  CD  . GLN A 1 21  ? 8.405   -5.562  7.606   1.00 50.03 ? 21  GLN A CD  1 
ATOM   147  O  OE1 . GLN A 1 21  ? 9.157   -4.582  7.733   1.00 53.32 ? 21  GLN A OE1 1 
ATOM   148  N  NE2 . GLN A 1 21  ? 7.255   -5.692  8.287   1.00 47.04 ? 21  GLN A NE2 1 
ATOM   149  N  N   . LEU A 1 22  ? 7.853   -6.570  2.835   1.00 42.12 ? 22  LEU A N   1 
ATOM   150  C  CA  . LEU A 1 22  ? 8.558   -6.116  1.647   1.00 42.27 ? 22  LEU A CA  1 
ATOM   151  C  C   . LEU A 1 22  ? 7.929   -4.831  1.078   1.00 42.20 ? 22  LEU A C   1 
ATOM   152  O  O   . LEU A 1 22  ? 8.655   -3.879  0.794   1.00 41.47 ? 22  LEU A O   1 
ATOM   153  C  CB  . LEU A 1 22  ? 8.665   -7.220  0.583   1.00 42.35 ? 22  LEU A CB  1 
ATOM   154  C  CG  . LEU A 1 22  ? 9.424   -6.873  -0.711  1.00 43.22 ? 22  LEU A CG  1 
ATOM   155  C  CD1 . LEU A 1 22  ? 10.854  -6.410  -0.412  1.00 42.76 ? 22  LEU A CD1 1 
ATOM   156  C  CD2 . LEU A 1 22  ? 9.428   -8.046  -1.706  1.00 42.31 ? 22  LEU A CD2 1 
ATOM   157  N  N   . VAL A 1 23  ? 6.597   -4.784  0.929   1.00 42.23 ? 23  VAL A N   1 
ATOM   158  C  CA  . VAL A 1 23  ? 5.975   -3.531  0.434   1.00 42.52 ? 23  VAL A CA  1 
ATOM   159  C  C   . VAL A 1 23  ? 6.033   -2.349  1.403   1.00 42.36 ? 23  VAL A C   1 
ATOM   160  O  O   . VAL A 1 23  ? 6.026   -1.211  0.952   1.00 42.17 ? 23  VAL A O   1 
ATOM   161  C  CB  . VAL A 1 23  ? 4.579   -3.677  -0.322  1.00 42.61 ? 23  VAL A CB  1 
ATOM   162  C  CG1 . VAL A 1 23  ? 4.046   -5.089  -0.324  1.00 44.36 ? 23  VAL A CG1 1 
ATOM   163  C  CG2 . VAL A 1 23  ? 3.541   -2.664  0.129   1.00 40.81 ? 23  VAL A CG2 1 
ATOM   164  N  N   . LEU A 1 24  ? 6.117   -2.622  2.708   1.00 42.77 ? 24  LEU A N   1 
ATOM   165  C  CA  . LEU A 1 24  ? 6.317   -1.558  3.704   1.00 43.32 ? 24  LEU A CA  1 
ATOM   166  C  C   . LEU A 1 24  ? 7.709   -0.951  3.567   1.00 43.77 ? 24  LEU A C   1 
ATOM   167  O  O   . LEU A 1 24  ? 7.856   0.265   3.561   1.00 44.28 ? 24  LEU A O   1 
ATOM   168  C  CB  . LEU A 1 24  ? 6.065   -2.041  5.142   1.00 42.72 ? 24  LEU A CB  1 
ATOM   169  C  CG  . LEU A 1 24  ? 6.214   -0.978  6.245   1.00 42.90 ? 24  LEU A CG  1 
ATOM   170  C  CD1 . LEU A 1 24  ? 5.264   0.210   6.116   1.00 42.19 ? 24  LEU A CD1 1 
ATOM   171  C  CD2 . LEU A 1 24  ? 6.095   -1.593  7.643   1.00 43.01 ? 24  LEU A CD2 1 
ATOM   172  N  N   . GLU A 1 25  ? 8.717   -1.807  3.440   1.00 44.14 ? 25  GLU A N   1 
ATOM   173  C  CA  . GLU A 1 25  ? 10.073  -1.367  3.158   1.00 44.98 ? 25  GLU A CA  1 
ATOM   174  C  C   . GLU A 1 25  ? 10.200  -0.526  1.892   1.00 44.48 ? 25  GLU A C   1 
ATOM   175  O  O   . GLU A 1 25  ? 10.849  0.523   1.908   1.00 45.08 ? 25  GLU A O   1 
ATOM   176  C  CB  . GLU A 1 25  ? 11.023  -2.563  3.098   1.00 45.39 ? 25  GLU A CB  1 
ATOM   177  C  CG  . GLU A 1 25  ? 11.308  -3.154  4.476   1.00 49.99 ? 25  GLU A CG  1 
ATOM   178  C  CD  . GLU A 1 25  ? 12.042  -4.488  4.415   1.00 55.88 ? 25  GLU A CD  1 
ATOM   179  O  OE1 . GLU A 1 25  ? 12.257  -5.023  3.293   1.00 58.38 ? 25  GLU A OE1 1 
ATOM   180  O  OE2 . GLU A 1 25  ? 12.397  -5.007  5.502   1.00 57.55 ? 25  GLU A OE2 1 
ATOM   181  N  N   . THR A 1 26  ? 9.595   -0.970  0.797   1.00 44.19 ? 26  THR A N   1 
ATOM   182  C  CA  . THR A 1 26  ? 9.739   -0.226  -0.467  1.00 43.86 ? 26  THR A CA  1 
ATOM   183  C  C   . THR A 1 26  ? 8.967   1.093   -0.461  1.00 43.75 ? 26  THR A C   1 
ATOM   184  O  O   . THR A 1 26  ? 9.385   2.046   -1.103  1.00 43.69 ? 26  THR A O   1 
ATOM   185  C  CB  . THR A 1 26  ? 9.504   -1.074  -1.768  1.00 43.75 ? 26  THR A CB  1 
ATOM   186  O  OG1 . THR A 1 26  ? 8.517   -0.444  -2.592  1.00 44.47 ? 26  THR A OG1 1 
ATOM   187  C  CG2 . THR A 1 26  ? 9.082   -2.478  -1.467  1.00 41.56 ? 26  THR A CG2 1 
ATOM   188  N  N   . ALA A 1 27  ? 7.866   1.140   0.287   1.00 43.44 ? 27  ALA A N   1 
ATOM   189  C  CA  . ALA A 1 27  ? 7.113   2.364   0.504   1.00 43.41 ? 27  ALA A CA  1 
ATOM   190  C  C   . ALA A 1 27  ? 7.971   3.372   1.266   1.00 43.49 ? 27  ALA A C   1 
ATOM   191  O  O   . ALA A 1 27  ? 8.094   4.539   0.883   1.00 43.11 ? 27  ALA A O   1 
ATOM   192  C  CB  . ALA A 1 27  ? 5.800   2.057   1.269   1.00 43.09 ? 27  ALA A CB  1 
ATOM   193  N  N   . SER A 1 28  ? 8.564   2.889   2.353   1.00 44.23 ? 28  SER A N   1 
ATOM   194  C  CA  . SER A 1 28  ? 9.551   3.638   3.139   1.00 45.01 ? 28  SER A CA  1 
ATOM   195  C  C   . SER A 1 28  ? 10.742  4.162   2.308   1.00 44.67 ? 28  SER A C   1 
ATOM   196  O  O   . SER A 1 28  ? 11.062  5.353   2.362   1.00 44.41 ? 28  SER A O   1 
ATOM   197  C  CB  . SER A 1 28  ? 10.027  2.782   4.309   1.00 44.52 ? 28  SER A CB  1 
ATOM   198  O  OG  . SER A 1 28  ? 11.120  3.423   4.924   1.00 48.38 ? 28  SER A OG  1 
ATOM   199  N  N   . LYS A 1 29  ? 11.373  3.265   1.545   1.00 44.89 ? 29  LYS A N   1 
ATOM   200  C  CA  . LYS A 1 29  ? 12.404  3.609   0.537   1.00 45.02 ? 29  LYS A CA  1 
ATOM   201  C  C   . LYS A 1 29  ? 11.921  4.620   -0.529  1.00 44.22 ? 29  LYS A C   1 
ATOM   202  O  O   . LYS A 1 29  ? 12.637  5.564   -0.853  1.00 43.97 ? 29  LYS A O   1 
ATOM   203  C  CB  . LYS A 1 29  ? 12.947  2.332   -0.149  1.00 44.84 ? 29  LYS A CB  1 
ATOM   204  C  CG  . LYS A 1 29  ? 14.220  1.734   0.475   1.00 46.33 ? 29  LYS A CG  1 
ATOM   205  C  CD  . LYS A 1 29  ? 14.437  0.218   0.189   1.00 46.65 ? 29  LYS A CD  1 
ATOM   206  C  CE  . LYS A 1 29  ? 13.865  -0.287  -1.174  1.00 49.12 ? 29  LYS A CE  1 
ATOM   207  N  NZ  . LYS A 1 29  ? 13.783  -1.806  -1.276  1.00 47.95 ? 29  LYS A NZ  1 
ATOM   208  N  N   . ALA A 1 30  ? 10.720  4.418   -1.071  1.00 43.56 ? 30  ALA A N   1 
ATOM   209  C  CA  . ALA A 1 30  ? 10.122  5.365   -2.035  1.00 43.73 ? 30  ALA A CA  1 
ATOM   210  C  C   . ALA A 1 30  ? 10.027  6.797   -1.503  1.00 43.82 ? 30  ALA A C   1 
ATOM   211  O  O   . ALA A 1 30  ? 10.324  7.757   -2.218  1.00 43.57 ? 30  ALA A O   1 
ATOM   212  C  CB  . ALA A 1 30  ? 8.727   4.889   -2.492  1.00 43.32 ? 30  ALA A CB  1 
ATOM   213  N  N   . LEU A 1 31  ? 9.592   6.924   -0.252  1.00 43.81 ? 31  LEU A N   1 
ATOM   214  C  CA  . LEU A 1 31  ? 9.377   8.225   0.360   1.00 43.53 ? 31  LEU A CA  1 
ATOM   215  C  C   . LEU A 1 31  ? 10.670  8.873   0.789   1.00 43.37 ? 31  LEU A C   1 
ATOM   216  O  O   . LEU A 1 31  ? 10.779  10.097  0.753   1.00 43.96 ? 31  LEU A O   1 
ATOM   217  C  CB  . LEU A 1 31  ? 8.378   8.116   1.521   1.00 43.62 ? 31  LEU A CB  1 
ATOM   218  C  CG  . LEU A 1 31  ? 6.965   7.786   1.005   1.00 43.62 ? 31  LEU A CG  1 
ATOM   219  C  CD1 . LEU A 1 31  ? 6.016   7.446   2.147   1.00 44.67 ? 31  LEU A CD1 1 
ATOM   220  C  CD2 . LEU A 1 31  ? 6.392   8.915   0.119   1.00 42.35 ? 31  LEU A CD2 1 
ATOM   221  N  N   . LEU A 1 32  ? 11.645  8.056   1.193   1.00 43.07 ? 32  LEU A N   1 
ATOM   222  C  CA  . LEU A 1 32  ? 13.002  8.536   1.438   1.00 42.75 ? 32  LEU A CA  1 
ATOM   223  C  C   . LEU A 1 32  ? 13.650  8.991   0.136   1.00 42.55 ? 32  LEU A C   1 
ATOM   224  O  O   . LEU A 1 32  ? 14.276  10.049  0.103   1.00 42.97 ? 32  LEU A O   1 
ATOM   225  C  CB  . LEU A 1 32  ? 13.874  7.476   2.148   1.00 42.71 ? 32  LEU A CB  1 
ATOM   226  C  CG  . LEU A 1 32  ? 15.410  7.626   2.150   1.00 43.31 ? 32  LEU A CG  1 
ATOM   227  C  CD1 . LEU A 1 32  ? 15.911  8.905   2.860   1.00 41.92 ? 32  LEU A CD1 1 
ATOM   228  C  CD2 . LEU A 1 32  ? 16.078  6.385   2.739   1.00 43.17 ? 32  LEU A CD2 1 
ATOM   229  N  N   . ALA A 1 33  ? 13.509  8.205   -0.933  1.00 42.15 ? 33  ALA A N   1 
ATOM   230  C  CA  . ALA A 1 33  ? 14.025  8.626   -2.241  1.00 42.25 ? 33  ALA A CA  1 
ATOM   231  C  C   . ALA A 1 33  ? 13.410  9.956   -2.689  1.00 42.21 ? 33  ALA A C   1 
ATOM   232  O  O   . ALA A 1 33  ? 14.058  10.720  -3.400  1.00 42.68 ? 33  ALA A O   1 
ATOM   233  C  CB  . ALA A 1 33  ? 13.827  7.548   -3.303  1.00 42.14 ? 33  ALA A CB  1 
ATOM   234  N  N   . LEU A 1 34  ? 12.180  10.226  -2.248  1.00 41.78 ? 34  LEU A N   1 
ATOM   235  C  CA  . LEU A 1 34  ? 11.466  11.470  -2.547  1.00 41.67 ? 34  LEU A CA  1 
ATOM   236  C  C   . LEU A 1 34  ? 11.955  12.642  -1.701  1.00 41.75 ? 34  LEU A C   1 
ATOM   237  O  O   . LEU A 1 34  ? 12.142  13.736  -2.228  1.00 41.72 ? 34  LEU A O   1 
ATOM   238  C  CB  . LEU A 1 34  ? 9.959   11.299  -2.306  1.00 41.74 ? 34  LEU A CB  1 
ATOM   239  C  CG  . LEU A 1 34  ? 8.912   12.175  -3.006  1.00 41.77 ? 34  LEU A CG  1 
ATOM   240  C  CD1 . LEU A 1 34  ? 7.654   12.207  -2.166  1.00 42.67 ? 34  LEU A CD1 1 
ATOM   241  C  CD2 . LEU A 1 34  ? 9.351   13.598  -3.307  1.00 42.39 ? 34  LEU A CD2 1 
ATOM   242  N  N   . ALA A 1 35  ? 12.119  12.420  -0.394  1.00 41.73 ? 35  ALA A N   1 
ATOM   243  C  CA  . ALA A 1 35  ? 12.601  13.452  0.527   1.00 41.93 ? 35  ALA A CA  1 
ATOM   244  C  C   . ALA A 1 35  ? 14.019  13.888  0.182   1.00 42.10 ? 35  ALA A C   1 
ATOM   245  O  O   . ALA A 1 35  ? 14.330  15.076  0.224   1.00 42.13 ? 35  ALA A O   1 
ATOM   246  C  CB  . ALA A 1 35  ? 12.541  12.968  1.974   1.00 41.63 ? 35  ALA A CB  1 
ATOM   247  N  N   . SER A 1 36  ? 14.867  12.923  -0.165  1.00 42.33 ? 36  SER A N   1 
ATOM   248  C  CA  . SER A 1 36  ? 16.268  13.192  -0.441  1.00 42.67 ? 36  SER A CA  1 
ATOM   249  C  C   . SER A 1 36  ? 16.573  13.380  -1.926  1.00 43.05 ? 36  SER A C   1 
ATOM   250  O  O   . SER A 1 36  ? 17.730  13.575  -2.295  1.00 43.15 ? 36  SER A O   1 
ATOM   251  C  CB  . SER A 1 36  ? 17.156  12.094  0.160   1.00 42.60 ? 36  SER A CB  1 
ATOM   252  O  OG  . SER A 1 36  ? 16.931  10.842  -0.450  1.00 42.94 ? 36  SER A OG  1 
ATOM   253  N  N   . LYS A 1 37  ? 15.543  13.326  -2.772  1.00 43.63 ? 37  LYS A N   1 
ATOM   254  C  CA  . LYS A 1 37  ? 15.712  13.464  -4.231  1.00 44.35 ? 37  LYS A CA  1 
ATOM   255  C  C   . LYS A 1 37  ? 16.759  12.496  -4.797  1.00 44.63 ? 37  LYS A C   1 
ATOM   256  O  O   . LYS A 1 37  ? 17.557  12.856  -5.668  1.00 44.77 ? 37  LYS A O   1 
ATOM   257  C  CB  . LYS A 1 37  ? 16.047  14.919  -4.617  1.00 44.41 ? 37  LYS A CB  1 
ATOM   258  C  CG  . LYS A 1 37  ? 14.841  15.766  -5.024  1.00 45.09 ? 37  LYS A CG  1 
ATOM   259  C  CD  . LYS A 1 37  ? 14.063  16.263  -3.819  1.00 45.96 ? 37  LYS A CD  1 
ATOM   260  C  CE  . LYS A 1 37  ? 12.583  16.387  -4.132  1.00 44.88 ? 37  LYS A CE  1 
ATOM   261  N  NZ  . LYS A 1 37  ? 11.805  16.737  -2.912  1.00 45.07 ? 37  LYS A NZ  1 
ATOM   262  N  N   . ASP A 1 38  ? 16.745  11.266  -4.286  1.00 44.93 ? 38  ASP A N   1 
ATOM   263  C  CA  . ASP A 1 38  ? 17.717  10.244  -4.657  1.00 45.10 ? 38  ASP A CA  1 
ATOM   264  C  C   . ASP A 1 38  ? 17.223  9.465   -5.881  1.00 45.34 ? 38  ASP A C   1 
ATOM   265  O  O   . ASP A 1 38  ? 16.543  8.433   -5.759  1.00 45.17 ? 38  ASP A O   1 
ATOM   266  C  CB  . ASP A 1 38  ? 17.958  9.320   -3.463  1.00 45.19 ? 38  ASP A CB  1 
ATOM   267  C  CG  . ASP A 1 38  ? 19.057  8.296   -3.703  1.00 45.93 ? 38  ASP A CG  1 
ATOM   268  O  OD1 . ASP A 1 38  ? 19.515  7.706   -2.703  1.00 46.88 ? 38  ASP A OD1 1 
ATOM   269  O  OD2 . ASP A 1 38  ? 19.459  8.061   -4.867  1.00 46.78 ? 38  ASP A OD2 1 
ATOM   270  N  N   . LYS A 1 39  ? 17.578  9.970   -7.060  1.00 45.63 ? 39  LYS A N   1 
ATOM   271  C  CA  . LYS A 1 39  ? 17.138  9.388   -8.325  1.00 46.16 ? 39  LYS A CA  1 
ATOM   272  C  C   . LYS A 1 39  ? 17.685  7.980   -8.572  1.00 46.41 ? 39  LYS A C   1 
ATOM   273  O  O   . LYS A 1 39  ? 17.094  7.197   -9.314  1.00 46.68 ? 39  LYS A O   1 
ATOM   274  C  CB  . LYS A 1 39  ? 17.473  10.319  -9.490  1.00 46.22 ? 39  LYS A CB  1 
ATOM   275  C  CG  . LYS A 1 39  ? 16.663  11.609  -9.471  1.00 46.82 ? 39  LYS A CG  1 
ATOM   276  C  CD  . LYS A 1 39  ? 16.831  12.419  -10.757 1.00 47.14 ? 39  LYS A CD  1 
ATOM   277  C  CE  . LYS A 1 39  ? 16.216  13.804  -10.587 1.00 47.74 ? 39  LYS A CE  1 
ATOM   278  N  NZ  . LYS A 1 39  ? 15.687  14.363  -11.861 1.00 48.32 ? 39  LYS A NZ  1 
ATOM   279  N  N   . GLU A 1 40  ? 18.802  7.663   -7.928  1.00 46.59 ? 40  GLU A N   1 
ATOM   280  C  CA  . GLU A 1 40  ? 19.404  6.339   -8.032  1.00 46.55 ? 40  GLU A CA  1 
ATOM   281  C  C   . GLU A 1 40  ? 18.618  5.313   -7.218  1.00 46.19 ? 40  GLU A C   1 
ATOM   282  O  O   . GLU A 1 40  ? 18.381  4.203   -7.689  1.00 46.33 ? 40  GLU A O   1 
ATOM   283  C  CB  . GLU A 1 40  ? 20.880  6.388   -7.621  1.00 46.61 ? 40  GLU A CB  1 
ATOM   284  C  CG  . GLU A 1 40  ? 21.656  7.460   -8.373  1.00 47.63 ? 40  GLU A CG  1 
ATOM   285  C  CD  . GLU A 1 40  ? 23.152  7.307   -8.245  1.00 49.80 ? 40  GLU A CD  1 
ATOM   286  O  OE1 . GLU A 1 40  ? 23.858  7.435   -9.278  1.00 49.68 ? 40  GLU A OE1 1 
ATOM   287  O  OE2 . GLU A 1 40  ? 23.623  7.058   -7.113  1.00 51.15 ? 40  GLU A OE2 1 
ATOM   288  N  N   . MET A 1 41  ? 18.199  5.696   -6.013  1.00 45.93 ? 41  MET A N   1 
ATOM   289  C  CA  . MET A 1 41  ? 17.361  4.843   -5.163  1.00 45.72 ? 41  MET A CA  1 
ATOM   290  C  C   . MET A 1 41  ? 15.999  4.615   -5.803  1.00 44.90 ? 41  MET A C   1 
ATOM   291  O  O   . MET A 1 41  ? 15.434  3.528   -5.688  1.00 44.95 ? 41  MET A O   1 
ATOM   292  C  CB  . MET A 1 41  ? 17.192  5.459   -3.772  1.00 46.03 ? 41  MET A CB  1 
ATOM   293  C  CG  . MET A 1 41  ? 16.621  4.531   -2.694  1.00 46.32 ? 41  MET A CG  1 
ATOM   294  S  SD  . MET A 1 41  ? 16.145  5.494   -1.232  1.00 47.30 ? 41  MET A SD  1 
ATOM   295  C  CE  . MET A 1 41  ? 16.105  4.239   0.036   1.00 47.76 ? 41  MET A CE  1 
ATOM   296  N  N   . ALA A 1 42  ? 15.479  5.640   -6.476  1.00 44.05 ? 42  ALA A N   1 
ATOM   297  C  CA  . ALA A 1 42  ? 14.244  5.516   -7.235  1.00 43.30 ? 42  ALA A CA  1 
ATOM   298  C  C   . ALA A 1 42  ? 14.354  4.416   -8.290  1.00 43.09 ? 42  ALA A C   1 
ATOM   299  O  O   . ALA A 1 42  ? 13.427  3.616   -8.447  1.00 42.52 ? 42  ALA A O   1 
ATOM   300  C  CB  . ALA A 1 42  ? 13.859  6.844   -7.873  1.00 43.23 ? 42  ALA A CB  1 
ATOM   301  N  N   . GLU A 1 43  ? 15.491  4.378   -8.991  1.00 42.53 ? 43  GLU A N   1 
ATOM   302  C  CA  . GLU A 1 43  ? 15.728  3.400   -10.060 1.00 42.45 ? 43  GLU A CA  1 
ATOM   303  C  C   . GLU A 1 43  ? 15.779  1.958   -9.565  1.00 41.75 ? 43  GLU A C   1 
ATOM   304  O  O   . GLU A 1 43  ? 15.297  1.056   -10.235 1.00 41.04 ? 43  GLU A O   1 
ATOM   305  C  CB  . GLU A 1 43  ? 17.021  3.719   -10.834 1.00 42.72 ? 43  GLU A CB  1 
ATOM   306  C  CG  . GLU A 1 43  ? 16.800  4.177   -12.265 1.00 44.51 ? 43  GLU A CG  1 
ATOM   307  C  CD  . GLU A 1 43  ? 17.794  3.551   -13.244 1.00 47.71 ? 43  GLU A CD  1 
ATOM   308  O  OE1 . GLU A 1 43  ? 18.092  2.340   -13.108 1.00 49.00 ? 43  GLU A OE1 1 
ATOM   309  O  OE2 . GLU A 1 43  ? 18.270  4.259   -14.164 1.00 48.13 ? 43  GLU A OE2 1 
ATOM   310  N  N   . LEU A 1 44  ? 16.395  1.749   -8.403  1.00 41.73 ? 44  LEU A N   1 
ATOM   311  C  CA  . LEU A 1 44  ? 16.456  0.426   -7.782  1.00 41.74 ? 44  LEU A CA  1 
ATOM   312  C  C   . LEU A 1 44  ? 15.062  -0.030  -7.335  1.00 41.56 ? 44  LEU A C   1 
ATOM   313  O  O   . LEU A 1 44  ? 14.729  -1.212  -7.440  1.00 41.91 ? 44  LEU A O   1 
ATOM   314  C  CB  . LEU A 1 44  ? 17.463  0.394   -6.617  1.00 41.82 ? 44  LEU A CB  1 
ATOM   315  C  CG  . LEU A 1 44  ? 18.913  0.861   -6.877  1.00 42.59 ? 44  LEU A CG  1 
ATOM   316  C  CD1 . LEU A 1 44  ? 19.703  1.011   -5.579  1.00 42.68 ? 44  LEU A CD1 1 
ATOM   317  C  CD2 . LEU A 1 44  ? 19.688  -0.019  -7.889  1.00 43.25 ? 44  LEU A CD2 1 
ATOM   318  N  N   . ILE A 1 45  ? 14.237  0.907   -6.873  1.00 41.20 ? 45  ILE A N   1 
ATOM   319  C  CA  . ILE A 1 45  ? 12.837  0.594   -6.534  1.00 40.83 ? 45  ILE A CA  1 
ATOM   320  C  C   . ILE A 1 45  ? 12.063  0.125   -7.770  1.00 40.80 ? 45  ILE A C   1 
ATOM   321  O  O   . ILE A 1 45  ? 11.271  -0.830  -7.702  1.00 41.39 ? 45  ILE A O   1 
ATOM   322  C  CB  . ILE A 1 45  ? 12.095  1.816   -5.940  1.00 40.55 ? 45  ILE A CB  1 
ATOM   323  C  CG1 . ILE A 1 45  ? 12.632  2.142   -4.544  1.00 40.69 ? 45  ILE A CG1 1 
ATOM   324  C  CG2 . ILE A 1 45  ? 10.565  1.581   -5.934  1.00 40.44 ? 45  ILE A CG2 1 
ATOM   325  C  CD1 . ILE A 1 45  ? 12.522  3.605   -4.175  1.00 39.88 ? 45  ILE A CD1 1 
ATOM   326  N  N   . ILE A 1 46  ? 12.267  0.823   -8.881  1.00 39.98 ? 46  ILE A N   1 
ATOM   327  C  CA  . ILE A 1 46  ? 11.556  0.532   -10.109 1.00 39.84 ? 46  ILE A CA  1 
ATOM   328  C  C   . ILE A 1 46  ? 11.931  -0.872  -10.598 1.00 39.87 ? 46  ILE A C   1 
ATOM   329  O  O   . ILE A 1 46  ? 11.063  -1.671  -10.934 1.00 39.48 ? 46  ILE A O   1 
ATOM   330  C  CB  . ILE A 1 46  ? 11.820  1.625   -11.170 1.00 39.76 ? 46  ILE A CB  1 
ATOM   331  C  CG1 . ILE A 1 46  ? 11.250  2.964   -10.684 1.00 38.99 ? 46  ILE A CG1 1 
ATOM   332  C  CG2 . ILE A 1 46  ? 11.241  1.236   -12.540 1.00 39.41 ? 46  ILE A CG2 1 
ATOM   333  C  CD1 . ILE A 1 46  ? 11.816  4.175   -11.410 1.00 36.32 ? 46  ILE A CD1 1 
ATOM   334  N  N   . ASN A 1 47  ? 13.225  -1.173  -10.590 1.00 39.93 ? 47  ASN A N   1 
ATOM   335  C  CA  . ASN A 1 47  ? 13.718  -2.476  -11.018 1.00 40.21 ? 47  ASN A CA  1 
ATOM   336  C  C   . ASN A 1 47  ? 13.399  -3.658  -10.082 1.00 40.55 ? 47  ASN A C   1 
ATOM   337  O  O   . ASN A 1 47  ? 13.367  -4.810  -10.527 1.00 40.76 ? 47  ASN A O   1 
ATOM   338  C  CB  . ASN A 1 47  ? 15.209  -2.388  -11.334 1.00 39.96 ? 47  ASN A CB  1 
ATOM   339  C  CG  . ASN A 1 47  ? 15.485  -1.509  -12.553 1.00 40.36 ? 47  ASN A CG  1 
ATOM   340  O  OD1 . ASN A 1 47  ? 14.769  -1.581  -13.555 1.00 40.39 ? 47  ASN A OD1 1 
ATOM   341  N  ND2 . ASN A 1 47  ? 16.517  -0.665  -12.467 1.00 39.43 ? 47  ASN A ND2 1 
ATOM   342  N  N   . LYS A 1 48  ? 13.150  -3.378  -8.801  1.00 40.61 ? 48  LYS A N   1 
ATOM   343  C  CA  . LYS A 1 48  ? 12.814  -4.436  -7.850  1.00 40.86 ? 48  LYS A CA  1 
ATOM   344  C  C   . LYS A 1 48  ? 11.322  -4.726  -7.744  1.00 40.41 ? 48  LYS A C   1 
ATOM   345  O  O   . LYS A 1 48  ? 10.925  -5.679  -7.066  1.00 40.22 ? 48  LYS A O   1 
ATOM   346  C  CB  . LYS A 1 48  ? 13.382  -4.145  -6.463  1.00 41.39 ? 48  LYS A CB  1 
ATOM   347  C  CG  . LYS A 1 48  ? 14.868  -4.478  -6.337  1.00 43.93 ? 48  LYS A CG  1 
ATOM   348  C  CD  . LYS A 1 48  ? 15.257  -4.838  -4.906  1.00 47.04 ? 48  LYS A CD  1 
ATOM   349  C  CE  . LYS A 1 48  ? 15.176  -3.642  -3.963  1.00 48.89 ? 48  LYS A CE  1 
ATOM   350  N  NZ  . LYS A 1 48  ? 16.367  -3.611  -3.042  1.00 48.67 ? 48  LYS A NZ  1 
ATOM   351  N  N   . ASP A 1 49  ? 10.496  -3.930  -8.424  1.00 40.04 ? 49  ASP A N   1 
ATOM   352  C  CA  . ASP A 1 49  ? 9.051   -4.147  -8.370  1.00 40.31 ? 49  ASP A CA  1 
ATOM   353  C  C   . ASP A 1 49  ? 8.634   -5.574  -8.769  1.00 40.12 ? 49  ASP A C   1 
ATOM   354  O  O   . ASP A 1 49  ? 7.735   -6.132  -8.162  1.00 40.38 ? 49  ASP A O   1 
ATOM   355  C  CB  . ASP A 1 49  ? 8.266   -3.109  -9.182  1.00 40.01 ? 49  ASP A CB  1 
ATOM   356  C  CG  . ASP A 1 49  ? 6.765   -3.232  -8.960  1.00 40.44 ? 49  ASP A CG  1 
ATOM   357  O  OD1 . ASP A 1 49  ? 6.260   -2.772  -7.903  1.00 41.29 ? 49  ASP A OD1 1 
ATOM   358  O  OD2 . ASP A 1 49  ? 6.085   -3.830  -9.820  1.00 39.70 ? 49  ASP A OD2 1 
ATOM   359  N  N   . HIS A 1 50  ? 9.303   -6.163  -9.754  1.00 39.91 ? 50  HIS A N   1 
ATOM   360  C  CA  . HIS A 1 50  ? 8.963   -7.514  -10.219 1.00 40.38 ? 50  HIS A CA  1 
ATOM   361  C  C   . HIS A 1 50  ? 9.102   -8.628  -9.168  1.00 39.85 ? 50  HIS A C   1 
ATOM   362  O  O   . HIS A 1 50  ? 8.418   -9.650  -9.260  1.00 39.76 ? 50  HIS A O   1 
ATOM   363  C  CB  . HIS A 1 50  ? 9.748   -7.904  -11.483 1.00 40.91 ? 50  HIS A CB  1 
ATOM   364  C  CG  . HIS A 1 50  ? 9.264   -9.177  -12.105 1.00 43.25 ? 50  HIS A CG  1 
ATOM   365  N  ND1 . HIS A 1 50  ? 10.005  -10.340 -12.095 1.00 45.37 ? 50  HIS A ND1 1 
ATOM   366  C  CD2 . HIS A 1 50  ? 8.088   -9.483  -12.705 1.00 45.22 ? 50  HIS A CD2 1 
ATOM   367  C  CE1 . HIS A 1 50  ? 9.323   -11.297 -12.704 1.00 46.94 ? 50  HIS A CE1 1 
ATOM   368  N  NE2 . HIS A 1 50  ? 8.151   -10.807 -13.072 1.00 47.04 ? 50  HIS A NE2 1 
ATOM   369  N  N   . ALA A 1 51  ? 9.983   -8.437  -8.186  1.00 39.22 ? 51  ALA A N   1 
ATOM   370  C  CA  . ALA A 1 51  ? 10.073  -9.374  -7.067  1.00 39.18 ? 51  ALA A CA  1 
ATOM   371  C  C   . ALA A 1 51  ? 8.779   -9.402  -6.221  1.00 38.90 ? 51  ALA A C   1 
ATOM   372  O  O   . ALA A 1 51  ? 8.440   -10.426 -5.626  1.00 38.89 ? 51  ALA A O   1 
ATOM   373  C  CB  . ALA A 1 51  ? 11.284  -9.075  -6.208  1.00 38.78 ? 51  ALA A CB  1 
ATOM   374  N  N   . ILE A 1 52  ? 8.048   -8.292  -6.191  1.00 38.79 ? 52  ILE A N   1 
ATOM   375  C  CA  . ILE A 1 52  ? 6.754   -8.252  -5.493  1.00 38.75 ? 52  ILE A CA  1 
ATOM   376  C  C   . ILE A 1 52  ? 5.690   -8.984  -6.332  1.00 39.80 ? 52  ILE A C   1 
ATOM   377  O  O   . ILE A 1 52  ? 4.858   -9.726  -5.793  1.00 39.67 ? 52  ILE A O   1 
ATOM   378  C  CB  . ILE A 1 52  ? 6.311   -6.800  -5.155  1.00 38.77 ? 52  ILE A CB  1 
ATOM   379  C  CG1 . ILE A 1 52  ? 7.328   -6.140  -4.198  1.00 37.92 ? 52  ILE A CG1 1 
ATOM   380  C  CG2 . ILE A 1 52  ? 4.895   -6.798  -4.516  1.00 39.29 ? 52  ILE A CG2 1 
ATOM   381  C  CD1 . ILE A 1 52  ? 7.243   -4.638  -4.085  1.00 37.17 ? 52  ILE A CD1 1 
ATOM   382  N  N   . ASN A 1 53  ? 5.736   -8.788  -7.652  1.00 40.26 ? 53  ASN A N   1 
ATOM   383  C  CA  . ASN A 1 53  ? 4.878   -9.529  -8.559  1.00 40.56 ? 53  ASN A CA  1 
ATOM   384  C  C   . ASN A 1 53  ? 5.142   -11.023 -8.343  1.00 41.02 ? 53  ASN A C   1 
ATOM   385  O  O   . ASN A 1 53  ? 4.209   -11.786 -8.065  1.00 41.35 ? 53  ASN A O   1 
ATOM   386  C  CB  . ASN A 1 53  ? 5.167   -9.133  -10.009 1.00 40.68 ? 53  ASN A CB  1 
ATOM   387  C  CG  . ASN A 1 53  ? 4.554   -7.792  -10.404 1.00 41.19 ? 53  ASN A CG  1 
ATOM   388  O  OD1 . ASN A 1 53  ? 4.051   -7.659  -11.516 1.00 45.79 ? 53  ASN A OD1 1 
ATOM   389  N  ND2 . ASN A 1 53  ? 4.617   -6.796  -9.527  1.00 38.23 ? 53  ASN A ND2 1 
ATOM   390  N  N   . GLN A 1 54  ? 6.421   -11.414 -8.423  1.00 41.18 ? 54  GLN A N   1 
ATOM   391  C  CA  . GLN A 1 54  ? 6.875   -12.804 -8.209  1.00 40.85 ? 54  GLN A CA  1 
ATOM   392  C  C   . GLN A 1 54  ? 6.417   -13.416 -6.888  1.00 41.26 ? 54  GLN A C   1 
ATOM   393  O  O   . GLN A 1 54  ? 5.984   -14.575 -6.861  1.00 41.16 ? 54  GLN A O   1 
ATOM   394  C  CB  . GLN A 1 54  ? 8.404   -12.912 -8.313  1.00 40.57 ? 54  GLN A CB  1 
ATOM   395  C  CG  . GLN A 1 54  ? 8.912   -13.199 -9.707  1.00 39.37 ? 54  GLN A CG  1 
ATOM   396  C  CD  . GLN A 1 54  ? 10.405  -13.515 -9.741  1.00 40.49 ? 54  GLN A CD  1 
ATOM   397  O  OE1 . GLN A 1 54  ? 11.211  -12.851 -9.093  1.00 39.51 ? 54  GLN A OE1 1 
ATOM   398  N  NE2 . GLN A 1 54  ? 10.775  -14.537 -10.509 1.00 40.26 ? 54  GLN A NE2 1 
ATOM   399  N  N   . GLY A 1 55  ? 6.520   -12.639 -5.810  1.00 41.36 ? 55  GLY A N   1 
ATOM   400  C  CA  . GLY A 1 55  ? 6.140   -13.090 -4.476  1.00 42.26 ? 55  GLY A CA  1 
ATOM   401  C  C   . GLY A 1 55  ? 4.648   -13.341 -4.366  1.00 43.09 ? 55  GLY A C   1 
ATOM   402  O  O   . GLY A 1 55  ? 4.213   -14.269 -3.682  1.00 43.18 ? 55  GLY A O   1 
ATOM   403  N  N   . GLN A 1 56  ? 3.873   -12.493 -5.040  1.00 43.39 ? 56  GLN A N   1 
ATOM   404  C  CA  . GLN A 1 56  ? 2.434   -12.622 -5.137  1.00 43.87 ? 56  GLN A CA  1 
ATOM   405  C  C   . GLN A 1 56  ? 2.033   -13.900 -5.877  1.00 44.23 ? 56  GLN A C   1 
ATOM   406  O  O   . GLN A 1 56  ? 1.117   -14.601 -5.447  1.00 44.59 ? 56  GLN A O   1 
ATOM   407  C  CB  . GLN A 1 56  ? 1.862   -11.391 -5.841  1.00 43.83 ? 56  GLN A CB  1 
ATOM   408  C  CG  . GLN A 1 56  ? 0.393   -11.500 -6.174  1.00 45.27 ? 56  GLN A CG  1 
ATOM   409  C  CD  . GLN A 1 56  ? -0.018  -10.630 -7.336  1.00 44.86 ? 56  GLN A CD  1 
ATOM   410  O  OE1 . GLN A 1 56  ? 0.776   -10.344 -8.234  1.00 47.38 ? 56  GLN A OE1 1 
ATOM   411  N  NE2 . GLN A 1 56  ? -1.266  -10.231 -7.346  1.00 44.17 ? 56  GLN A NE2 1 
ATOM   412  N  N   . SER A 1 57  ? 2.717   -14.211 -6.980  1.00 44.03 ? 57  SER A N   1 
ATOM   413  C  CA  . SER A 1 57  ? 2.350   -15.382 -7.758  1.00 43.95 ? 57  SER A CA  1 
ATOM   414  C  C   . SER A 1 57  ? 2.639   -16.653 -6.960  1.00 43.66 ? 57  SER A C   1 
ATOM   415  O  O   . SER A 1 57  ? 1.840   -17.590 -6.969  1.00 43.71 ? 57  SER A O   1 
ATOM   416  C  CB  . SER A 1 57  ? 3.019   -15.380 -9.141  1.00 44.04 ? 57  SER A CB  1 
ATOM   417  O  OG  . SER A 1 57  ? 4.117   -16.279 -9.217  1.00 44.97 ? 57  SER A OG  1 
ATOM   418  N  N   . ALA A 1 58  ? 3.766   -16.662 -6.253  1.00 43.33 ? 58  ALA A N   1 
ATOM   419  C  CA  . ALA A 1 58  ? 4.140   -17.775 -5.384  1.00 43.34 ? 58  ALA A CA  1 
ATOM   420  C  C   . ALA A 1 58  ? 3.048   -18.045 -4.352  1.00 43.46 ? 58  ALA A C   1 
ATOM   421  O  O   . ALA A 1 58  ? 2.594   -19.182 -4.198  1.00 43.13 ? 58  ALA A O   1 
ATOM   422  C  CB  . ALA A 1 58  ? 5.482   -17.495 -4.693  1.00 43.32 ? 58  ALA A CB  1 
ATOM   423  N  N   . ILE A 1 59  ? 2.610   -16.979 -3.678  1.00 43.75 ? 59  ILE A N   1 
ATOM   424  C  CA  . ILE A 1 59  ? 1.542   -17.050 -2.674  1.00 43.92 ? 59  ILE A CA  1 
ATOM   425  C  C   . ILE A 1 59  ? 0.213   -17.486 -3.280  1.00 44.47 ? 59  ILE A C   1 
ATOM   426  O  O   . ILE A 1 59  ? -0.401  -18.444 -2.783  1.00 44.81 ? 59  ILE A O   1 
ATOM   427  C  CB  . ILE A 1 59  ? 1.390   -15.716 -1.949  1.00 43.90 ? 59  ILE A CB  1 
ATOM   428  C  CG1 . ILE A 1 59  ? 2.654   -15.411 -1.145  1.00 43.58 ? 59  ILE A CG1 1 
ATOM   429  C  CG2 . ILE A 1 59  ? 0.155   -15.718 -1.028  1.00 44.49 ? 59  ILE A CG2 1 
ATOM   430  C  CD1 . ILE A 1 59  ? 2.794   -13.940 -0.821  1.00 43.00 ? 59  ILE A CD1 1 
ATOM   431  N  N   . GLU A 1 60  ? -0.222  -16.788 -4.341  1.00 44.66 ? 60  GLU A N   1 
ATOM   432  C  CA  . GLU A 1 60  ? -1.395  -17.189 -5.155  1.00 44.97 ? 60  GLU A CA  1 
ATOM   433  C  C   . GLU A 1 60  ? -1.421  -18.682 -5.466  1.00 45.00 ? 60  GLU A C   1 
ATOM   434  O  O   . GLU A 1 60  ? -2.481  -19.310 -5.409  1.00 44.72 ? 60  GLU A O   1 
ATOM   435  C  CB  . GLU A 1 60  ? -1.432  -16.441 -6.492  1.00 44.60 ? 60  GLU A CB  1 
ATOM   436  C  CG  . GLU A 1 60  ? -1.937  -15.025 -6.429  1.00 44.55 ? 60  GLU A CG  1 
ATOM   437  C  CD  . GLU A 1 60  ? -2.075  -14.369 -7.794  1.00 45.25 ? 60  GLU A CD  1 
ATOM   438  O  OE1 . GLU A 1 60  ? -1.367  -14.747 -8.764  1.00 47.53 ? 60  GLU A OE1 1 
ATOM   439  O  OE2 . GLU A 1 60  ? -2.899  -13.448 -7.906  1.00 47.36 ? 60  GLU A OE2 1 
ATOM   440  N  N   . LEU A 1 61  ? -0.249  -19.230 -5.792  1.00 45.39 ? 61  LEU A N   1 
ATOM   441  C  CA  . LEU A 1 61  ? -0.119  -20.615 -6.236  1.00 46.30 ? 61  LEU A CA  1 
ATOM   442  C  C   . LEU A 1 61  ? -0.193  -21.637 -5.113  1.00 46.38 ? 61  LEU A C   1 
ATOM   443  O  O   . LEU A 1 61  ? -0.838  -22.680 -5.279  1.00 46.73 ? 61  LEU A O   1 
ATOM   444  C  CB  . LEU A 1 61  ? 1.155   -20.824 -7.074  1.00 46.18 ? 61  LEU A CB  1 
ATOM   445  C  CG  . LEU A 1 61  ? 0.996   -20.933 -8.602  1.00 47.08 ? 61  LEU A CG  1 
ATOM   446  C  CD1 . LEU A 1 61  ? 0.385   -19.677 -9.212  1.00 47.48 ? 61  LEU A CD1 1 
ATOM   447  C  CD2 . LEU A 1 61  ? 2.338   -21.244 -9.272  1.00 47.10 ? 61  LEU A CD2 1 
ATOM   448  N  N   . THR A 1 62  ? 0.457   -21.354 -3.983  1.00 46.42 ? 62  THR A N   1 
ATOM   449  C  CA  . THR A 1 62  ? 0.334   -22.236 -2.819  1.00 46.49 ? 62  THR A CA  1 
ATOM   450  C  C   . THR A 1 62  ? -1.062  -22.127 -2.173  1.00 47.02 ? 62  THR A C   1 
ATOM   451  O  O   . THR A 1 62  ? -1.542  -23.089 -1.584  1.00 46.80 ? 62  THR A O   1 
ATOM   452  C  CB  . THR A 1 62  ? 1.490   -22.084 -1.755  1.00 46.41 ? 62  THR A CB  1 
ATOM   453  O  OG1 . THR A 1 62  ? 1.081   -21.253 -0.672  1.00 44.94 ? 62  THR A OG1 1 
ATOM   454  C  CG2 . THR A 1 62  ? 2.782   -21.568 -2.365  1.00 45.84 ? 62  THR A CG2 1 
ATOM   455  N  N   . CYS A 1 63  ? -1.706  -20.968 -2.303  1.00 47.76 ? 63  CYS A N   1 
ATOM   456  C  CA  . CYS A 1 63  ? -3.130  -20.820 -1.956  1.00 48.82 ? 63  CYS A CA  1 
ATOM   457  C  C   . CYS A 1 63  ? -3.978  -21.762 -2.809  1.00 49.94 ? 63  CYS A C   1 
ATOM   458  O  O   . CYS A 1 63  ? -4.658  -22.650 -2.280  1.00 50.31 ? 63  CYS A O   1 
ATOM   459  C  CB  . CYS A 1 63  ? -3.616  -19.389 -2.190  1.00 48.40 ? 63  CYS A CB  1 
ATOM   460  S  SG  . CYS A 1 63  ? -3.345  -18.173 -0.872  1.00 47.48 ? 63  CYS A SG  1 
ATOM   461  N  N   . ALA A 1 64  ? -3.919  -21.570 -4.128  1.00 51.13 ? 64  ALA A N   1 
ATOM   462  C  CA  . ALA A 1 64  ? -4.714  -22.358 -5.078  1.00 52.35 ? 64  ALA A CA  1 
ATOM   463  C  C   . ALA A 1 64  ? -4.537  -23.860 -4.869  1.00 53.19 ? 64  ALA A C   1 
ATOM   464  O  O   . ALA A 1 64  ? -5.510  -24.605 -4.897  1.00 53.49 ? 64  ALA A O   1 
ATOM   465  C  CB  . ALA A 1 64  ? -4.387  -21.970 -6.515  1.00 52.15 ? 64  ALA A CB  1 
ATOM   466  N  N   . ARG A 1 65  ? -3.303  -24.295 -4.634  1.00 54.41 ? 65  ARG A N   1 
ATOM   467  C  CA  . ARG A 1 65  ? -3.042  -25.699 -4.360  1.00 55.74 ? 65  ARG A CA  1 
ATOM   468  C  C   . ARG A 1 65  ? -3.468  -26.125 -2.949  1.00 56.49 ? 65  ARG A C   1 
ATOM   469  O  O   . ARG A 1 65  ? -3.735  -27.306 -2.720  1.00 56.73 ? 65  ARG A O   1 
ATOM   470  C  CB  . ARG A 1 65  ? -1.566  -26.042 -4.584  1.00 55.73 ? 65  ARG A CB  1 
ATOM   471  C  CG  . ARG A 1 65  ? -0.694  -25.759 -3.383  1.00 56.87 ? 65  ARG A CG  1 
ATOM   472  C  CD  . ARG A 1 65  ? 0.415   -26.780 -3.232  1.00 58.48 ? 65  ARG A CD  1 
ATOM   473  N  NE  . ARG A 1 65  ? 1.052   -26.654 -1.926  1.00 59.39 ? 65  ARG A NE  1 
ATOM   474  C  CZ  . ARG A 1 65  ? 2.091   -25.867 -1.665  1.00 60.75 ? 65  ARG A CZ  1 
ATOM   475  N  NH1 . ARG A 1 65  ? 2.596   -25.821 -0.437  1.00 60.75 ? 65  ARG A NH1 1 
ATOM   476  N  NH2 . ARG A 1 65  ? 2.629   -25.128 -2.630  1.00 61.26 ? 65  ARG A NH2 1 
ATOM   477  N  N   . LEU A 1 66  ? -3.521  -25.187 -2.003  1.00 57.29 ? 66  LEU A N   1 
ATOM   478  C  CA  . LEU A 1 66  ? -3.852  -25.563 -0.624  1.00 58.01 ? 66  LEU A CA  1 
ATOM   479  C  C   . LEU A 1 66  ? -5.287  -26.004 -0.462  1.00 58.49 ? 66  LEU A C   1 
ATOM   480  O  O   . LEU A 1 66  ? -5.582  -26.886 0.342   1.00 58.67 ? 66  LEU A O   1 
ATOM   481  C  CB  . LEU A 1 66  ? -3.526  -24.461 0.389   1.00 57.99 ? 66  LEU A CB  1 
ATOM   482  C  CG  . LEU A 1 66  ? -2.249  -24.665 1.208   1.00 57.95 ? 66  LEU A CG  1 
ATOM   483  C  CD1 . LEU A 1 66  ? -2.188  -23.657 2.349   1.00 57.79 ? 66  LEU A CD1 1 
ATOM   484  C  CD2 . LEU A 1 66  ? -2.162  -26.090 1.739   1.00 58.06 ? 66  LEU A CD2 1 
ATOM   485  N  N   . LEU A 1 67  ? -6.175  -25.398 -1.241  1.00 59.15 ? 67  LEU A N   1 
ATOM   486  C  CA  . LEU A 1 67  ? -7.571  -25.788 -1.224  1.00 59.92 ? 67  LEU A CA  1 
ATOM   487  C  C   . LEU A 1 67  ? -7.760  -27.308 -1.433  1.00 60.65 ? 67  LEU A C   1 
ATOM   488  O  O   . LEU A 1 67  ? -8.680  -27.907 -0.858  1.00 61.14 ? 67  LEU A O   1 
ATOM   489  C  CB  . LEU A 1 67  ? -8.374  -24.970 -2.239  1.00 59.70 ? 67  LEU A CB  1 
ATOM   490  C  CG  . LEU A 1 67  ? -8.806  -23.519 -1.959  1.00 59.73 ? 67  LEU A CG  1 
ATOM   491  C  CD1 . LEU A 1 67  ? -8.878  -23.184 -0.476  1.00 59.69 ? 67  LEU A CD1 1 
ATOM   492  C  CD2 . LEU A 1 67  ? -7.958  -22.513 -2.694  1.00 59.81 ? 67  LEU A CD2 1 
ATOM   493  N  N   . ALA A 1 68  ? -6.881  -27.928 -2.229  1.00 61.12 ? 68  ALA A N   1 
ATOM   494  C  CA  . ALA A 1 68  ? -6.991  -29.365 -2.551  1.00 61.53 ? 68  ALA A CA  1 
ATOM   495  C  C   . ALA A 1 68  ? -6.383  -30.307 -1.501  1.00 61.77 ? 68  ALA A C   1 
ATOM   496  O  O   . ALA A 1 68  ? -7.091  -31.147 -0.949  1.00 61.77 ? 68  ALA A O   1 
ATOM   497  C  CB  . ALA A 1 68  ? -6.462  -29.682 -3.963  1.00 61.53 ? 68  ALA A CB  1 
ATOM   498  N  N   . LEU A 1 69  ? -5.082  -30.168 -1.237  1.00 62.08 ? 69  LEU A N   1 
ATOM   499  C  CA  . LEU A 1 69  ? -4.385  -30.980 -0.230  1.00 62.36 ? 69  LEU A CA  1 
ATOM   500  C  C   . LEU A 1 69  ? -5.003  -30.829 1.160   1.00 62.43 ? 69  LEU A C   1 
ATOM   501  O  O   . LEU A 1 69  ? -5.428  -29.738 1.547   1.00 62.54 ? 69  LEU A O   1 
ATOM   502  C  CB  . LEU A 1 69  ? -2.897  -30.613 -0.165  1.00 62.45 ? 69  LEU A CB  1 
ATOM   503  C  CG  . LEU A 1 69  ? -1.893  -31.223 -1.153  1.00 62.90 ? 69  LEU A CG  1 
ATOM   504  C  CD1 . LEU A 1 69  ? -1.925  -30.516 -2.506  1.00 63.21 ? 69  LEU A CD1 1 
ATOM   505  C  CD2 . LEU A 1 69  ? -0.480  -31.178 -0.570  1.00 62.50 ? 69  LEU A CD2 1 
ATOM   506  N  N   . PRO A 1 72  ? -10.756 -26.559 2.777   1.00 64.61 ? 72  PRO A N   1 
ATOM   507  C  CA  . PRO A 1 72  ? -11.759 -27.621 2.837   1.00 64.49 ? 72  PRO A CA  1 
ATOM   508  C  C   . PRO A 1 72  ? -12.885 -27.387 3.857   1.00 64.31 ? 72  PRO A C   1 
ATOM   509  O  O   . PRO A 1 72  ? -13.835 -28.183 3.906   1.00 64.53 ? 72  PRO A O   1 
ATOM   510  C  CB  . PRO A 1 72  ? -10.928 -28.855 3.201   1.00 64.53 ? 72  PRO A CB  1 
ATOM   511  C  CG  . PRO A 1 72  ? -9.614  -28.615 2.499   1.00 64.76 ? 72  PRO A CG  1 
ATOM   512  C  CD  . PRO A 1 72  ? -9.423  -27.091 2.433   1.00 64.78 ? 72  PRO A CD  1 
ATOM   513  N  N   . GLN A 1 73  ? -12.793 -26.316 4.652   1.00 63.72 ? 73  GLN A N   1 
ATOM   514  C  CA  . GLN A 1 73  ? -13.921 -25.909 5.509   1.00 63.17 ? 73  GLN A CA  1 
ATOM   515  C  C   . GLN A 1 73  ? -14.074 -24.391 5.696   1.00 62.50 ? 73  GLN A C   1 
ATOM   516  O  O   . GLN A 1 73  ? -13.247 -23.617 5.221   1.00 62.68 ? 73  GLN A O   1 
ATOM   517  C  CB  . GLN A 1 73  ? -13.907 -26.646 6.858   1.00 63.37 ? 73  GLN A CB  1 
ATOM   518  C  CG  . GLN A 1 73  ? -12.871 -26.165 7.852   1.00 63.82 ? 73  GLN A CG  1 
ATOM   519  C  CD  . GLN A 1 73  ? -13.219 -26.525 9.288   1.00 64.67 ? 73  GLN A CD  1 
ATOM   520  O  OE1 . GLN A 1 73  ? -12.391 -26.386 10.191  1.00 65.65 ? 73  GLN A OE1 1 
ATOM   521  N  NE2 . GLN A 1 73  ? -14.448 -26.989 9.507   1.00 64.53 ? 73  GLN A NE2 1 
ATOM   522  N  N   . VAL A 1 74  ? -15.129 -24.004 6.417   1.00 61.57 ? 74  VAL A N   1 
ATOM   523  C  CA  . VAL A 1 74  ? -15.651 -22.623 6.502   1.00 60.51 ? 74  VAL A CA  1 
ATOM   524  C  C   . VAL A 1 74  ? -14.640 -21.477 6.704   1.00 59.64 ? 74  VAL A C   1 
ATOM   525  O  O   . VAL A 1 74  ? -14.315 -20.769 5.755   1.00 59.32 ? 74  VAL A O   1 
ATOM   526  C  CB  . VAL A 1 74  ? -16.828 -22.525 7.540   1.00 60.79 ? 74  VAL A CB  1 
ATOM   527  C  CG1 . VAL A 1 74  ? -18.110 -23.134 6.962   1.00 61.07 ? 74  VAL A CG1 1 
ATOM   528  C  CG2 . VAL A 1 74  ? -16.465 -23.196 8.878   1.00 60.67 ? 74  VAL A CG2 1 
ATOM   529  N  N   . SER A 1 75  ? -14.162 -21.297 7.936   1.00 58.66 ? 75  SER A N   1 
ATOM   530  C  CA  . SER A 1 75  ? -13.224 -20.225 8.278   1.00 57.87 ? 75  SER A CA  1 
ATOM   531  C  C   . SER A 1 75  ? -11.876 -20.332 7.567   1.00 56.91 ? 75  SER A C   1 
ATOM   532  O  O   . SER A 1 75  ? -11.166 -19.336 7.419   1.00 56.80 ? 75  SER A O   1 
ATOM   533  C  CB  . SER A 1 75  ? -12.990 -20.176 9.794   1.00 58.16 ? 75  SER A CB  1 
ATOM   534  O  OG  . SER A 1 75  ? -14.100 -19.599 10.462  1.00 59.24 ? 75  SER A OG  1 
ATOM   535  N  N   . ASP A 1 76  ? -11.524 -21.540 7.145   1.00 55.61 ? 76  ASP A N   1 
ATOM   536  C  CA  . ASP A 1 76  ? -10.244 -21.780 6.491   1.00 54.64 ? 76  ASP A CA  1 
ATOM   537  C  C   . ASP A 1 76  ? -10.370 -21.399 5.032   1.00 53.65 ? 76  ASP A C   1 
ATOM   538  O  O   . ASP A 1 76  ? -9.394  -21.059 4.371   1.00 53.52 ? 76  ASP A O   1 
ATOM   539  C  CB  . ASP A 1 76  ? -9.843  -23.252 6.630   1.00 54.91 ? 76  ASP A CB  1 
ATOM   540  C  CG  . ASP A 1 76  ? -9.813  -23.720 8.085   1.00 55.07 ? 76  ASP A CG  1 
ATOM   541  O  OD1 . ASP A 1 76  ? -9.336  -22.967 8.963   1.00 54.86 ? 76  ASP A OD1 1 
ATOM   542  O  OD2 . ASP A 1 76  ? -10.268 -24.850 8.348   1.00 56.02 ? 76  ASP A OD2 1 
ATOM   543  N  N   . LEU A 1 77  ? -11.601 -21.454 4.545   1.00 52.40 ? 77  LEU A N   1 
ATOM   544  C  CA  . LEU A 1 77  ? -11.913 -21.096 3.181   1.00 51.14 ? 77  LEU A CA  1 
ATOM   545  C  C   . LEU A 1 77  ? -11.847 -19.580 3.039   1.00 49.67 ? 77  LEU A C   1 
ATOM   546  O  O   . LEU A 1 77  ? -11.204 -19.053 2.135   1.00 49.13 ? 77  LEU A O   1 
ATOM   547  C  CB  . LEU A 1 77  ? -13.302 -21.621 2.839   1.00 51.25 ? 77  LEU A CB  1 
ATOM   548  C  CG  . LEU A 1 77  ? -13.663 -21.885 1.386   1.00 52.60 ? 77  LEU A CG  1 
ATOM   549  C  CD1 . LEU A 1 77  ? -14.465 -20.711 0.825   1.00 54.59 ? 77  LEU A CD1 1 
ATOM   550  C  CD2 . LEU A 1 77  ? -12.422 -22.201 0.546   1.00 52.75 ? 77  LEU A CD2 1 
ATOM   551  N  N   . ARG A 1 78  ? -12.509 -18.896 3.965   1.00 48.41 ? 78  ARG A N   1 
ATOM   552  C  CA  . ARG A 1 78  ? -12.454 -17.445 4.066   1.00 47.13 ? 78  ARG A CA  1 
ATOM   553  C  C   . ARG A 1 78  ? -11.018 -16.980 4.215   1.00 45.68 ? 78  ARG A C   1 
ATOM   554  O  O   . ARG A 1 78  ? -10.652 -15.918 3.716   1.00 45.67 ? 78  ARG A O   1 
ATOM   555  C  CB  . ARG A 1 78  ? -13.295 -16.949 5.251   1.00 47.27 ? 78  ARG A CB  1 
ATOM   556  C  CG  . ARG A 1 78  ? -14.748 -17.422 5.200   1.00 47.22 ? 78  ARG A CG  1 
ATOM   557  C  CD  . ARG A 1 78  ? -15.712 -16.370 5.723   1.00 47.59 ? 78  ARG A CD  1 
ATOM   558  N  NE  . ARG A 1 78  ? -15.521 -16.077 7.142   1.00 48.12 ? 78  ARG A NE  1 
ATOM   559  C  CZ  . ARG A 1 78  ? -16.089 -16.746 8.143   1.00 48.87 ? 78  ARG A CZ  1 
ATOM   560  N  NH1 . ARG A 1 78  ? -16.884 -17.782 7.904   1.00 48.43 ? 78  ARG A NH1 1 
ATOM   561  N  NH2 . ARG A 1 78  ? -15.848 -16.383 9.394   1.00 49.57 ? 78  ARG A NH2 1 
ATOM   562  N  N   . PHE A 1 79  ? -10.207 -17.791 4.880   1.00 44.21 ? 79  PHE A N   1 
ATOM   563  C  CA  . PHE A 1 79  ? -8.827  -17.434 5.142   1.00 43.12 ? 79  PHE A CA  1 
ATOM   564  C  C   . PHE A 1 79  ? -8.007  -17.421 3.867   1.00 42.26 ? 79  PHE A C   1 
ATOM   565  O  O   . PHE A 1 79  ? -7.451  -16.407 3.523   1.00 41.43 ? 79  PHE A O   1 
ATOM   566  C  CB  . PHE A 1 79  ? -8.169  -18.338 6.193   1.00 42.74 ? 79  PHE A CB  1 
ATOM   567  C  CG  . PHE A 1 79  ? -6.716  -18.025 6.402   1.00 43.61 ? 79  PHE A CG  1 
ATOM   568  C  CD1 . PHE A 1 79  ? -6.332  -16.984 7.249   1.00 44.59 ? 79  PHE A CD1 1 
ATOM   569  C  CD2 . PHE A 1 79  ? -5.733  -18.725 5.715   1.00 42.22 ? 79  PHE A CD2 1 
ATOM   570  C  CE1 . PHE A 1 79  ? -5.003  -16.675 7.437   1.00 44.38 ? 79  PHE A CE1 1 
ATOM   571  C  CE2 . PHE A 1 79  ? -4.403  -18.413 5.883   1.00 44.50 ? 79  PHE A CE2 1 
ATOM   572  C  CZ  . PHE A 1 79  ? -4.030  -17.388 6.751   1.00 44.82 ? 79  PHE A CZ  1 
ATOM   573  N  N   . VAL A 1 80  ? -7.937  -18.558 3.181   1.00 42.15 ? 80  VAL A N   1 
ATOM   574  C  CA  . VAL A 1 80  ? -7.176  -18.683 1.938   1.00 42.01 ? 80  VAL A CA  1 
ATOM   575  C  C   . VAL A 1 80  ? -7.650  -17.643 0.885   1.00 42.47 ? 80  VAL A C   1 
ATOM   576  O  O   . VAL A 1 80  ? -6.824  -17.057 0.171   1.00 41.86 ? 80  VAL A O   1 
ATOM   577  C  CB  . VAL A 1 80  ? -7.213  -20.143 1.413   1.00 41.80 ? 80  VAL A CB  1 
ATOM   578  C  CG1 . VAL A 1 80  ? -6.600  -20.261 0.041   1.00 41.52 ? 80  VAL A CG1 1 
ATOM   579  C  CG2 . VAL A 1 80  ? -6.506  -21.071 2.380   1.00 42.22 ? 80  VAL A CG2 1 
ATOM   580  N  N   . ILE A 1 81  ? -8.963  -17.399 0.825   1.00 42.34 ? 81  ILE A N   1 
ATOM   581  C  CA  . ILE A 1 81  ? -9.535  -16.384 -0.071  1.00 43.32 ? 81  ILE A CA  1 
ATOM   582  C  C   . ILE A 1 81  ? -9.041  -14.984 0.311   1.00 43.37 ? 81  ILE A C   1 
ATOM   583  O  O   . ILE A 1 81  ? -8.800  -14.147 -0.548  1.00 43.71 ? 81  ILE A O   1 
ATOM   584  C  CB  . ILE A 1 81  ? -11.096 -16.418 -0.062  1.00 43.77 ? 81  ILE A CB  1 
ATOM   585  C  CG1 . ILE A 1 81  ? -11.626 -17.718 -0.709  1.00 44.57 ? 81  ILE A CG1 1 
ATOM   586  C  CG2 . ILE A 1 81  ? -11.684 -15.179 -0.775  1.00 44.46 ? 81  ILE A CG2 1 
ATOM   587  C  CD1 . ILE A 1 81  ? -13.161 -17.908 -0.628  1.00 43.05 ? 81  ILE A CD1 1 
ATOM   588  N  N   . SER A 1 82  ? -8.876  -14.747 1.607   1.00 43.42 ? 82  SER A N   1 
ATOM   589  C  CA  . SER A 1 82  ? -8.397  -13.470 2.114   1.00 43.52 ? 82  SER A CA  1 
ATOM   590  C  C   . SER A 1 82  ? -6.929  -13.222 1.766   1.00 43.18 ? 82  SER A C   1 
ATOM   591  O  O   . SER A 1 82  ? -6.548  -12.103 1.484   1.00 42.73 ? 82  SER A O   1 
ATOM   592  C  CB  . SER A 1 82  ? -8.595  -13.393 3.632   1.00 43.62 ? 82  SER A CB  1 
ATOM   593  O  OG  . SER A 1 82  ? -9.969  -13.475 3.960   1.00 45.96 ? 82  SER A OG  1 
ATOM   594  N  N   . ILE A 1 83  ? -6.109  -14.266 1.821   1.00 43.67 ? 83  ILE A N   1 
ATOM   595  C  CA  . ILE A 1 83  ? -4.700  -14.169 1.459   1.00 44.26 ? 83  ILE A CA  1 
ATOM   596  C  C   . ILE A 1 83  ? -4.568  -13.894 -0.053  1.00 44.95 ? 83  ILE A C   1 
ATOM   597  O  O   . ILE A 1 83  ? -3.837  -12.990 -0.456  1.00 44.74 ? 83  ILE A O   1 
ATOM   598  C  CB  . ILE A 1 83  ? -3.924  -15.441 1.869   1.00 44.19 ? 83  ILE A CB  1 
ATOM   599  C  CG1 . ILE A 1 83  ? -3.940  -15.647 3.405   1.00 44.42 ? 83  ILE A CG1 1 
ATOM   600  C  CG2 . ILE A 1 83  ? -2.524  -15.443 1.266   1.00 43.63 ? 83  ILE A CG2 1 
ATOM   601  C  CD1 . ILE A 1 83  ? -3.020  -14.736 4.260   1.00 43.75 ? 83  ILE A CD1 1 
ATOM   602  N  N   . MET A 1 84  ? -5.315  -14.636 -0.870  1.00 46.10 ? 84  MET A N   1 
ATOM   603  C  CA  . MET A 1 84  ? -5.286  -14.475 -2.330  1.00 47.76 ? 84  MET A CA  1 
ATOM   604  C  C   . MET A 1 84  ? -5.656  -13.062 -2.732  1.00 47.38 ? 84  MET A C   1 
ATOM   605  O  O   . MET A 1 84  ? -4.968  -12.432 -3.522  1.00 47.48 ? 84  MET A O   1 
ATOM   606  C  CB  . MET A 1 84  ? -6.236  -15.450 -3.011  1.00 47.66 ? 84  MET A CB  1 
ATOM   607  C  CG  . MET A 1 84  ? -5.746  -16.878 -3.033  1.00 49.20 ? 84  MET A CG  1 
ATOM   608  S  SD  . MET A 1 84  ? -6.573  -17.873 -4.307  1.00 50.35 ? 84  MET A SD  1 
ATOM   609  C  CE  . MET A 1 84  ? -6.710  -19.434 -3.478  1.00 49.51 ? 84  MET A CE  1 
ATOM   610  N  N   . SER A 1 85  ? -6.733  -12.564 -2.143  1.00 47.68 ? 85  SER A N   1 
ATOM   611  C  CA  . SER A 1 85  ? -7.227  -11.226 -2.413  1.00 47.66 ? 85  SER A CA  1 
ATOM   612  C  C   . SER A 1 85  ? -6.292  -10.145 -1.872  1.00 47.21 ? 85  SER A C   1 
ATOM   613  O  O   . SER A 1 85  ? -6.071  -9.144  -2.524  1.00 47.69 ? 85  SER A O   1 
ATOM   614  C  CB  . SER A 1 85  ? -8.629  -11.086 -1.813  1.00 48.14 ? 85  SER A CB  1 
ATOM   615  O  OG  . SER A 1 85  ? -8.876  -9.746  -1.411  1.00 51.32 ? 85  SER A OG  1 
ATOM   616  N  N   . SER A 1 86  ? -5.739  -10.353 -0.684  1.00 46.36 ? 86  SER A N   1 
ATOM   617  C  CA  . SER A 1 86  ? -4.896  -9.357  -0.058  1.00 46.32 ? 86  SER A CA  1 
ATOM   618  C  C   . SER A 1 86  ? -3.487  -9.277  -0.667  1.00 46.49 ? 86  SER A C   1 
ATOM   619  O  O   . SER A 1 86  ? -2.878  -8.213  -0.682  1.00 46.03 ? 86  SER A O   1 
ATOM   620  C  CB  . SER A 1 86  ? -4.809  -9.590  1.462   1.00 46.19 ? 86  SER A CB  1 
ATOM   621  O  OG  . SER A 1 86  ? -6.060  -9.400  2.104   1.00 46.22 ? 86  SER A OG  1 
ATOM   622  N  N   . CYS A 1 87  ? -2.957  -10.390 -1.164  1.00 46.94 ? 87  CYS A N   1 
ATOM   623  C  CA  . CYS A 1 87  ? -1.593  -10.340 -1.710  1.00 47.38 ? 87  CYS A CA  1 
ATOM   624  C  C   . CYS A 1 87  ? -1.569  -9.538  -3.027  1.00 46.50 ? 87  CYS A C   1 
ATOM   625  O  O   . CYS A 1 87  ? -0.632  -8.792  -3.294  1.00 46.54 ? 87  CYS A O   1 
ATOM   626  C  CB  . CYS A 1 87  ? -0.953  -11.731 -1.797  1.00 46.80 ? 87  CYS A CB  1 
ATOM   627  S  SG  . CYS A 1 87  ? -1.616  -12.777 -3.059  1.00 53.92 ? 87  CYS A SG  1 
ATOM   628  N  N   . SER A 1 88  ? -2.648  -9.657  -3.794  1.00 46.03 ? 88  SER A N   1 
ATOM   629  C  CA  . SER A 1 88  ? -2.947  -8.802  -4.948  1.00 45.54 ? 88  SER A CA  1 
ATOM   630  C  C   . SER A 1 88  ? -3.036  -7.289  -4.663  1.00 44.76 ? 88  SER A C   1 
ATOM   631  O  O   . SER A 1 88  ? -2.507  -6.476  -5.424  1.00 44.65 ? 88  SER A O   1 
ATOM   632  C  CB  . SER A 1 88  ? -4.247  -9.273  -5.595  1.00 45.45 ? 88  SER A CB  1 
ATOM   633  O  OG  . SER A 1 88  ? -4.647  -8.370  -6.606  1.00 47.48 ? 88  SER A OG  1 
ATOM   634  N  N   . ASP A 1 89  ? -3.732  -6.914  -3.599  1.00 44.34 ? 89  ASP A N   1 
ATOM   635  C  CA  . ASP A 1 89  ? -3.805  -5.518  -3.165  1.00 44.37 ? 89  ASP A CA  1 
ATOM   636  C  C   . ASP A 1 89  ? -2.400  -5.010  -2.796  1.00 44.11 ? 89  ASP A C   1 
ATOM   637  O  O   . ASP A 1 89  ? -2.054  -3.844  -3.013  1.00 43.04 ? 89  ASP A O   1 
ATOM   638  C  CB  . ASP A 1 89  ? -4.731  -5.385  -1.938  1.00 44.93 ? 89  ASP A CB  1 
ATOM   639  C  CG  . ASP A 1 89  ? -6.210  -5.499  -2.282  1.00 45.85 ? 89  ASP A CG  1 
ATOM   640  O  OD1 . ASP A 1 89  ? -6.586  -5.418  -3.467  1.00 51.07 ? 89  ASP A OD1 1 
ATOM   641  O  OD2 . ASP A 1 89  ? -7.028  -5.640  -1.352  1.00 49.90 ? 89  ASP A OD2 1 
ATOM   642  N  N   . LEU A 1 90  ? -1.602  -5.920  -2.242  1.00 43.76 ? 90  LEU A N   1 
ATOM   643  C  CA  . LEU A 1 90  ? -0.259  -5.644  -1.824  1.00 43.73 ? 90  LEU A CA  1 
ATOM   644  C  C   . LEU A 1 90  ? 0.631   -5.385  -3.051  1.00 43.62 ? 90  LEU A C   1 
ATOM   645  O  O   . LEU A 1 90  ? 1.380   -4.413  -3.059  1.00 43.38 ? 90  LEU A O   1 
ATOM   646  C  CB  . LEU A 1 90  ? 0.246   -6.816  -0.976  1.00 44.35 ? 90  LEU A CB  1 
ATOM   647  C  CG  . LEU A 1 90  ? 0.873   -6.717  0.414   1.00 45.18 ? 90  LEU A CG  1 
ATOM   648  C  CD1 . LEU A 1 90  ? 0.155   -5.770  1.424   1.00 45.42 ? 90  LEU A CD1 1 
ATOM   649  C  CD2 . LEU A 1 90  ? 0.965   -8.136  0.963   1.00 44.24 ? 90  LEU A CD2 1 
ATOM   650  N  N   . GLU A 1 91  ? 0.535   -6.201  -4.104  1.00 43.72 ? 91  GLU A N   1 
ATOM   651  C  CA  . GLU A 1 91  ? 1.307   -5.856  -5.311  1.00 43.55 ? 91  GLU A CA  1 
ATOM   652  C  C   . GLU A 1 91  ? 0.863   -4.578  -6.015  1.00 43.10 ? 91  GLU A C   1 
ATOM   653  O  O   . GLU A 1 91  ? 1.666   -3.935  -6.689  1.00 42.91 ? 91  GLU A O   1 
ATOM   654  C  CB  . GLU A 1 91  ? 1.718   -7.064  -6.219  1.00 43.73 ? 91  GLU A CB  1 
ATOM   655  C  CG  . GLU A 1 91  ? 1.118   -7.354  -7.573  1.00 42.64 ? 91  GLU A CG  1 
ATOM   656  C  CD  . GLU A 1 91  ? 0.966   -6.187  -8.539  1.00 43.03 ? 91  GLU A CD  1 
ATOM   657  O  OE1 . GLU A 1 91  ? -0.081  -5.511  -8.438  1.00 41.37 ? 91  GLU A OE1 1 
ATOM   658  O  OE2 . GLU A 1 91  ? 1.831   -5.986  -9.438  1.00 40.66 ? 91  GLU A OE2 1 
ATOM   659  N  N   . ARG A 1 92  ? -0.394  -4.180  -5.815  1.00 42.61 ? 92  ARG A N   1 
ATOM   660  C  CA  . ARG A 1 92  ? -0.859  -2.895  -6.357  1.00 42.09 ? 92  ARG A CA  1 
ATOM   661  C  C   . ARG A 1 92  ? -0.323  -1.746  -5.501  1.00 41.09 ? 92  ARG A C   1 
ATOM   662  O  O   . ARG A 1 92  ? 0.100   -0.720  -6.029  1.00 41.23 ? 92  ARG A O   1 
ATOM   663  C  CB  . ARG A 1 92  ? -2.374  -2.875  -6.536  1.00 42.03 ? 92  ARG A CB  1 
ATOM   664  C  CG  . ARG A 1 92  ? -2.816  -3.853  -7.630  1.00 43.61 ? 92  ARG A CG  1 
ATOM   665  C  CD  . ARG A 1 92  ? -4.299  -3.977  -7.718  1.00 46.92 ? 92  ARG A CD  1 
ATOM   666  N  NE  . ARG A 1 92  ? -4.713  -5.023  -8.653  1.00 50.56 ? 92  ARG A NE  1 
ATOM   667  C  CZ  . ARG A 1 92  ? -5.981  -5.395  -8.833  1.00 52.57 ? 92  ARG A CZ  1 
ATOM   668  N  NH1 . ARG A 1 92  ? -6.955  -4.799  -8.136  1.00 51.78 ? 92  ARG A NH1 1 
ATOM   669  N  NH2 . ARG A 1 92  ? -6.280  -6.352  -9.718  1.00 51.75 ? 92  ARG A NH2 1 
ATOM   670  N  N   . MET A 1 93  ? -0.307  -1.944  -4.188  1.00 40.13 ? 93  MET A N   1 
ATOM   671  C  CA  . MET A 1 93  ? 0.412   -1.034  -3.268  1.00 38.34 ? 93  MET A CA  1 
ATOM   672  C  C   . MET A 1 93  ? 1.864   -0.818  -3.720  1.00 39.20 ? 93  MET A C   1 
ATOM   673  O  O   . MET A 1 93  ? 2.279   0.319   -3.964  1.00 39.19 ? 93  MET A O   1 
ATOM   674  C  CB  . MET A 1 93  ? 0.326   -1.555  -1.836  1.00 38.65 ? 93  MET A CB  1 
ATOM   675  C  CG  . MET A 1 93  ? -1.121  -1.453  -1.295  1.00 37.96 ? 93  MET A CG  1 
ATOM   676  S  SD  . MET A 1 93  ? -1.454  -2.329  0.238   1.00 31.68 ? 93  MET A SD  1 
ATOM   677  C  CE  . MET A 1 93  ? -0.301  -1.456  1.252   1.00 34.41 ? 93  MET A CE  1 
ATOM   678  N  N   . GLY A 1 94  ? 2.604   -1.918  -3.866  1.00 39.64 ? 94  GLY A N   1 
ATOM   679  C  CA  . GLY A 1 94  ? 3.927   -1.939  -4.509  1.00 39.67 ? 94  GLY A CA  1 
ATOM   680  C  C   . GLY A 1 94  ? 4.078   -1.144  -5.803  1.00 39.70 ? 94  GLY A C   1 
ATOM   681  O  O   . GLY A 1 94  ? 5.003   -0.361  -5.934  1.00 40.33 ? 94  GLY A O   1 
ATOM   682  N  N   . ASP A 1 95  ? 3.185   -1.341  -6.769  1.00 39.64 ? 95  ASP A N   1 
ATOM   683  C  CA  . ASP A 1 95  ? 3.233   -0.579  -8.039  1.00 38.86 ? 95  ASP A CA  1 
ATOM   684  C  C   . ASP A 1 95  ? 3.143   0.947   -7.823  1.00 38.84 ? 95  ASP A C   1 
ATOM   685  O  O   . ASP A 1 95  ? 3.760   1.717   -8.544  1.00 38.99 ? 95  ASP A O   1 
ATOM   686  C  CB  . ASP A 1 95  ? 2.078   -0.977  -8.948  1.00 38.56 ? 95  ASP A CB  1 
ATOM   687  C  CG  . ASP A 1 95  ? 2.150   -2.422  -9.440  1.00 38.80 ? 95  ASP A CG  1 
ATOM   688  O  OD1 . ASP A 1 95  ? 3.244   -3.055  -9.541  1.00 33.61 ? 95  ASP A OD1 1 
ATOM   689  O  OD2 . ASP A 1 95  ? 1.055   -2.911  -9.787  1.00 40.33 ? 95  ASP A OD2 1 
ATOM   690  N  N   . HIS A 1 96  ? 2.363   1.366   -6.834  1.00 38.63 ? 96  HIS A N   1 
ATOM   691  C  CA  . HIS A 1 96  ? 2.142   2.779   -6.548  1.00 38.69 ? 96  HIS A CA  1 
ATOM   692  C  C   . HIS A 1 96  ? 3.338   3.391   -5.843  1.00 38.61 ? 96  HIS A C   1 
ATOM   693  O  O   . HIS A 1 96  ? 3.570   4.596   -5.939  1.00 38.95 ? 96  HIS A O   1 
ATOM   694  C  CB  . HIS A 1 96  ? 0.858   2.989   -5.721  1.00 39.06 ? 96  HIS A CB  1 
ATOM   695  C  CG  . HIS A 1 96  ? -0.382  3.035   -6.555  1.00 38.31 ? 96  HIS A CG  1 
ATOM   696  N  ND1 . HIS A 1 96  ? -1.318  2.027   -6.550  1.00 40.43 ? 96  HIS A ND1 1 
ATOM   697  C  CD2 . HIS A 1 96  ? -0.814  3.941   -7.458  1.00 39.89 ? 96  HIS A CD2 1 
ATOM   698  C  CE1 . HIS A 1 96  ? -2.281  2.316   -7.409  1.00 40.59 ? 96  HIS A CE1 1 
ATOM   699  N  NE2 . HIS A 1 96  ? -1.998  3.474   -7.975  1.00 39.96 ? 96  HIS A NE2 1 
ATOM   700  N  N   . MET A 1 97  ? 4.105   2.550   -5.156  1.00 37.78 ? 97  MET A N   1 
ATOM   701  C  CA  . MET A 1 97  ? 5.383   2.955   -4.622  1.00 37.21 ? 97  MET A CA  1 
ATOM   702  C  C   . MET A 1 97  ? 6.464   3.057   -5.730  1.00 37.96 ? 97  MET A C   1 
ATOM   703  O  O   . MET A 1 97  ? 7.301   3.966   -5.687  1.00 38.12 ? 97  MET A O   1 
ATOM   704  C  CB  . MET A 1 97  ? 5.789   2.052   -3.448  1.00 37.03 ? 97  MET A CB  1 
ATOM   705  C  CG  . MET A 1 97  ? 4.826   2.156   -2.217  1.00 35.13 ? 97  MET A CG  1 
ATOM   706  S  SD  . MET A 1 97  ? 4.555   3.841   -1.541  1.00 30.94 ? 97  MET A SD  1 
ATOM   707  C  CE  . MET A 1 97  ? 3.173   4.473   -2.455  1.00 35.99 ? 97  MET A CE  1 
ATOM   708  N  N   . ALA A 1 98  ? 6.439   2.150   -6.712  1.00 37.79 ? 98  ALA A N   1 
ATOM   709  C  CA  . ALA A 1 98  ? 7.282   2.285   -7.913  1.00 38.27 ? 98  ALA A CA  1 
ATOM   710  C  C   . ALA A 1 98  ? 6.884   3.514   -8.720  1.00 38.53 ? 98  ALA A C   1 
ATOM   711  O  O   . ALA A 1 98  ? 7.739   4.142   -9.350  1.00 39.41 ? 98  ALA A O   1 
ATOM   712  C  CB  . ALA A 1 98  ? 7.205   1.031   -8.808  1.00 38.02 ? 98  ALA A CB  1 
ATOM   713  N  N   . GLY A 1 99  ? 5.589   3.841   -8.704  1.00 38.42 ? 99  GLY A N   1 
ATOM   714  C  CA  . GLY A 1 99  ? 5.056   5.021   -9.381  1.00 38.21 ? 99  GLY A CA  1 
ATOM   715  C  C   . GLY A 1 99  ? 5.621   6.312   -8.820  1.00 38.38 ? 99  GLY A C   1 
ATOM   716  O  O   . GLY A 1 99  ? 6.000   7.193   -9.579  1.00 38.97 ? 99  GLY A O   1 
ATOM   717  N  N   . ILE A 1 100 ? 5.702   6.400   -7.490  1.00 38.15 ? 100 ILE A N   1 
ATOM   718  C  CA  . ILE A 1 100 ? 6.335   7.531   -6.787  1.00 37.37 ? 100 ILE A CA  1 
ATOM   719  C  C   . ILE A 1 100 ? 7.831   7.647   -7.127  1.00 37.68 ? 100 ILE A C   1 
ATOM   720  O  O   . ILE A 1 100 ? 8.367   8.747   -7.316  1.00 36.91 ? 100 ILE A O   1 
ATOM   721  C  CB  . ILE A 1 100 ? 6.160   7.413   -5.254  1.00 36.63 ? 100 ILE A CB  1 
ATOM   722  C  CG1 . ILE A 1 100 ? 4.697   7.585   -4.861  1.00 36.18 ? 100 ILE A CG1 1 
ATOM   723  C  CG2 . ILE A 1 100 ? 7.012   8.452   -4.523  1.00 36.92 ? 100 ILE A CG2 1 
ATOM   724  C  CD1 . ILE A 1 100 ? 4.444   7.684   -3.330  1.00 36.73 ? 100 ILE A CD1 1 
ATOM   725  N  N   . ALA A 1 101 ? 8.493   6.500   -7.206  1.00 37.99 ? 101 ALA A N   1 
ATOM   726  C  CA  . ALA A 1 101 ? 9.881   6.457   -7.622  1.00 38.62 ? 101 ALA A CA  1 
ATOM   727  C  C   . ALA A 1 101 ? 10.053  6.988   -9.042  1.00 38.72 ? 101 ALA A C   1 
ATOM   728  O  O   . ALA A 1 101 ? 11.010  7.701   -9.301  1.00 39.23 ? 101 ALA A O   1 
ATOM   729  C  CB  . ALA A 1 101 ? 10.445  5.037   -7.482  1.00 38.95 ? 101 ALA A CB  1 
ATOM   730  N  N   . LYS A 1 102 ? 9.122   6.670   -9.946  1.00 39.16 ? 102 LYS A N   1 
ATOM   731  C  CA  . LYS A 1 102 ? 9.155   7.209   -11.317 1.00 39.59 ? 102 LYS A CA  1 
ATOM   732  C  C   . LYS A 1 102 ? 8.949   8.724   -11.362 1.00 39.51 ? 102 LYS A C   1 
ATOM   733  O  O   . LYS A 1 102 ? 9.622   9.418   -12.118 1.00 39.49 ? 102 LYS A O   1 
ATOM   734  C  CB  . LYS A 1 102 ? 8.129   6.525   -12.222 1.00 39.97 ? 102 LYS A CB  1 
ATOM   735  C  CG  . LYS A 1 102 ? 8.272   5.020   -12.313 1.00 41.60 ? 102 LYS A CG  1 
ATOM   736  C  CD  . LYS A 1 102 ? 7.310   4.450   -13.336 1.00 43.63 ? 102 LYS A CD  1 
ATOM   737  C  CE  . LYS A 1 102 ? 7.267   2.936   -13.266 1.00 44.65 ? 102 LYS A CE  1 
ATOM   738  N  NZ  . LYS A 1 102 ? 6.655   2.366   -14.495 1.00 45.32 ? 102 LYS A NZ  1 
ATOM   739  N  N   . ALA A 1 103 ? 8.022   9.231   -10.553 1.00 39.52 ? 103 ALA A N   1 
ATOM   740  C  CA  . ALA A 1 103 ? 7.800   10.672  -10.455 1.00 39.66 ? 103 ALA A CA  1 
ATOM   741  C  C   . ALA A 1 103 ? 9.040   11.419  -9.928  1.00 39.98 ? 103 ALA A C   1 
ATOM   742  O  O   . ALA A 1 103 ? 9.270   12.564  -10.294 1.00 40.19 ? 103 ALA A O   1 
ATOM   743  C  CB  . ALA A 1 103 ? 6.580   10.968  -9.594  1.00 39.09 ? 103 ALA A CB  1 
ATOM   744  N  N   . VAL A 1 104 ? 9.826   10.760  -9.074  1.00 40.30 ? 104 VAL A N   1 
ATOM   745  C  CA  . VAL A 1 104 ? 11.065  11.324  -8.534  1.00 40.62 ? 104 VAL A CA  1 
ATOM   746  C  C   . VAL A 1 104 ? 12.109  11.523  -9.634  1.00 41.27 ? 104 VAL A C   1 
ATOM   747  O  O   . VAL A 1 104 ? 12.930  12.430  -9.550  1.00 41.72 ? 104 VAL A O   1 
ATOM   748  C  CB  . VAL A 1 104 ? 11.636  10.463  -7.362  1.00 40.39 ? 104 VAL A CB  1 
ATOM   749  C  CG1 . VAL A 1 104 ? 13.080  10.862  -7.016  1.00 39.89 ? 104 VAL A CG1 1 
ATOM   750  C  CG2 . VAL A 1 104 ? 10.735  10.565  -6.125  1.00 39.30 ? 104 VAL A CG2 1 
ATOM   751  N  N   . LEU A 1 105 ? 12.066  10.680  -10.663 1.00 42.03 ? 105 LEU A N   1 
ATOM   752  C  CA  . LEU A 1 105 ? 12.981  10.789  -11.807 1.00 42.56 ? 105 LEU A CA  1 
ATOM   753  C  C   . LEU A 1 105 ? 12.608  11.951  -12.726 1.00 42.92 ? 105 LEU A C   1 
ATOM   754  O  O   . LEU A 1 105 ? 13.430  12.421  -13.510 1.00 43.18 ? 105 LEU A O   1 
ATOM   755  C  CB  . LEU A 1 105 ? 12.989  9.495   -12.628 1.00 42.49 ? 105 LEU A CB  1 
ATOM   756  C  CG  . LEU A 1 105 ? 13.319  8.148   -11.988 1.00 42.41 ? 105 LEU A CG  1 
ATOM   757  C  CD1 . LEU A 1 105 ? 13.167  7.053   -13.036 1.00 42.31 ? 105 LEU A CD1 1 
ATOM   758  C  CD2 . LEU A 1 105 ? 14.716  8.140   -11.403 1.00 42.82 ? 105 LEU A CD2 1 
ATOM   759  N  N   . GLN A 1 106 ? 11.366  12.400  -12.621 1.00 43.49 ? 106 GLN A N   1 
ATOM   760  C  CA  . GLN A 1 106 ? 10.846  13.466  -13.460 1.00 44.26 ? 106 GLN A CA  1 
ATOM   761  C  C   . GLN A 1 106 ? 10.953  14.819  -12.765 1.00 44.86 ? 106 GLN A C   1 
ATOM   762  O  O   . GLN A 1 106 ? 10.683  15.866  -13.371 1.00 44.78 ? 106 GLN A O   1 
ATOM   763  C  CB  . GLN A 1 106 ? 9.397   13.161  -13.862 1.00 44.25 ? 106 GLN A CB  1 
ATOM   764  C  CG  . GLN A 1 106 ? 9.214   11.835  -14.608 1.00 44.37 ? 106 GLN A CG  1 
ATOM   765  C  CD  . GLN A 1 106 ? 9.920   11.820  -15.957 1.00 45.03 ? 106 GLN A CD  1 
ATOM   766  O  OE1 . GLN A 1 106 ? 9.403   12.333  -16.947 1.00 45.65 ? 106 GLN A OE1 1 
ATOM   767  N  NE2 . GLN A 1 106 ? 11.105  11.223  -15.999 1.00 44.78 ? 106 GLN A NE2 1 
ATOM   768  N  N   . LEU A 1 107 ? 11.357  14.795  -11.495 1.00 45.57 ? 107 LEU A N   1 
ATOM   769  C  CA  . LEU A 1 107 ? 11.507  16.021  -10.724 1.00 46.57 ? 107 LEU A CA  1 
ATOM   770  C  C   . LEU A 1 107 ? 12.733  16.835  -11.146 1.00 47.50 ? 107 LEU A C   1 
ATOM   771  O  O   . LEU A 1 107 ? 13.822  16.294  -11.357 1.00 47.28 ? 107 LEU A O   1 
ATOM   772  C  CB  . LEU A 1 107 ? 11.533  15.735  -9.219  1.00 46.10 ? 107 LEU A CB  1 
ATOM   773  C  CG  . LEU A 1 107 ? 10.200  15.362  -8.552  1.00 45.83 ? 107 LEU A CG  1 
ATOM   774  C  CD1 . LEU A 1 107 ? 10.390  15.121  -7.059  1.00 44.45 ? 107 LEU A CD1 1 
ATOM   775  C  CD2 . LEU A 1 107 ? 9.130   16.426  -8.787  1.00 44.98 ? 107 LEU A CD2 1 
ATOM   776  N  N   . LYS A 1 108 ? 12.526  18.140  -11.277 1.00 48.92 ? 108 LYS A N   1 
ATOM   777  C  CA  . LYS A 1 108 ? 13.596  19.079  -11.601 1.00 50.49 ? 108 LYS A CA  1 
ATOM   778  C  C   . LYS A 1 108 ? 13.838  20.000  -10.416 1.00 51.57 ? 108 LYS A C   1 
ATOM   779  O  O   . LYS A 1 108 ? 12.898  20.428  -9.740  1.00 51.49 ? 108 LYS A O   1 
ATOM   780  C  CB  . LYS A 1 108 ? 13.253  19.904  -12.849 1.00 50.33 ? 108 LYS A CB  1 
ATOM   781  C  CG  . LYS A 1 108 ? 12.890  19.086  -14.088 1.00 50.42 ? 108 LYS A CG  1 
ATOM   782  C  CD  . LYS A 1 108 ? 14.123  18.494  -14.769 1.00 50.72 ? 108 LYS A CD  1 
ATOM   783  C  CE  . LYS A 1 108 ? 13.772  17.872  -16.118 1.00 50.95 ? 108 LYS A CE  1 
ATOM   784  N  NZ  . LYS A 1 108 ? 12.914  16.657  -15.984 1.00 50.75 ? 108 LYS A NZ  1 
ATOM   785  N  N   . GLU A 1 109 ? 15.109  20.291  -10.168 1.00 53.21 ? 109 GLU A N   1 
ATOM   786  C  CA  . GLU A 1 109 ? 15.500  21.165  -9.077  1.00 54.78 ? 109 GLU A CA  1 
ATOM   787  C  C   . GLU A 1 109 ? 16.686  22.025  -9.482  1.00 55.85 ? 109 GLU A C   1 
ATOM   788  O  O   . GLU A 1 109 ? 17.810  21.520  -9.512  1.00 56.13 ? 109 GLU A O   1 
ATOM   789  C  CB  . GLU A 1 109 ? 15.863  20.350  -7.835  1.00 54.87 ? 109 GLU A CB  1 
ATOM   790  C  CG  . GLU A 1 109 ? 14.723  20.161  -6.846  1.00 55.56 ? 109 GLU A CG  1 
ATOM   791  C  CD  . GLU A 1 109 ? 15.135  20.536  -5.432  1.00 56.08 ? 109 GLU A CD  1 
ATOM   792  O  OE1 . GLU A 1 109 ? 15.712  21.637  -5.247  1.00 56.33 ? 109 GLU A OE1 1 
ATOM   793  O  OE2 . GLU A 1 109 ? 14.875  19.739  -4.507  1.00 56.21 ? 109 GLU A OE2 1 
ATOM   794  N  N   . ASN A 1 110 ? 16.475  23.303  -9.826  1.00 57.17 ? 110 ASN A N   1 
ATOM   795  C  CA  . ASN A 1 110 ? 15.161  23.957  -10.058 1.00 58.26 ? 110 ASN A CA  1 
ATOM   796  C  C   . ASN A 1 110 ? 14.119  24.032  -8.915  1.00 59.01 ? 110 ASN A C   1 
ATOM   797  O  O   . ASN A 1 110 ? 14.465  23.875  -7.735  1.00 59.25 ? 110 ASN A O   1 
ATOM   798  C  CB  . ASN A 1 110 ? 14.528  23.474  -11.381 1.00 58.13 ? 110 ASN A CB  1 
ATOM   799  C  CG  . ASN A 1 110 ? 15.340  23.881  -12.606 1.00 58.18 ? 110 ASN A CG  1 
ATOM   800  O  OD1 . ASN A 1 110 ? 16.190  24.775  -12.546 1.00 57.55 ? 110 ASN A OD1 1 
ATOM   801  N  ND2 . ASN A 1 110 ? 15.078  23.222  -13.729 1.00 58.04 ? 110 ASN A ND2 1 
ATOM   802  N  N   . GLN A 1 111 ? 12.861  24.287  -9.284  1.00 59.74 ? 111 GLN A N   1 
ATOM   803  C  CA  . GLN A 1 111 ? 11.781  24.625  -8.343  1.00 60.42 ? 111 GLN A CA  1 
ATOM   804  C  C   . GLN A 1 111 ? 10.419  24.385  -9.029  1.00 60.73 ? 111 GLN A C   1 
ATOM   805  O  O   . GLN A 1 111 ? 10.371  24.360  -10.258 1.00 60.96 ? 111 GLN A O   1 
ATOM   806  C  CB  . GLN A 1 111 ? 11.912  26.098  -7.921  1.00 60.51 ? 111 GLN A CB  1 
ATOM   807  C  CG  . GLN A 1 111 ? 11.868  27.100  -9.081  1.00 60.77 ? 111 GLN A CG  1 
ATOM   808  C  CD  . GLN A 1 111 ? 11.384  28.483  -8.667  1.00 61.38 ? 111 GLN A CD  1 
ATOM   809  O  OE1 . GLN A 1 111 ? 10.357  28.961  -9.152  1.00 61.48 ? 111 GLN A OE1 1 
ATOM   810  N  NE2 . GLN A 1 111 ? 12.123  29.133  -7.771  1.00 61.80 ? 111 GLN A NE2 1 
ATOM   811  N  N   . LEU A 1 112 ? 9.314   24.214  -8.288  1.00 61.06 ? 112 LEU A N   1 
ATOM   812  C  CA  . LEU A 1 112 ? 9.233   24.213  -6.815  1.00 61.31 ? 112 LEU A CA  1 
ATOM   813  C  C   . LEU A 1 112 ? 8.201   23.182  -6.331  1.00 61.32 ? 112 LEU A C   1 
ATOM   814  O  O   . LEU A 1 112 ? 7.566   22.506  -7.145  1.00 61.38 ? 112 LEU A O   1 
ATOM   815  C  CB  . LEU A 1 112 ? 8.889   25.617  -6.271  1.00 61.37 ? 112 LEU A CB  1 
ATOM   816  C  CG  . LEU A 1 112 ? 7.916   26.550  -7.015  1.00 61.61 ? 112 LEU A CG  1 
ATOM   817  C  CD1 . LEU A 1 112 ? 6.459   26.099  -6.890  1.00 62.46 ? 112 LEU A CD1 1 
ATOM   818  C  CD2 . LEU A 1 112 ? 8.071   27.983  -6.530  1.00 61.59 ? 112 LEU A CD2 1 
ATOM   819  N  N   . ALA A 1 113 ? 8.043   23.075  -5.010  1.00 61.30 ? 113 ALA A N   1 
ATOM   820  C  CA  . ALA A 1 113 ? 7.110   22.129  -4.389  1.00 61.18 ? 113 ALA A CA  1 
ATOM   821  C  C   . ALA A 1 113 ? 5.651   22.540  -4.563  1.00 61.04 ? 113 ALA A C   1 
ATOM   822  O  O   . ALA A 1 113 ? 4.735   21.775  -4.243  1.00 60.99 ? 113 ALA A O   1 
ATOM   823  C  CB  . ALA A 1 113 ? 7.438   21.954  -2.906  1.00 61.23 ? 113 ALA A CB  1 
ATOM   824  N  N   . GLU A 1 116 ? 5.524   20.346  1.045   1.00 40.97 ? 116 GLU A N   1 
ATOM   825  C  CA  . GLU A 1 116 ? 6.555   19.362  1.369   1.00 40.76 ? 116 GLU A CA  1 
ATOM   826  C  C   . GLU A 1 116 ? 6.278   18.602  2.676   1.00 40.03 ? 116 GLU A C   1 
ATOM   827  O  O   . GLU A 1 116 ? 6.193   17.371  2.674   1.00 39.72 ? 116 GLU A O   1 
ATOM   828  C  CB  . GLU A 1 116 ? 7.946   20.022  1.415   1.00 41.31 ? 116 GLU A CB  1 
ATOM   829  C  CG  . GLU A 1 116 ? 9.102   19.057  1.100   1.00 43.16 ? 116 GLU A CG  1 
ATOM   830  C  CD  . GLU A 1 116 ? 8.840   18.207  -0.156  1.00 46.82 ? 116 GLU A CD  1 
ATOM   831  O  OE1 . GLU A 1 116 ? 8.920   18.752  -1.283  1.00 47.49 ? 116 GLU A OE1 1 
ATOM   832  O  OE2 . GLU A 1 116 ? 8.548   16.997  -0.008  1.00 47.89 ? 116 GLU A OE2 1 
ATOM   833  N  N   . GLU A 1 117 ? 6.153   19.339  3.781   1.00 39.02 ? 117 GLU A N   1 
ATOM   834  C  CA  . GLU A 1 117 ? 5.888   18.743  5.092   1.00 38.14 ? 117 GLU A CA  1 
ATOM   835  C  C   . GLU A 1 117 ? 4.508   18.081  5.240   1.00 38.01 ? 117 GLU A C   1 
ATOM   836  O  O   . GLU A 1 117 ? 4.387   17.030  5.881   1.00 37.44 ? 117 GLU A O   1 
ATOM   837  C  CB  . GLU A 1 117 ? 6.141   19.758  6.225   1.00 38.32 ? 117 GLU A CB  1 
ATOM   838  C  CG  . GLU A 1 117 ? 7.595   20.210  6.370   1.00 36.36 ? 117 GLU A CG  1 
ATOM   839  C  CD  . GLU A 1 117 ? 8.590   19.052  6.426   1.00 35.14 ? 117 GLU A CD  1 
ATOM   840  O  OE1 . GLU A 1 117 ? 8.326   18.036  7.130   1.00 31.07 ? 117 GLU A OE1 1 
ATOM   841  O  OE2 . GLU A 1 117 ? 9.650   19.161  5.759   1.00 36.59 ? 117 GLU A OE2 1 
ATOM   842  N  N   . GLN A 1 118 ? 3.483   18.684  4.643   1.00 38.00 ? 118 GLN A N   1 
ATOM   843  C  CA  . GLN A 1 118 ? 2.163   18.042  4.520   1.00 38.40 ? 118 GLN A CA  1 
ATOM   844  C  C   . GLN A 1 118 ? 2.254   16.686  3.809   1.00 38.11 ? 118 GLN A C   1 
ATOM   845  O  O   . GLN A 1 118 ? 1.648   15.698  4.234   1.00 38.29 ? 118 GLN A O   1 
ATOM   846  C  CB  . GLN A 1 118 ? 1.188   18.941  3.768   1.00 38.74 ? 118 GLN A CB  1 
ATOM   847  C  CG  . GLN A 1 118 ? 0.435   19.948  4.631   1.00 40.23 ? 118 GLN A CG  1 
ATOM   848  C  CD  . GLN A 1 118 ? -0.989  20.186  4.118   1.00 42.20 ? 118 GLN A CD  1 
ATOM   849  O  OE1 . GLN A 1 118 ? -1.799  19.266  4.068   1.00 41.82 ? 118 GLN A OE1 1 
ATOM   850  N  NE2 . GLN A 1 118 ? -1.290  21.424  3.739   1.00 43.63 ? 118 GLN A NE2 1 
ATOM   851  N  N   . LEU A 1 119 ? 3.031   16.655  2.733   1.00 37.82 ? 119 LEU A N   1 
ATOM   852  C  CA  . LEU A 1 119 ? 3.310   15.446  1.977   1.00 37.55 ? 119 LEU A CA  1 
ATOM   853  C  C   . LEU A 1 119 ? 4.018   14.366  2.810   1.00 37.04 ? 119 LEU A C   1 
ATOM   854  O  O   . LEU A 1 119 ? 3.702   13.172  2.694   1.00 36.73 ? 119 LEU A O   1 
ATOM   855  C  CB  . LEU A 1 119 ? 4.149   15.809  0.752   1.00 37.76 ? 119 LEU A CB  1 
ATOM   856  C  CG  . LEU A 1 119 ? 3.941   14.869  -0.433  1.00 40.34 ? 119 LEU A CG  1 
ATOM   857  C  CD1 . LEU A 1 119 ? 3.960   15.646  -1.748  1.00 41.13 ? 119 LEU A CD1 1 
ATOM   858  C  CD2 . LEU A 1 119 ? 4.982   13.756  -0.407  1.00 41.44 ? 119 LEU A CD2 1 
ATOM   859  N  N   . HIS A 1 120 ? 4.982   14.802  3.629   1.00 36.36 ? 120 HIS A N   1 
ATOM   860  C  CA  . HIS A 1 120 ? 5.683   13.956  4.598   1.00 36.00 ? 120 HIS A CA  1 
ATOM   861  C  C   . HIS A 1 120 ? 4.674   13.361  5.575   1.00 35.59 ? 120 HIS A C   1 
ATOM   862  O  O   . HIS A 1 120 ? 4.794   12.210  5.973   1.00 35.33 ? 120 HIS A O   1 
ATOM   863  C  CB  . HIS A 1 120 ? 6.747   14.776  5.389   1.00 35.99 ? 120 HIS A CB  1 
ATOM   864  C  CG  . HIS A 1 120 ? 7.966   15.153  4.593   1.00 36.35 ? 120 HIS A CG  1 
ATOM   865  N  ND1 . HIS A 1 120 ? 9.085   15.725  5.169   1.00 39.71 ? 120 HIS A ND1 1 
ATOM   866  C  CD2 . HIS A 1 120 ? 8.255   15.016  3.277   1.00 38.22 ? 120 HIS A CD2 1 
ATOM   867  C  CE1 . HIS A 1 120 ? 9.997   15.946  4.240   1.00 39.24 ? 120 HIS A CE1 1 
ATOM   868  N  NE2 . HIS A 1 120 ? 9.519   15.524  3.083   1.00 38.95 ? 120 HIS A NE2 1 
ATOM   869  N  N   . GLN A 1 121 ? 3.685   14.161  5.965   1.00 35.76 ? 121 GLN A N   1 
ATOM   870  C  CA  . GLN A 1 121 ? 2.667   13.727  6.917   1.00 35.83 ? 121 GLN A CA  1 
ATOM   871  C  C   . GLN A 1 121 ? 1.722   12.705  6.313   1.00 35.59 ? 121 GLN A C   1 
ATOM   872  O  O   . GLN A 1 121 ? 1.427   11.693  6.943   1.00 35.48 ? 121 GLN A O   1 
ATOM   873  C  CB  . GLN A 1 121 ? 1.886   14.910  7.479   1.00 36.11 ? 121 GLN A CB  1 
ATOM   874  C  CG  . GLN A 1 121 ? 2.724   15.856  8.338   1.00 37.09 ? 121 GLN A CG  1 
ATOM   875  C  CD  . GLN A 1 121 ? 3.409   15.155  9.490   1.00 38.89 ? 121 GLN A CD  1 
ATOM   876  O  OE1 . GLN A 1 121 ? 2.811   14.304  10.155  1.00 41.23 ? 121 GLN A OE1 1 
ATOM   877  N  NE2 . GLN A 1 121 ? 4.670   15.506  9.741   1.00 36.99 ? 121 GLN A NE2 1 
ATOM   878  N  N   . MET A 1 122 ? 1.261   12.967  5.088   1.00 35.41 ? 122 MET A N   1 
ATOM   879  C  CA  . MET A 1 122 ? 0.442   12.020  4.345   1.00 33.98 ? 122 MET A CA  1 
ATOM   880  C  C   . MET A 1 122 ? 1.218   10.720  4.194   1.00 35.86 ? 122 MET A C   1 
ATOM   881  O  O   . MET A 1 122 ? 0.650   9.623   4.318   1.00 35.58 ? 122 MET A O   1 
ATOM   882  C  CB  . MET A 1 122 ? 0.078   12.602  2.971   1.00 34.86 ? 122 MET A CB  1 
ATOM   883  C  CG  . MET A 1 122 ? -0.801  11.713  2.073   1.00 32.77 ? 122 MET A CG  1 
ATOM   884  S  SD  . MET A 1 122 ? -1.279  12.481  0.500   1.00 28.94 ? 122 MET A SD  1 
ATOM   885  C  CE  . MET A 1 122 ? 0.288   12.873  -0.178  1.00 35.01 ? 122 MET A CE  1 
ATOM   886  N  N   . GLY A 1 123 ? 2.522   10.850  3.944   1.00 36.50 ? 123 GLY A N   1 
ATOM   887  C  CA  . GLY A 1 123 ? 3.401   9.693   3.798   1.00 37.70 ? 123 GLY A CA  1 
ATOM   888  C  C   . GLY A 1 123 ? 3.554   8.886   5.072   1.00 38.69 ? 123 GLY A C   1 
ATOM   889  O  O   . GLY A 1 123 ? 3.440   7.660   5.046   1.00 39.47 ? 123 GLY A O   1 
ATOM   890  N  N   . LYS A 1 124 ? 3.811   9.579   6.182   1.00 39.63 ? 124 LYS A N   1 
ATOM   891  C  CA  . LYS A 1 124 ? 3.956   8.981   7.516   1.00 40.19 ? 124 LYS A CA  1 
ATOM   892  C  C   . LYS A 1 124 ? 2.681   8.225   7.954   1.00 40.67 ? 124 LYS A C   1 
ATOM   893  O  O   . LYS A 1 124 ? 2.771   7.149   8.549   1.00 40.69 ? 124 LYS A O   1 
ATOM   894  C  CB  . LYS A 1 124 ? 4.351   10.061  8.561   1.00 40.09 ? 124 LYS A CB  1 
ATOM   895  C  CG  . LYS A 1 124 ? 5.816   10.626  8.454   1.00 41.05 ? 124 LYS A CG  1 
ATOM   896  C  CD  . LYS A 1 124 ? 6.105   11.931  9.322   1.00 40.09 ? 124 LYS A CD  1 
ATOM   897  C  CE  . LYS A 1 124 ? 7.496   12.594  8.970   1.00 40.82 ? 124 LYS A CE  1 
ATOM   898  N  NZ  . LYS A 1 124 ? 7.775   14.134  9.251   1.00 38.05 ? 124 LYS A NZ  1 
ATOM   899  N  N   . LEU A 1 125 ? 1.503   8.780   7.663   1.00 41.35 ? 125 LEU A N   1 
ATOM   900  C  CA  . LEU A 1 125 ? 0.234   8.129   8.030   1.00 42.07 ? 125 LEU A CA  1 
ATOM   901  C  C   . LEU A 1 125 ? -0.036  6.895   7.158   1.00 42.71 ? 125 LEU A C   1 
ATOM   902  O  O   . LEU A 1 125 ? -0.528  5.873   7.640   1.00 43.47 ? 125 LEU A O   1 
ATOM   903  C  CB  . LEU A 1 125 ? -0.948  9.118   8.013   1.00 42.06 ? 125 LEU A CB  1 
ATOM   904  C  CG  . LEU A 1 125 ? -2.377  8.603   8.328   1.00 42.34 ? 125 LEU A CG  1 
ATOM   905  C  CD1 . LEU A 1 125 ? -2.571  8.072   9.764   1.00 42.25 ? 125 LEU A CD1 1 
ATOM   906  C  CD2 . LEU A 1 125 ? -3.423  9.664   8.040   1.00 42.07 ? 125 LEU A CD2 1 
ATOM   907  N  N   . SER A 1 126 ? 0.330   6.980   5.882   1.00 42.89 ? 126 SER A N   1 
ATOM   908  C  CA  . SER A 1 126 ? 0.287   5.836   4.976   1.00 42.41 ? 126 SER A CA  1 
ATOM   909  C  C   . SER A 1 126 ? 1.143   4.674   5.501   1.00 42.39 ? 126 SER A C   1 
ATOM   910  O  O   . SER A 1 126 ? 0.672   3.540   5.615   1.00 42.75 ? 126 SER A O   1 
ATOM   911  C  CB  . SER A 1 126 ? 0.740   6.258   3.572   1.00 42.16 ? 126 SER A CB  1 
ATOM   912  O  OG  . SER A 1 126 ? -0.225  7.114   2.973   1.00 41.79 ? 126 SER A OG  1 
ATOM   913  N  N   . LEU A 1 127 ? 2.397   4.962   5.815   1.00 42.36 ? 127 LEU A N   1 
ATOM   914  C  CA  . LEU A 1 127 ? 3.309   3.949   6.339   1.00 42.45 ? 127 LEU A CA  1 
ATOM   915  C  C   . LEU A 1 127 ? 2.788   3.308   7.624   1.00 42.46 ? 127 LEU A C   1 
ATOM   916  O  O   . LEU A 1 127 ? 2.813   2.090   7.754   1.00 43.42 ? 127 LEU A O   1 
ATOM   917  C  CB  . LEU A 1 127 ? 4.684   4.545   6.594   1.00 41.99 ? 127 LEU A CB  1 
ATOM   918  C  CG  . LEU A 1 127 ? 5.528   4.916   5.371   1.00 42.98 ? 127 LEU A CG  1 
ATOM   919  C  CD1 . LEU A 1 127 ? 6.929   5.343   5.851   1.00 38.72 ? 127 LEU A CD1 1 
ATOM   920  C  CD2 . LEU A 1 127 ? 5.632   3.752   4.402   1.00 41.55 ? 127 LEU A CD2 1 
ATOM   921  N  N   . SER A 1 128 ? 2.310   4.115   8.565   1.00 41.66 ? 128 SER A N   1 
ATOM   922  C  CA  . SER A 1 128 ? 1.962   3.566   9.861   1.00 41.48 ? 128 SER A CA  1 
ATOM   923  C  C   . SER A 1 128 ? 0.690   2.730   9.770   1.00 40.79 ? 128 SER A C   1 
ATOM   924  O  O   . SER A 1 128 ? 0.543   1.754   10.489  1.00 41.25 ? 128 SER A O   1 
ATOM   925  C  CB  . SER A 1 128 ? 1.880   4.643   10.943  1.00 41.05 ? 128 SER A CB  1 
ATOM   926  O  OG  . SER A 1 128 ? 0.665   5.343   10.875  1.00 42.63 ? 128 SER A OG  1 
ATOM   927  N  N   . MET A 1 129 ? -0.196  3.101   8.854   1.00 40.54 ? 129 MET A N   1 
ATOM   928  C  CA  . MET A 1 129 ? -1.381  2.305   8.523   1.00 38.95 ? 129 MET A CA  1 
ATOM   929  C  C   . MET A 1 129 ? -0.984  0.891   8.099   1.00 40.37 ? 129 MET A C   1 
ATOM   930  O  O   . MET A 1 129 ? -1.583  -0.079  8.576   1.00 40.74 ? 129 MET A O   1 
ATOM   931  C  CB  . MET A 1 129 ? -2.211  2.982   7.426   1.00 39.27 ? 129 MET A CB  1 
ATOM   932  C  CG  . MET A 1 129 ? -3.244  4.041   7.898   1.00 37.46 ? 129 MET A CG  1 
ATOM   933  S  SD  . MET A 1 129 ? -3.987  4.984   6.494   1.00 34.02 ? 129 MET A SD  1 
ATOM   934  C  CE  . MET A 1 129 ? -5.116  3.757   5.863   1.00 35.80 ? 129 MET A CE  1 
ATOM   935  N  N   . LEU A 1 130 ? 0.020   0.759   7.222   1.00 40.70 ? 130 LEU A N   1 
ATOM   936  C  CA  . LEU A 1 130 ? 0.463   -0.568  6.793   1.00 41.19 ? 130 LEU A CA  1 
ATOM   937  C  C   . LEU A 1 130 ? 1.152   -1.331  7.922   1.00 41.89 ? 130 LEU A C   1 
ATOM   938  O  O   . LEU A 1 130 ? 0.921   -2.529  8.088   1.00 42.89 ? 130 LEU A O   1 
ATOM   939  C  CB  . LEU A 1 130 ? 1.394   -0.482  5.585   1.00 41.26 ? 130 LEU A CB  1 
ATOM   940  C  CG  . LEU A 1 130 ? 1.874   -1.811  4.998   1.00 40.67 ? 130 LEU A CG  1 
ATOM   941  C  CD1 . LEU A 1 130 ? 0.668   -2.714  4.618   1.00 39.34 ? 130 LEU A CD1 1 
ATOM   942  C  CD2 . LEU A 1 130 ? 2.756   -1.578  3.782   1.00 42.16 ? 130 LEU A CD2 1 
ATOM   943  N  N   . ALA A 1 131 ? 2.001   -0.647  8.683   1.00 41.91 ? 131 ALA A N   1 
ATOM   944  C  CA  . ALA A 1 131 ? 2.720   -1.270  9.797   1.00 42.57 ? 131 ALA A CA  1 
ATOM   945  C  C   . ALA A 1 131 ? 1.737   -1.776  10.854  1.00 42.79 ? 131 ALA A C   1 
ATOM   946  O  O   . ALA A 1 131 ? 1.892   -2.874  11.393  1.00 42.77 ? 131 ALA A O   1 
ATOM   947  C  CB  . ALA A 1 131 ? 3.710   -0.292  10.403  1.00 42.02 ? 131 ALA A CB  1 
ATOM   948  N  N   . ASP A 1 132 ? 0.732   -0.962  11.152  1.00 43.50 ? 132 ASP A N   1 
ATOM   949  C  CA  . ASP A 1 132 ? -0.375  -1.379  12.022  1.00 44.45 ? 132 ASP A CA  1 
ATOM   950  C  C   . ASP A 1 132 ? -1.111  -2.607  11.473  1.00 44.18 ? 132 ASP A C   1 
ATOM   951  O  O   . ASP A 1 132 ? -1.317  -3.579  12.188  1.00 44.69 ? 132 ASP A O   1 
ATOM   952  C  CB  . ASP A 1 132 ? -1.354  -0.223  12.253  1.00 44.33 ? 132 ASP A CB  1 
ATOM   953  C  CG  . ASP A 1 132 ? -0.763  0.889   13.137  1.00 46.77 ? 132 ASP A CG  1 
ATOM   954  O  OD1 . ASP A 1 132 ? 0.320   0.722   13.744  1.00 46.17 ? 132 ASP A OD1 1 
ATOM   955  O  OD2 . ASP A 1 132 ? -1.400  1.958   13.220  1.00 52.11 ? 132 ASP A OD2 1 
ATOM   956  N  N   . LEU A 1 133 ? -1.442  -2.575  10.188  1.00 44.53 ? 133 LEU A N   1 
ATOM   957  C  CA  . LEU A 1 133 ? -2.123  -3.686  9.531   1.00 44.53 ? 133 LEU A CA  1 
ATOM   958  C  C   . LEU A 1 133 ? -1.336  -4.989  9.658   1.00 44.42 ? 133 LEU A C   1 
ATOM   959  O  O   . LEU A 1 133 ? -1.899  -6.010  10.023  1.00 45.07 ? 133 LEU A O   1 
ATOM   960  C  CB  . LEU A 1 133 ? -2.409  -3.367  8.059   1.00 44.23 ? 133 LEU A CB  1 
ATOM   961  C  CG  . LEU A 1 133 ? -3.029  -4.496  7.210   1.00 44.98 ? 133 LEU A CG  1 
ATOM   962  C  CD1 . LEU A 1 133 ? -4.407  -4.934  7.767   1.00 43.86 ? 133 LEU A CD1 1 
ATOM   963  C  CD2 . LEU A 1 133 ? -3.149  -4.110  5.748   1.00 44.55 ? 133 LEU A CD2 1 
ATOM   964  N  N   . LEU A 1 134 ? -0.042  -4.946  9.367   1.00 44.06 ? 134 LEU A N   1 
ATOM   965  C  CA  . LEU A 1 134 ? 0.821   -6.129  9.487   1.00 43.84 ? 134 LEU A CA  1 
ATOM   966  C  C   . LEU A 1 134 ? 0.872   -6.745  10.884  1.00 43.36 ? 134 LEU A C   1 
ATOM   967  O  O   . LEU A 1 134 ? 0.913   -7.963  11.007  1.00 43.49 ? 134 LEU A O   1 
ATOM   968  C  CB  . LEU A 1 134 ? 2.234   -5.859  8.944   1.00 43.09 ? 134 LEU A CB  1 
ATOM   969  C  CG  . LEU A 1 134 ? 2.243   -5.435  7.469   1.00 43.00 ? 134 LEU A CG  1 
ATOM   970  C  CD1 . LEU A 1 134 ? 3.665   -5.401  6.950   1.00 43.94 ? 134 LEU A CD1 1 
ATOM   971  C  CD2 . LEU A 1 134 ? 1.380   -6.334  6.578   1.00 42.41 ? 134 LEU A CD2 1 
ATOM   972  N  N   . VAL A 1 135 ? 0.872   -5.917  11.925  1.00 43.54 ? 135 VAL A N   1 
ATOM   973  C  CA  . VAL A 1 135 ? 0.760   -6.406  13.311  1.00 43.33 ? 135 VAL A CA  1 
ATOM   974  C  C   . VAL A 1 135 ? -0.666  -6.935  13.595  1.00 43.46 ? 135 VAL A C   1 
ATOM   975  O  O   . VAL A 1 135 ? -0.829  -7.993  14.207  1.00 43.27 ? 135 VAL A O   1 
ATOM   976  C  CB  . VAL A 1 135 ? 1.119   -5.302  14.346  1.00 43.48 ? 135 VAL A CB  1 
ATOM   977  C  CG1 . VAL A 1 135 ? 0.910   -5.789  15.777  1.00 42.22 ? 135 VAL A CG1 1 
ATOM   978  C  CG2 . VAL A 1 135 ? 2.560   -4.813  14.151  1.00 43.80 ? 135 VAL A CG2 1 
ATOM   979  N  N   . ALA A 1 136 ? -1.682  -6.191  13.156  1.00 43.10 ? 136 ALA A N   1 
ATOM   980  C  CA  . ALA A 1 136 ? -3.082  -6.562  13.387  1.00 43.29 ? 136 ALA A CA  1 
ATOM   981  C  C   . ALA A 1 136 ? -3.530  -7.836  12.649  1.00 43.73 ? 136 ALA A C   1 
ATOM   982  O  O   . ALA A 1 136 ? -4.363  -8.572  13.147  1.00 43.64 ? 136 ALA A O   1 
ATOM   983  C  CB  . ALA A 1 136 ? -4.005  -5.403  13.019  1.00 43.21 ? 136 ALA A CB  1 
ATOM   984  N  N   . PHE A 1 137 ? -2.971  -8.094  11.468  1.00 44.21 ? 137 PHE A N   1 
ATOM   985  C  CA  . PHE A 1 137 ? -3.488  -9.145  10.584  1.00 44.82 ? 137 PHE A CA  1 
ATOM   986  C  C   . PHE A 1 137 ? -3.509  -10.566 11.209  1.00 45.02 ? 137 PHE A C   1 
ATOM   987  O  O   . PHE A 1 137 ? -4.538  -11.234 11.143  1.00 45.15 ? 137 PHE A O   1 
ATOM   988  C  CB  . PHE A 1 137 ? -2.769  -9.109  9.225   1.00 44.34 ? 137 PHE A CB  1 
ATOM   989  C  CG  . PHE A 1 137 ? -3.448  -9.896  8.159   1.00 44.98 ? 137 PHE A CG  1 
ATOM   990  C  CD1 . PHE A 1 137 ? -4.146  -9.249  7.139   1.00 45.40 ? 137 PHE A CD1 1 
ATOM   991  C  CD2 . PHE A 1 137 ? -3.380  -11.297 8.142   1.00 46.85 ? 137 PHE A CD2 1 
ATOM   992  C  CE1 . PHE A 1 137 ? -4.803  -9.986  6.125   1.00 43.50 ? 137 PHE A CE1 1 
ATOM   993  C  CE2 . PHE A 1 137 ? -4.047  -12.044 7.133   1.00 45.10 ? 137 PHE A CE2 1 
ATOM   994  C  CZ  . PHE A 1 137 ? -4.751  -11.378 6.126   1.00 43.54 ? 137 PHE A CZ  1 
ATOM   995  N  N   . PRO A 1 138 ? -2.382  -11.033 11.802  1.00 45.18 ? 138 PRO A N   1 
ATOM   996  C  CA  . PRO A 1 138 ? -2.340  -12.361 12.479  1.00 45.59 ? 138 PRO A CA  1 
ATOM   997  C  C   . PRO A 1 138 ? -3.355  -12.542 13.614  1.00 46.16 ? 138 PRO A C   1 
ATOM   998  O  O   . PRO A 1 138 ? -3.712  -13.676 13.946  1.00 45.81 ? 138 PRO A O   1 
ATOM   999  C  CB  . PRO A 1 138 ? -0.914  -12.433 13.065  1.00 45.25 ? 138 PRO A CB  1 
ATOM   1000 C  CG  . PRO A 1 138 ? -0.134  -11.455 12.328  1.00 45.66 ? 138 PRO A CG  1 
ATOM   1001 C  CD  . PRO A 1 138 ? -1.071  -10.365 11.844  1.00 45.17 ? 138 PRO A CD  1 
ATOM   1002 N  N   . LEU A 1 139 ? -3.791  -11.433 14.208  1.00 47.24 ? 139 LEU A N   1 
ATOM   1003 C  CA  . LEU A 1 139 ? -4.814  -11.455 15.250  1.00 48.61 ? 139 LEU A CA  1 
ATOM   1004 C  C   . LEU A 1 139 ? -6.202  -11.738 14.699  1.00 49.05 ? 139 LEU A C   1 
ATOM   1005 O  O   . LEU A 1 139 ? -7.047  -12.283 15.396  1.00 49.53 ? 139 LEU A O   1 
ATOM   1006 C  CB  . LEU A 1 139 ? -4.794  -10.163 16.071  1.00 48.52 ? 139 LEU A CB  1 
ATOM   1007 C  CG  . LEU A 1 139 ? -3.497  -9.976  16.873  1.00 49.32 ? 139 LEU A CG  1 
ATOM   1008 C  CD1 . LEU A 1 139 ? -3.304  -8.536  17.286  1.00 49.69 ? 139 LEU A CD1 1 
ATOM   1009 C  CD2 . LEU A 1 139 ? -3.425  -10.901 18.095  1.00 49.38 ? 139 LEU A CD2 1 
ATOM   1010 N  N   . HIS A 1 140 ? -6.427  -11.412 13.432  1.00 50.21 ? 140 HIS A N   1 
ATOM   1011 C  CA  . HIS A 1 140 ? -7.744  -11.599 12.805  1.00 51.40 ? 140 HIS A CA  1 
ATOM   1012 C  C   . HIS A 1 140 ? -8.865  -10.802 13.517  1.00 51.55 ? 140 HIS A C   1 
ATOM   1013 O  O   . HIS A 1 140 ? -10.041 -11.137 13.408  1.00 52.42 ? 140 HIS A O   1 
ATOM   1014 C  CB  . HIS A 1 140 ? -8.111  -13.096 12.721  1.00 51.54 ? 140 HIS A CB  1 
ATOM   1015 C  CG  . HIS A 1 140 ? -7.069  -13.951 12.065  1.00 52.59 ? 140 HIS A CG  1 
ATOM   1016 N  ND1 . HIS A 1 140 ? -6.261  -13.498 11.041  1.00 53.16 ? 140 HIS A ND1 1 
ATOM   1017 C  CD2 . HIS A 1 140 ? -6.724  -15.246 12.272  1.00 52.51 ? 140 HIS A CD2 1 
ATOM   1018 C  CE1 . HIS A 1 140 ? -5.452  -14.472 10.662  1.00 52.86 ? 140 HIS A CE1 1 
ATOM   1019 N  NE2 . HIS A 1 140 ? -5.714  -15.544 11.389  1.00 52.92 ? 140 HIS A NE2 1 
ATOM   1020 N  N   . GLN A 1 141 ? -8.468  -9.746  14.228  1.00 51.47 ? 141 GLN A N   1 
ATOM   1021 C  CA  . GLN A 1 141 ? -9.343  -8.838  14.975  1.00 50.83 ? 141 GLN A CA  1 
ATOM   1022 C  C   . GLN A 1 141 ? -10.039 -7.830  14.029  1.00 50.45 ? 141 GLN A C   1 
ATOM   1023 O  O   . GLN A 1 141 ? -9.401  -6.859  13.588  1.00 50.52 ? 141 GLN A O   1 
ATOM   1024 C  CB  . GLN A 1 141 ? -8.458  -8.036  15.937  1.00 51.08 ? 141 GLN A CB  1 
ATOM   1025 C  CG  . GLN A 1 141 ? -8.973  -7.871  17.338  1.00 51.90 ? 141 GLN A CG  1 
ATOM   1026 C  CD  . GLN A 1 141 ? -8.455  -8.942  18.266  1.00 52.66 ? 141 GLN A CD  1 
ATOM   1027 O  OE1 . GLN A 1 141 ? -7.649  -8.663  19.163  1.00 54.97 ? 141 GLN A OE1 1 
ATOM   1028 N  NE2 . GLN A 1 141 ? -8.904  -10.174 18.063  1.00 51.51 ? 141 GLN A NE2 1 
ATOM   1029 N  N   . ALA A 1 142 ? -11.326 -8.037  13.737  1.00 49.23 ? 142 ALA A N   1 
ATOM   1030 C  CA  . ALA A 1 142 ? -12.118 -7.088  12.937  1.00 48.18 ? 142 ALA A CA  1 
ATOM   1031 C  C   . ALA A 1 142 ? -11.951 -5.625  13.369  1.00 47.42 ? 142 ALA A C   1 
ATOM   1032 O  O   . ALA A 1 142 ? -11.794 -4.738  12.534  1.00 47.27 ? 142 ALA A O   1 
ATOM   1033 C  CB  . ALA A 1 142 ? -13.597 -7.477  12.947  1.00 48.25 ? 142 ALA A CB  1 
ATOM   1034 N  N   . SER A 1 143 ? -11.950 -5.385  14.675  1.00 46.83 ? 143 SER A N   1 
ATOM   1035 C  CA  . SER A 1 143 ? -11.915 -4.024  15.227  1.00 46.19 ? 143 SER A CA  1 
ATOM   1036 C  C   . SER A 1 143 ? -10.615 -3.262  15.019  1.00 46.00 ? 143 SER A C   1 
ATOM   1037 O  O   . SER A 1 143 ? -10.644 -2.067  14.743  1.00 45.91 ? 143 SER A O   1 
ATOM   1038 C  CB  . SER A 1 143 ? -12.265 -4.044  16.702  1.00 45.84 ? 143 SER A CB  1 
ATOM   1039 O  OG  . SER A 1 143 ? -13.448 -4.790  16.868  1.00 44.23 ? 143 SER A OG  1 
ATOM   1040 N  N   . LYS A 1 144 ? -9.483  -3.935  15.149  1.00 45.94 ? 144 LYS A N   1 
ATOM   1041 C  CA  . LYS A 1 144 ? -8.224  -3.287  14.805  1.00 46.45 ? 144 LYS A CA  1 
ATOM   1042 C  C   . LYS A 1 144 ? -8.196  -2.963  13.295  1.00 45.87 ? 144 LYS A C   1 
ATOM   1043 O  O   . LYS A 1 144 ? -7.787  -1.870  12.912  1.00 46.39 ? 144 LYS A O   1 
ATOM   1044 C  CB  . LYS A 1 144 ? -6.991  -4.097  15.265  1.00 46.82 ? 144 LYS A CB  1 
ATOM   1045 C  CG  . LYS A 1 144 ? -7.101  -4.685  16.682  1.00 48.36 ? 144 LYS A CG  1 
ATOM   1046 C  CD  . LYS A 1 144 ? -5.772  -4.662  17.467  1.00 52.37 ? 144 LYS A CD  1 
ATOM   1047 C  CE  . LYS A 1 144 ? -4.653  -5.401  16.721  1.00 53.86 ? 144 LYS A CE  1 
ATOM   1048 N  NZ  . LYS A 1 144 ? -3.274  -5.020  17.209  1.00 54.01 ? 144 LYS A NZ  1 
ATOM   1049 N  N   . ALA A 1 145 ? -8.675  -3.884  12.454  1.00 44.98 ? 145 ALA A N   1 
ATOM   1050 C  CA  . ALA A 1 145 ? -8.806  -3.623  11.011  1.00 44.08 ? 145 ALA A CA  1 
ATOM   1051 C  C   . ALA A 1 145 ? -9.630  -2.372  10.738  1.00 43.62 ? 145 ALA A C   1 
ATOM   1052 O  O   . ALA A 1 145 ? -9.192  -1.492  10.010  1.00 43.27 ? 145 ALA A O   1 
ATOM   1053 C  CB  . ALA A 1 145 ? -9.407  -4.825  10.283  1.00 43.97 ? 145 ALA A CB  1 
ATOM   1054 N  N   . ILE A 1 146 ? -10.817 -2.304  11.344  1.00 43.71 ? 146 ILE A N   1 
ATOM   1055 C  CA  . ILE A 1 146 ? -11.752 -1.189  11.171  1.00 43.65 ? 146 ILE A CA  1 
ATOM   1056 C  C   . ILE A 1 146 ? -11.149 0.158   11.600  1.00 44.50 ? 146 ILE A C   1 
ATOM   1057 O  O   . ILE A 1 146 ? -11.288 1.156   10.876  1.00 44.40 ? 146 ILE A O   1 
ATOM   1058 C  CB  . ILE A 1 146 ? -13.079 -1.450  11.919  1.00 43.29 ? 146 ILE A CB  1 
ATOM   1059 C  CG1 . ILE A 1 146 ? -13.851 -2.587  11.241  1.00 42.35 ? 146 ILE A CG1 1 
ATOM   1060 C  CG2 . ILE A 1 146 ? -13.927 -0.175  12.008  1.00 42.82 ? 146 ILE A CG2 1 
ATOM   1061 C  CD1 . ILE A 1 146 ? -15.026 -3.116  12.045  1.00 37.82 ? 146 ILE A CD1 1 
ATOM   1062 N  N   . SER A 1 147 ? -10.488 0.188   12.761  1.00 44.97 ? 147 SER A N   1 
ATOM   1063 C  CA  . SER A 1 147 ? -9.816  1.403   13.208  1.00 46.63 ? 147 SER A CA  1 
ATOM   1064 C  C   . SER A 1 147 ? -8.704  1.857   12.233  1.00 46.92 ? 147 SER A C   1 
ATOM   1065 O  O   . SER A 1 147 ? -8.578  3.055   11.962  1.00 47.09 ? 147 SER A O   1 
ATOM   1066 C  CB  . SER A 1 147 ? -9.308  1.273   14.651  1.00 46.64 ? 147 SER A CB  1 
ATOM   1067 O  OG  . SER A 1 147 ? -8.305  0.273   14.734  1.00 50.41 ? 147 SER A OG  1 
ATOM   1068 N  N   . ILE A 1 148 ? -7.942  0.912   11.678  1.00 47.41 ? 148 ILE A N   1 
ATOM   1069 C  CA  . ILE A 1 148 ? -6.944  1.235   10.639  1.00 47.83 ? 148 ILE A CA  1 
ATOM   1070 C  C   . ILE A 1 148 ? -7.562  1.832   9.365   1.00 48.63 ? 148 ILE A C   1 
ATOM   1071 O  O   . ILE A 1 148 ? -7.082  2.862   8.858   1.00 48.71 ? 148 ILE A O   1 
ATOM   1072 C  CB  . ILE A 1 148 ? -6.056  0.017   10.282  1.00 48.22 ? 148 ILE A CB  1 
ATOM   1073 C  CG1 . ILE A 1 148 ? -5.201  -0.391  11.499  1.00 47.62 ? 148 ILE A CG1 1 
ATOM   1074 C  CG2 . ILE A 1 148 ? -5.166  0.313   9.048   1.00 46.27 ? 148 ILE A CG2 1 
ATOM   1075 C  CD1 . ILE A 1 148 ? -4.674  -1.797  11.417  1.00 47.55 ? 148 ILE A CD1 1 
ATOM   1076 N  N   . ALA A 1 149 ? -8.620  1.188   8.861   1.00 48.94 ? 149 ALA A N   1 
ATOM   1077 C  CA  . ALA A 1 149 ? -9.345  1.648   7.670   1.00 49.28 ? 149 ALA A CA  1 
ATOM   1078 C  C   . ALA A 1 149 ? -9.825  3.080   7.824   1.00 49.71 ? 149 ALA A C   1 
ATOM   1079 O  O   . ALA A 1 149 ? -9.781  3.846   6.865   1.00 50.11 ? 149 ALA A O   1 
ATOM   1080 C  CB  . ALA A 1 149 ? -10.534 0.724   7.347   1.00 48.34 ? 149 ALA A CB  1 
ATOM   1081 N  N   . GLN A 1 150 ? -10.280 3.425   9.030   1.00 50.16 ? 150 GLN A N   1 
ATOM   1082 C  CA  . GLN A 1 150 ? -10.828 4.750   9.346   1.00 50.81 ? 150 GLN A CA  1 
ATOM   1083 C  C   . GLN A 1 150 ? -9.844  5.907   9.152   1.00 50.50 ? 150 GLN A C   1 
ATOM   1084 O  O   . GLN A 1 150 ? -10.253 7.020   8.818   1.00 50.43 ? 150 GLN A O   1 
ATOM   1085 C  CB  . GLN A 1 150 ? -11.351 4.770   10.784  1.00 50.77 ? 150 GLN A CB  1 
ATOM   1086 C  CG  . GLN A 1 150 ? -12.667 4.040   10.962  1.00 52.02 ? 150 GLN A CG  1 
ATOM   1087 C  CD  . GLN A 1 150 ? -13.117 3.971   12.412  1.00 52.41 ? 150 GLN A CD  1 
ATOM   1088 O  OE1 . GLN A 1 150 ? -12.298 3.849   13.334  1.00 54.42 ? 150 GLN A OE1 1 
ATOM   1089 N  NE2 . GLN A 1 150 ? -14.433 4.044   12.620  1.00 53.74 ? 150 GLN A NE2 1 
ATOM   1090 N  N   . LYS A 1 151 ? -8.555  5.641   9.371   1.00 50.35 ? 151 LYS A N   1 
ATOM   1091 C  CA  . LYS A 1 151 ? -7.503  6.649   9.152   1.00 50.38 ? 151 LYS A CA  1 
ATOM   1092 C  C   . LYS A 1 151 ? -7.355  7.100   7.694   1.00 49.79 ? 151 LYS A C   1 
ATOM   1093 O  O   . LYS A 1 151 ? -6.699  8.098   7.424   1.00 49.25 ? 151 LYS A O   1 
ATOM   1094 C  CB  . LYS A 1 151 ? -6.163  6.166   9.697   1.00 50.41 ? 151 LYS A CB  1 
ATOM   1095 C  CG  . LYS A 1 151 ? -6.147  6.041   11.207  1.00 51.81 ? 151 LYS A CG  1 
ATOM   1096 C  CD  . LYS A 1 151 ? -4.827  5.453   11.689  1.00 54.66 ? 151 LYS A CD  1 
ATOM   1097 C  CE  . LYS A 1 151 ? -4.793  5.390   13.210  1.00 55.16 ? 151 LYS A CE  1 
ATOM   1098 N  NZ  . LYS A 1 151 ? -3.390  5.377   13.688  1.00 56.50 ? 151 LYS A NZ  1 
ATOM   1099 N  N   . ASP A 1 152 ? -7.970  6.363   6.771   1.00 49.47 ? 152 ASP A N   1 
ATOM   1100 C  CA  . ASP A 1 152 ? -7.999  6.744   5.357   1.00 49.33 ? 152 ASP A CA  1 
ATOM   1101 C  C   . ASP A 1 152 ? -8.754  8.049   5.104   1.00 49.48 ? 152 ASP A C   1 
ATOM   1102 O  O   . ASP A 1 152 ? -8.408  8.778   4.174   1.00 49.51 ? 152 ASP A O   1 
ATOM   1103 C  CB  . ASP A 1 152 ? -8.575  5.615   4.498   1.00 49.54 ? 152 ASP A CB  1 
ATOM   1104 C  CG  . ASP A 1 152 ? -8.304  5.806   3.015   1.00 49.25 ? 152 ASP A CG  1 
ATOM   1105 O  OD1 . ASP A 1 152 ? -7.137  5.982   2.615   1.00 46.84 ? 152 ASP A OD1 1 
ATOM   1106 O  OD2 . ASP A 1 152 ? -9.277  5.772   2.243   1.00 50.82 ? 152 ASP A OD2 1 
ATOM   1107 N  N   . GLU A 1 153 ? -9.776  8.341   5.919   1.00 49.45 ? 153 GLU A N   1 
ATOM   1108 C  CA  . GLU A 1 153 ? -10.429 9.660   5.910   1.00 49.91 ? 153 GLU A CA  1 
ATOM   1109 C  C   . GLU A 1 153 ? -9.383  10.777  5.923   1.00 49.21 ? 153 GLU A C   1 
ATOM   1110 O  O   . GLU A 1 153 ? -9.446  11.689  5.109   1.00 49.30 ? 153 GLU A O   1 
ATOM   1111 C  CB  . GLU A 1 153 ? -11.410 9.833   7.094   1.00 49.76 ? 153 GLU A CB  1 
ATOM   1112 C  CG  . GLU A 1 153 ? -12.524 10.886  6.845   1.00 51.04 ? 153 GLU A CG  1 
ATOM   1113 C  CD  . GLU A 1 153 ? -13.348 11.267  8.099   1.00 51.97 ? 153 GLU A CD  1 
ATOM   1114 O  OE1 . GLU A 1 153 ? -13.268 10.578  9.145   1.00 55.61 ? 153 GLU A OE1 1 
ATOM   1115 O  OE2 . GLU A 1 153 ? -14.096 12.271  8.041   1.00 53.71 ? 153 GLU A OE2 1 
ATOM   1116 N  N   . GLN A 1 154 ? -8.408  10.677  6.826   1.00 48.83 ? 154 GLN A N   1 
ATOM   1117 C  CA  . GLN A 1 154 ? -7.339  11.679  6.933   1.00 48.64 ? 154 GLN A CA  1 
ATOM   1118 C  C   . GLN A 1 154 ? -6.451  11.778  5.684   1.00 47.75 ? 154 GLN A C   1 
ATOM   1119 O  O   . GLN A 1 154 ? -6.074  12.884  5.272   1.00 47.49 ? 154 GLN A O   1 
ATOM   1120 C  CB  . GLN A 1 154 ? -6.477  11.442  8.176   1.00 48.71 ? 154 GLN A CB  1 
ATOM   1121 C  CG  . GLN A 1 154 ? -7.110  11.919  9.464   1.00 51.09 ? 154 GLN A CG  1 
ATOM   1122 C  CD  . GLN A 1 154 ? -7.813  10.806  10.224  1.00 54.59 ? 154 GLN A CD  1 
ATOM   1123 O  OE1 . GLN A 1 154 ? -9.047  10.697  10.189  1.00 55.60 ? 154 GLN A OE1 1 
ATOM   1124 N  NE2 . GLN A 1 154 ? -7.030  9.973   10.925  1.00 54.51 ? 154 GLN A NE2 1 
ATOM   1125 N  N   . ILE A 1 155 ? -6.110  10.629  5.102   1.00 46.69 ? 155 ILE A N   1 
ATOM   1126 C  CA  . ILE A 1 155 ? -5.329  10.597  3.869   1.00 46.00 ? 155 ILE A CA  1 
ATOM   1127 C  C   . ILE A 1 155 ? -6.060  11.258  2.698   1.00 46.10 ? 155 ILE A C   1 
ATOM   1128 O  O   . ILE A 1 155 ? -5.442  11.991  1.915   1.00 45.98 ? 155 ILE A O   1 
ATOM   1129 C  CB  . ILE A 1 155 ? -4.779  9.184   3.573   1.00 46.11 ? 155 ILE A CB  1 
ATOM   1130 C  CG1 . ILE A 1 155 ? -3.433  9.042   4.305   1.00 46.52 ? 155 ILE A CG1 1 
ATOM   1131 C  CG2 . ILE A 1 155 ? -4.550  8.958   2.086   1.00 45.45 ? 155 ILE A CG2 1 
ATOM   1132 C  CD1 . ILE A 1 155 ? -3.115  7.691   4.691   1.00 45.21 ? 155 ILE A CD1 1 
ATOM   1133 N  N   . ASP A 1 156 ? -7.372  11.032  2.616   1.00 45.58 ? 156 ASP A N   1 
ATOM   1134 C  CA  . ASP A 1 156 ? -8.229  11.724  1.666   1.00 45.29 ? 156 ASP A CA  1 
ATOM   1135 C  C   . ASP A 1 156 ? -8.183  13.242  1.855   1.00 44.86 ? 156 ASP A C   1 
ATOM   1136 O  O   . ASP A 1 156 ? -8.105  13.988  0.880   1.00 44.64 ? 156 ASP A O   1 
ATOM   1137 C  CB  . ASP A 1 156 ? -9.667  11.202  1.763   1.00 45.28 ? 156 ASP A CB  1 
ATOM   1138 C  CG  . ASP A 1 156 ? -9.843  9.837   1.101   1.00 46.27 ? 156 ASP A CG  1 
ATOM   1139 O  OD1 . ASP A 1 156 ? -10.925 9.218   1.273   1.00 47.25 ? 156 ASP A OD1 1 
ATOM   1140 O  OD2 . ASP A 1 156 ? -8.899  9.382   0.409   1.00 45.59 ? 156 ASP A OD2 1 
ATOM   1141 N  N   . GLN A 1 157 ? -8.226  13.686  3.111   1.00 44.28 ? 157 GLN A N   1 
ATOM   1142 C  CA  . GLN A 1 157 ? -8.120  15.106  3.458   1.00 43.64 ? 157 GLN A CA  1 
ATOM   1143 C  C   . GLN A 1 157 ? -6.769  15.684  3.043   1.00 42.52 ? 157 GLN A C   1 
ATOM   1144 O  O   . GLN A 1 157 ? -6.703  16.762  2.471   1.00 42.54 ? 157 GLN A O   1 
ATOM   1145 C  CB  . GLN A 1 157 ? -8.361  15.311  4.950   1.00 43.59 ? 157 GLN A CB  1 
ATOM   1146 C  CG  . GLN A 1 157 ? -9.804  15.069  5.357   1.00 44.56 ? 157 GLN A CG  1 
ATOM   1147 C  CD  . GLN A 1 157 ? -10.015 14.961  6.869   1.00 45.19 ? 157 GLN A CD  1 
ATOM   1148 O  OE1 . GLN A 1 157 ? -11.077 14.524  7.316   1.00 48.64 ? 157 GLN A OE1 1 
ATOM   1149 N  NE2 . GLN A 1 157 ? -9.018  15.364  7.656   1.00 46.34 ? 157 GLN A NE2 1 
ATOM   1150 N  N   . TYR A 1 158 ? -5.701  14.953  3.311   1.00 41.78 ? 158 TYR A N   1 
ATOM   1151 C  CA  . TYR A 1 158 ? -4.394  15.304  2.771   1.00 41.61 ? 158 TYR A CA  1 
ATOM   1152 C  C   . TYR A 1 158 ? -4.445  15.355  1.250   1.00 41.22 ? 158 TYR A C   1 
ATOM   1153 O  O   . TYR A 1 158 ? -3.912  16.276  0.646   1.00 41.66 ? 158 TYR A O   1 
ATOM   1154 C  CB  . TYR A 1 158 ? -3.308  14.313  3.210   1.00 41.43 ? 158 TYR A CB  1 
ATOM   1155 C  CG  . TYR A 1 158 ? -2.849  14.436  4.646   1.00 41.54 ? 158 TYR A CG  1 
ATOM   1156 C  CD1 . TYR A 1 158 ? -2.397  15.649  5.162   1.00 40.80 ? 158 TYR A CD1 1 
ATOM   1157 C  CD2 . TYR A 1 158 ? -2.829  13.319  5.480   1.00 43.29 ? 158 TYR A CD2 1 
ATOM   1158 C  CE1 . TYR A 1 158 ? -1.959  15.754  6.482   1.00 41.83 ? 158 TYR A CE1 1 
ATOM   1159 C  CE2 . TYR A 1 158 ? -2.386  13.406  6.803   1.00 42.61 ? 158 TYR A CE2 1 
ATOM   1160 C  CZ  . TYR A 1 158 ? -1.957  14.628  7.299   1.00 42.04 ? 158 TYR A CZ  1 
ATOM   1161 O  OH  . TYR A 1 158 ? -1.530  14.709  8.604   1.00 41.21 ? 158 TYR A OH  1 
ATOM   1162 N  N   . TYR A 1 159 ? -5.089  14.365  0.640   1.00 40.83 ? 159 TYR A N   1 
ATOM   1163 C  CA  . TYR A 1 159 ? -5.178  14.295  -0.815  1.00 40.55 ? 159 TYR A CA  1 
ATOM   1164 C  C   . TYR A 1 159 ? -5.805  15.553  -1.438  1.00 39.79 ? 159 TYR A C   1 
ATOM   1165 O  O   . TYR A 1 159 ? -5.251  16.115  -2.379  1.00 38.95 ? 159 TYR A O   1 
ATOM   1166 C  CB  . TYR A 1 159 ? -5.909  13.021  -1.280  1.00 41.16 ? 159 TYR A CB  1 
ATOM   1167 C  CG  . TYR A 1 159 ? -6.034  12.931  -2.773  1.00 41.59 ? 159 TYR A CG  1 
ATOM   1168 C  CD1 . TYR A 1 159 ? -4.911  12.725  -3.566  1.00 42.89 ? 159 TYR A CD1 1 
ATOM   1169 C  CD2 . TYR A 1 159 ? -7.261  13.069  -3.396  1.00 43.38 ? 159 TYR A CD2 1 
ATOM   1170 C  CE1 . TYR A 1 159 ? -4.998  12.672  -4.945  1.00 42.67 ? 159 TYR A CE1 1 
ATOM   1171 C  CE2 . TYR A 1 159 ? -7.369  13.000  -4.790  1.00 45.69 ? 159 TYR A CE2 1 
ATOM   1172 C  CZ  . TYR A 1 159 ? -6.220  12.798  -5.554  1.00 44.44 ? 159 TYR A CZ  1 
ATOM   1173 O  OH  . TYR A 1 159 ? -6.296  12.722  -6.929  1.00 44.69 ? 159 TYR A OH  1 
ATOM   1174 N  N   . TYR A 1 160 ? -6.943  15.990  -0.910  1.00 39.64 ? 160 TYR A N   1 
ATOM   1175 C  CA  . TYR A 1 160 ? -7.643  17.134  -1.489  1.00 40.39 ? 160 TYR A CA  1 
ATOM   1176 C  C   . TYR A 1 160 ? -6.960  18.459  -1.191  1.00 40.29 ? 160 TYR A C   1 
ATOM   1177 O  O   . TYR A 1 160 ? -6.777  19.272  -2.095  1.00 40.23 ? 160 TYR A O   1 
ATOM   1178 C  CB  . TYR A 1 160 ? -9.137  17.133  -1.124  1.00 41.30 ? 160 TYR A CB  1 
ATOM   1179 C  CG  . TYR A 1 160 ? -9.891  15.971  -1.770  1.00 41.92 ? 160 TYR A CG  1 
ATOM   1180 C  CD1 . TYR A 1 160 ? -10.184 15.974  -3.139  1.00 41.79 ? 160 TYR A CD1 1 
ATOM   1181 C  CD2 . TYR A 1 160 ? -10.275 14.858  -1.018  1.00 43.00 ? 160 TYR A CD2 1 
ATOM   1182 C  CE1 . TYR A 1 160 ? -10.858 14.908  -3.736  1.00 42.06 ? 160 TYR A CE1 1 
ATOM   1183 C  CE2 . TYR A 1 160 ? -10.952 13.783  -1.605  1.00 42.93 ? 160 TYR A CE2 1 
ATOM   1184 C  CZ  . TYR A 1 160 ? -11.237 13.817  -2.960  1.00 42.54 ? 160 TYR A CZ  1 
ATOM   1185 O  OH  . TYR A 1 160 ? -11.896 12.752  -3.537  1.00 43.24 ? 160 TYR A OH  1 
ATOM   1186 N  N   . ALA A 1 161 ? -6.547  18.647  0.061   1.00 40.15 ? 161 ALA A N   1 
ATOM   1187 C  CA  . ALA A 1 161 ? -5.779  19.813  0.459   1.00 40.04 ? 161 ALA A CA  1 
ATOM   1188 C  C   . ALA A 1 161 ? -4.534  19.976  -0.398  1.00 40.02 ? 161 ALA A C   1 
ATOM   1189 O  O   . ALA A 1 161 ? -4.238  21.073  -0.863  1.00 40.42 ? 161 ALA A O   1 
ATOM   1190 C  CB  . ALA A 1 161 ? -5.402  19.734  1.938   1.00 40.17 ? 161 ALA A CB  1 
ATOM   1191 N  N   . LEU A 1 162 ? -3.797  18.895  -0.615  1.00 39.97 ? 162 LEU A N   1 
ATOM   1192 C  CA  . LEU A 1 162 ? -2.588  18.996  -1.421  1.00 39.95 ? 162 LEU A CA  1 
ATOM   1193 C  C   . LEU A 1 162 ? -2.890  19.193  -2.913  1.00 40.56 ? 162 LEU A C   1 
ATOM   1194 O  O   . LEU A 1 162 ? -2.128  19.857  -3.608  1.00 40.56 ? 162 LEU A O   1 
ATOM   1195 C  CB  . LEU A 1 162 ? -1.647  17.818  -1.165  1.00 39.42 ? 162 LEU A CB  1 
ATOM   1196 C  CG  . LEU A 1 162 ? -0.783  17.963  0.099   1.00 38.75 ? 162 LEU A CG  1 
ATOM   1197 C  CD1 . LEU A 1 162 ? -0.415  16.625  0.701   1.00 36.29 ? 162 LEU A CD1 1 
ATOM   1198 C  CD2 . LEU A 1 162 ? 0.487   18.788  -0.180  1.00 38.46 ? 162 LEU A CD2 1 
ATOM   1199 N  N   . SER A 1 163 ? -4.010  18.645  -3.392  1.00 40.94 ? 163 SER A N   1 
ATOM   1200 C  CA  . SER A 1 163 ? -4.429  18.852  -4.774  1.00 41.82 ? 163 SER A CA  1 
ATOM   1201 C  C   . SER A 1 163 ? -4.820  20.302  -5.023  1.00 42.17 ? 163 SER A C   1 
ATOM   1202 O  O   . SER A 1 163 ? -4.349  20.913  -5.982  1.00 42.28 ? 163 SER A O   1 
ATOM   1203 C  CB  . SER A 1 163 ? -5.587  17.926  -5.143  1.00 42.11 ? 163 SER A CB  1 
ATOM   1204 O  OG  . SER A 1 163 ? -5.191  16.577  -5.020  1.00 42.74 ? 163 SER A OG  1 
ATOM   1205 N  N   . LYS A 1 164 ? -5.677  20.842  -4.153  1.00 42.60 ? 164 LYS A N   1 
ATOM   1206 C  CA  . LYS A 1 164 ? -6.090  22.241  -4.207  1.00 42.97 ? 164 LYS A CA  1 
ATOM   1207 C  C   . LYS A 1 164 ? -4.879  23.170  -4.195  1.00 43.22 ? 164 LYS A C   1 
ATOM   1208 O  O   . LYS A 1 164 ? -4.827  24.138  -4.957  1.00 43.03 ? 164 LYS A O   1 
ATOM   1209 C  CB  . LYS A 1 164 ? -7.005  22.581  -3.028  1.00 42.90 ? 164 LYS A CB  1 
ATOM   1210 C  CG  . LYS A 1 164 ? -8.430  22.077  -3.155  1.00 43.26 ? 164 LYS A CG  1 
ATOM   1211 C  CD  . LYS A 1 164 ? -9.298  22.621  -2.018  1.00 43.72 ? 164 LYS A CD  1 
ATOM   1212 C  CE  . LYS A 1 164 ? -10.801 22.486  -2.319  1.00 44.73 ? 164 LYS A CE  1 
ATOM   1213 N  NZ  . LYS A 1 164 ? -11.323 21.078  -2.231  1.00 44.42 ? 164 LYS A NZ  1 
ATOM   1214 N  N   . GLU A 1 165 ? -3.907  22.862  -3.333  1.00 43.44 ? 165 GLU A N   1 
ATOM   1215 C  CA  . GLU A 1 165 ? -2.696  23.673  -3.215  1.00 43.85 ? 165 GLU A CA  1 
ATOM   1216 C  C   . GLU A 1 165 ? -1.846  23.611  -4.482  1.00 43.74 ? 165 GLU A C   1 
ATOM   1217 O  O   . GLU A 1 165 ? -1.462  24.650  -5.019  1.00 43.89 ? 165 GLU A O   1 
ATOM   1218 C  CB  . GLU A 1 165 ? -1.875  23.248  -1.993  1.00 43.79 ? 165 GLU A CB  1 
ATOM   1219 C  CG  . GLU A 1 165 ? -0.491  23.885  -1.886  1.00 44.20 ? 165 GLU A CG  1 
ATOM   1220 C  CD  . GLU A 1 165 ? 0.430   23.120  -0.941  1.00 44.91 ? 165 GLU A CD  1 
ATOM   1221 O  OE1 . GLU A 1 165 ? -0.020  22.117  -0.339  1.00 46.53 ? 165 GLU A OE1 1 
ATOM   1222 O  OE2 . GLU A 1 165 ? 1.606   23.519  -0.795  1.00 45.60 ? 165 GLU A OE2 1 
ATOM   1223 N  N   . ILE A 1 166 ? -1.573  22.399  -4.965  1.00 43.77 ? 166 ILE A N   1 
ATOM   1224 C  CA  . ILE A 1 166 ? -0.645  22.220  -6.087  1.00 43.90 ? 166 ILE A CA  1 
ATOM   1225 C  C   . ILE A 1 166 ? -1.133  22.881  -7.380  1.00 44.22 ? 166 ILE A C   1 
ATOM   1226 O  O   . ILE A 1 166 ? -0.379  23.610  -8.018  1.00 43.68 ? 166 ILE A O   1 
ATOM   1227 C  CB  . ILE A 1 166 ? -0.252  20.729  -6.317  1.00 43.80 ? 166 ILE A CB  1 
ATOM   1228 C  CG1 . ILE A 1 166 ? 0.344   20.123  -5.045  1.00 43.78 ? 166 ILE A CG1 1 
ATOM   1229 C  CG2 . ILE A 1 166 ? 0.766   20.607  -7.449  1.00 43.72 ? 166 ILE A CG2 1 
ATOM   1230 C  CD1 . ILE A 1 166 ? 0.575   18.621  -5.109  1.00 43.59 ? 166 ILE A CD1 1 
ATOM   1231 N  N   . ILE A 1 167 ? -2.385  22.625  -7.764  1.00 44.98 ? 167 ILE A N   1 
ATOM   1232 C  CA  . ILE A 1 167 ? -2.931  23.229  -8.980  1.00 45.89 ? 167 ILE A CA  1 
ATOM   1233 C  C   . ILE A 1 167 ? -3.213  24.711  -8.752  1.00 46.48 ? 167 ILE A C   1 
ATOM   1234 O  O   . ILE A 1 167 ? -3.150  25.509  -9.685  1.00 46.30 ? 167 ILE A O   1 
ATOM   1235 C  CB  . ILE A 1 167 ? -4.212  22.532  -9.509  1.00 45.80 ? 167 ILE A CB  1 
ATOM   1236 C  CG1 . ILE A 1 167 ? -5.384  22.762  -8.559  1.00 46.17 ? 167 ILE A CG1 1 
ATOM   1237 C  CG2 . ILE A 1 167 ? -3.977  21.041  -9.749  1.00 46.13 ? 167 ILE A CG2 1 
ATOM   1238 C  CD1 . ILE A 1 167 ? -6.637  23.264  -9.249  0.50 45.45 ? 167 ILE A CD1 1 
ATOM   1239 N  N   . GLY A 1 168 ? -3.525  25.062  -7.504  1.00 47.32 ? 168 GLY A N   1 
ATOM   1240 C  CA  . GLY A 1 168 ? -3.678  26.452  -7.093  1.00 48.46 ? 168 GLY A CA  1 
ATOM   1241 C  C   . GLY A 1 168 ? -2.411  27.240  -7.372  1.00 49.26 ? 168 GLY A C   1 
ATOM   1242 O  O   . GLY A 1 168 ? -2.475  28.425  -7.702  1.00 49.21 ? 168 GLY A O   1 
ATOM   1243 N  N   . LEU A 1 169 ? -1.268  26.562  -7.260  1.00 50.12 ? 169 LEU A N   1 
ATOM   1244 C  CA  . LEU A 1 169 ? 0.043   27.135  -7.559  1.00 51.12 ? 169 LEU A CA  1 
ATOM   1245 C  C   . LEU A 1 169 ? 0.292   27.404  -9.051  1.00 52.02 ? 169 LEU A C   1 
ATOM   1246 O  O   . LEU A 1 169 ? 1.424   27.278  -9.528  1.00 52.14 ? 169 LEU A O   1 
ATOM   1247 C  CB  . LEU A 1 169 ? 1.162   26.264  -6.964  1.00 51.01 ? 169 LEU A CB  1 
ATOM   1248 C  CG  . LEU A 1 169 ? 1.914   26.795  -5.738  1.00 50.79 ? 169 LEU A CG  1 
ATOM   1249 C  CD1 . LEU A 1 169 ? 2.479   25.674  -4.890  1.00 50.60 ? 169 LEU A CD1 1 
ATOM   1250 C  CD2 . LEU A 1 169 ? 3.026   27.752  -6.163  1.00 51.20 ? 169 LEU A CD2 1 
ATOM   1251 N  N   . MET A 1 170 ? -0.765  27.781  -9.777  1.00 53.06 ? 170 MET A N   1 
ATOM   1252 C  CA  . MET A 1 170 ? -0.631  28.290  -11.148 1.00 54.02 ? 170 MET A CA  1 
ATOM   1253 C  C   . MET A 1 170 ? -1.281  29.671  -11.317 1.00 54.36 ? 170 MET A C   1 
ATOM   1254 O  O   . MET A 1 170 ? -0.714  30.554  -11.971 1.00 54.25 ? 170 MET A O   1 
ATOM   1255 C  CB  . MET A 1 170 ? -1.160  27.288  -12.190 1.00 53.84 ? 170 MET A CB  1 
ATOM   1256 C  CG  . MET A 1 170 ? -2.679  27.268  -12.381 1.00 54.40 ? 170 MET A CG  1 
ATOM   1257 S  SD  . MET A 1 170 ? -3.247  26.158  -13.698 1.00 55.20 ? 170 MET A SD  1 
ATOM   1258 C  CE  . MET A 1 170 ? -2.890  27.137  -15.166 1.00 55.01 ? 170 MET A CE  1 
ATOM   1259 N  N   . LYS A 1 171 ? -2.461  29.848  -10.720 1.00 54.90 ? 171 LYS A N   1 
ATOM   1260 C  CA  . LYS A 1 171 ? -3.219  31.091  -10.852 1.00 55.28 ? 171 LYS A CA  1 
ATOM   1261 C  C   . LYS A 1 171 ? -2.725  32.164  -9.886  1.00 55.67 ? 171 LYS A C   1 
ATOM   1262 O  O   . LYS A 1 171 ? -2.858  33.360  -10.166 1.00 55.66 ? 171 LYS A O   1 
ATOM   1263 C  CB  . LYS A 1 171 ? -4.718  30.850  -10.655 1.00 55.26 ? 171 LYS A CB  1 
ATOM   1264 C  CG  . LYS A 1 171 ? -5.610  31.776  -11.506 1.00 55.13 ? 171 LYS A CG  1 
ATOM   1265 C  CD  . LYS A 1 171 ? -7.088  31.727  -11.078 1.00 55.23 ? 171 LYS A CD  1 
ATOM   1266 C  CE  . LYS A 1 171 ? -7.713  30.238  -11.136 1.00 54.91 ? 171 LYS A CE  1 
ATOM   1267 N  NZ  . LYS A 1 171 ? -7.643  29.883  -12.688 1.00 54.65 ? 171 LYS A NZ  1 
ATOM   1268 N  N   . ASP A 1 172 ? -2.166  31.742  -8.750  1.00 56.07 ? 172 ASP A N   1 
ATOM   1269 C  CA  . ASP A 1 172 ? -1.591  32.694  -7.800  1.00 56.53 ? 172 ASP A CA  1 
ATOM   1270 C  C   . ASP A 1 172 ? -0.222  33.191  -8.297  1.00 56.77 ? 172 ASP A C   1 
ATOM   1271 O  O   . ASP A 1 172 ? 0.082   34.387  -8.210  1.00 56.58 ? 172 ASP A O   1 
ATOM   1272 C  CB  . ASP A 1 172 ? -1.558  32.121  -6.372  1.00 56.53 ? 172 ASP A CB  1 
ATOM   1273 C  CG  . ASP A 1 172 ? -0.400  31.175  -6.136  1.00 56.89 ? 172 ASP A CG  1 
ATOM   1274 O  OD1 . ASP A 1 172 ? -0.604  29.949  -6.247  1.00 57.33 ? 172 ASP A OD1 1 
ATOM   1275 O  OD2 . ASP A 1 172 ? 0.712   31.653  -5.822  1.00 57.15 ? 172 ASP A OD2 1 
ATOM   1276 N  N   . GLN A 1 173 ? 0.582   32.258  -8.813  1.00 57.02 ? 173 GLN A N   1 
ATOM   1277 C  CA  . GLN A 1 173 ? 1.760   32.564  -9.649  1.00 57.22 ? 173 GLN A CA  1 
ATOM   1278 C  C   . GLN A 1 173 ? 2.200   31.305  -10.415 1.00 57.09 ? 173 GLN A C   1 
ATOM   1279 O  O   . GLN A 1 173 ? 2.146   30.197  -9.880  1.00 56.99 ? 173 GLN A O   1 
ATOM   1280 C  CB  . GLN A 1 173 ? 2.905   33.241  -8.864  1.00 57.20 ? 173 GLN A CB  1 
ATOM   1281 C  CG  . GLN A 1 173 ? 3.375   32.518  -7.611  1.00 57.66 ? 173 GLN A CG  1 
ATOM   1282 C  CD  . GLN A 1 173 ? 4.555   31.604  -7.872  1.00 58.18 ? 173 GLN A CD  1 
ATOM   1283 O  OE1 . GLN A 1 173 ? 4.413   30.381  -7.892  1.00 58.27 ? 173 GLN A OE1 1 
ATOM   1284 N  NE2 . GLN A 1 173 ? 5.729   32.197  -8.086  1.00 57.86 ? 173 GLN A NE2 1 
ATOM   1285 N  N   . GLU A 1 174 ? 2.646   31.496  -11.656 1.00 57.05 ? 174 GLU A N   1 
ATOM   1286 C  CA  . GLU A 1 174 ? 2.656   30.433  -12.672 1.00 56.91 ? 174 GLU A CA  1 
ATOM   1287 C  C   . GLU A 1 174 ? 3.695   29.294  -12.569 1.00 56.74 ? 174 GLU A C   1 
ATOM   1288 O  O   . GLU A 1 174 ? 3.381   28.235  -12.025 1.00 56.78 ? 174 GLU A O   1 
ATOM   1289 C  CB  . GLU A 1 174 ? 2.667   31.042  -14.085 1.00 57.00 ? 174 GLU A CB  1 
ATOM   1290 C  CG  . GLU A 1 174 ? 2.190   30.088  -15.186 1.00 56.94 ? 174 GLU A CG  1 
ATOM   1291 C  CD  . GLU A 1 174 ? 2.373   30.660  -16.583 1.00 56.99 ? 174 GLU A CD  1 
ATOM   1292 O  OE1 . GLU A 1 174 ? 1.446   30.513  -17.409 1.00 57.19 ? 174 GLU A OE1 1 
ATOM   1293 O  OE2 . GLU A 1 174 ? 3.439   31.254  -16.857 1.00 56.79 ? 174 GLU A OE2 1 
ATOM   1294 N  N   . SER A 1 176 ? 4.877   26.041  -13.716 1.00 55.09 ? 176 SER A N   1 
ATOM   1295 C  CA  . SER A 1 176 ? 5.592   25.411  -12.593 1.00 54.36 ? 176 SER A CA  1 
ATOM   1296 C  C   . SER A 1 176 ? 5.241   23.938  -12.746 1.00 53.88 ? 176 SER A C   1 
ATOM   1297 O  O   . SER A 1 176 ? 5.644   23.100  -11.941 1.00 53.97 ? 176 SER A O   1 
ATOM   1298 C  CB  . SER A 1 176 ? 5.071   25.875  -11.230 1.00 54.29 ? 176 SER A CB  1 
ATOM   1299 O  OG  . SER A 1 176 ? 6.028   25.621  -10.218 1.00 53.78 ? 176 SER A OG  1 
ATOM   1300 N  N   . ILE A 1 177 ? 4.498   23.646  -13.813 1.00 53.23 ? 177 ILE A N   1 
ATOM   1301 C  CA  . ILE A 1 177 ? 3.710   22.415  -13.952 1.00 52.65 ? 177 ILE A CA  1 
ATOM   1302 C  C   . ILE A 1 177 ? 4.444   21.084  -14.227 1.00 52.00 ? 177 ILE A C   1 
ATOM   1303 O  O   . ILE A 1 177 ? 3.867   20.022  -13.975 1.00 51.85 ? 177 ILE A O   1 
ATOM   1304 C  CB  . ILE A 1 177 ? 2.533   22.591  -14.975 1.00 52.73 ? 177 ILE A CB  1 
ATOM   1305 C  CG1 . ILE A 1 177 ? 3.052   22.700  -16.415 1.00 52.74 ? 177 ILE A CG1 1 
ATOM   1306 C  CG2 . ILE A 1 177 ? 1.652   23.785  -14.591 1.00 52.90 ? 177 ILE A CG2 1 
ATOM   1307 C  CD1 . ILE A 1 177 ? 2.069   22.230  -17.468 1.00 52.77 ? 177 ILE A CD1 1 
ATOM   1308 N  N   . PRO A 1 178 ? 5.681   21.122  -14.777 1.00 51.37 ? 178 PRO A N   1 
ATOM   1309 C  CA  . PRO A 1 178 ? 6.433   19.863  -14.837 1.00 50.74 ? 178 PRO A CA  1 
ATOM   1310 C  C   . PRO A 1 178 ? 6.460   19.148  -13.486 1.00 50.01 ? 178 PRO A C   1 
ATOM   1311 O  O   . PRO A 1 178 ? 6.054   17.987  -13.397 1.00 49.79 ? 178 PRO A O   1 
ATOM   1312 C  CB  . PRO A 1 178 ? 7.848   20.308  -15.240 1.00 50.70 ? 178 PRO A CB  1 
ATOM   1313 C  CG  . PRO A 1 178 ? 7.846   21.809  -15.135 1.00 51.17 ? 178 PRO A CG  1 
ATOM   1314 C  CD  . PRO A 1 178 ? 6.443   22.220  -15.395 1.00 51.27 ? 178 PRO A CD  1 
ATOM   1315 N  N   . ASN A 1 179 ? 6.910   19.856  -12.453 1.00 49.14 ? 179 ASN A N   1 
ATOM   1316 C  CA  . ASN A 1 179 ? 6.939   19.340  -11.097 1.00 48.52 ? 179 ASN A CA  1 
ATOM   1317 C  C   . ASN A 1 179 ? 5.558   19.177  -10.486 1.00 48.20 ? 179 ASN A C   1 
ATOM   1318 O  O   . ASN A 1 179 ? 5.308   18.213  -9.763  1.00 48.19 ? 179 ASN A O   1 
ATOM   1319 C  CB  . ASN A 1 179 ? 7.787   20.236  -10.199 1.00 48.44 ? 179 ASN A CB  1 
ATOM   1320 C  CG  . ASN A 1 179 ? 9.256   19.872  -10.224 1.00 48.12 ? 179 ASN A CG  1 
ATOM   1321 O  OD1 . ASN A 1 179 ? 10.002  20.244  -9.324  1.00 48.17 ? 179 ASN A OD1 1 
ATOM   1322 N  ND2 . ASN A 1 179 ? 9.681   19.147  -11.253 1.00 47.61 ? 179 ASN A ND2 1 
ATOM   1323 N  N   . GLY A 1 180 ? 4.674   20.131  -10.772 1.00 47.69 ? 180 GLY A N   1 
ATOM   1324 C  CA  . GLY A 1 180 ? 3.308   20.113  -10.256 1.00 46.96 ? 180 GLY A CA  1 
ATOM   1325 C  C   . GLY A 1 180 ? 2.633   18.808  -10.598 1.00 46.58 ? 180 GLY A C   1 
ATOM   1326 O  O   . GLY A 1 180 ? 2.183   18.086  -9.707  1.00 46.57 ? 180 GLY A O   1 
ATOM   1327 N  N   . THR A 1 181 ? 2.595   18.511  -11.898 1.00 46.21 ? 181 THR A N   1 
ATOM   1328 C  CA  . THR A 1 181 ? 2.060   17.262  -12.448 1.00 45.70 ? 181 THR A CA  1 
ATOM   1329 C  C   . THR A 1 181 ? 2.649   16.032  -11.745 1.00 45.52 ? 181 THR A C   1 
ATOM   1330 O  O   . THR A 1 181 ? 1.939   15.054  -11.491 1.00 45.67 ? 181 THR A O   1 
ATOM   1331 C  CB  . THR A 1 181 ? 2.316   17.180  -13.979 1.00 45.64 ? 181 THR A CB  1 
ATOM   1332 O  OG1 . THR A 1 181 ? 1.866   18.387  -14.610 1.00 45.69 ? 181 THR A OG1 1 
ATOM   1333 C  CG2 . THR A 1 181 ? 1.580   16.014  -14.603 1.00 46.25 ? 181 THR A CG2 1 
ATOM   1334 N  N   . GLN A 1 182 ? 3.938   16.101  -11.415 1.00 45.10 ? 182 GLN A N   1 
ATOM   1335 C  CA  . GLN A 1 182 ? 4.630   15.005  -10.741 1.00 44.47 ? 182 GLN A CA  1 
ATOM   1336 C  C   . GLN A 1 182 ? 4.184   14.844  -9.284  1.00 44.26 ? 182 GLN A C   1 
ATOM   1337 O  O   . GLN A 1 182 ? 3.945   13.718  -8.827  1.00 44.48 ? 182 GLN A O   1 
ATOM   1338 C  CB  . GLN A 1 182 ? 6.153   15.158  -10.859 1.00 44.44 ? 182 GLN A CB  1 
ATOM   1339 C  CG  . GLN A 1 182 ? 6.703   15.044  -12.295 1.00 44.30 ? 182 GLN A CG  1 
ATOM   1340 C  CD  . GLN A 1 182 ? 6.226   13.790  -13.041 1.00 44.45 ? 182 GLN A CD  1 
ATOM   1341 O  OE1 . GLN A 1 182 ? 6.236   12.681  -12.498 1.00 44.30 ? 182 GLN A OE1 1 
ATOM   1342 N  NE2 . GLN A 1 182 ? 5.814   13.966  -14.293 1.00 42.68 ? 182 GLN A NE2 1 
ATOM   1343 N  N   . TYR A 1 183 ? 4.051   15.959  -8.567  1.00 43.61 ? 183 TYR A N   1 
ATOM   1344 C  CA  . TYR A 1 183 ? 3.505   15.939  -7.209  1.00 43.03 ? 183 TYR A CA  1 
ATOM   1345 C  C   . TYR A 1 183 ? 2.013   15.592  -7.149  1.00 42.56 ? 183 TYR A C   1 
ATOM   1346 O  O   . TYR A 1 183 ? 1.531   15.103  -6.125  1.00 43.04 ? 183 TYR A O   1 
ATOM   1347 C  CB  . TYR A 1 183 ? 3.780   17.253  -6.483  1.00 43.21 ? 183 TYR A CB  1 
ATOM   1348 C  CG  . TYR A 1 183 ? 5.186   17.351  -5.950  1.00 43.97 ? 183 TYR A CG  1 
ATOM   1349 C  CD1 . TYR A 1 183 ? 5.526   16.776  -4.731  1.00 44.19 ? 183 TYR A CD1 1 
ATOM   1350 C  CD2 . TYR A 1 183 ? 6.183   18.022  -6.664  1.00 44.48 ? 183 TYR A CD2 1 
ATOM   1351 C  CE1 . TYR A 1 183 ? 6.818   16.865  -4.230  1.00 44.68 ? 183 TYR A CE1 1 
ATOM   1352 C  CE2 . TYR A 1 183 ? 7.478   18.108  -6.175  1.00 44.41 ? 183 TYR A CE2 1 
ATOM   1353 C  CZ  . TYR A 1 183 ? 7.789   17.526  -4.957  1.00 44.40 ? 183 TYR A CZ  1 
ATOM   1354 O  OH  . TYR A 1 183 ? 9.072   17.603  -4.462  1.00 45.08 ? 183 TYR A OH  1 
ATOM   1355 N  N   . LEU A 1 184 ? 1.280   15.835  -8.233  1.00 41.74 ? 184 LEU A N   1 
ATOM   1356 C  CA  . LEU A 1 184 ? -0.093  15.349  -8.318  1.00 41.14 ? 184 LEU A CA  1 
ATOM   1357 C  C   . LEU A 1 184 ? -0.110  13.822  -8.368  1.00 40.62 ? 184 LEU A C   1 
ATOM   1358 O  O   . LEU A 1 184 ? -0.867  13.196  -7.624  1.00 40.46 ? 184 LEU A O   1 
ATOM   1359 C  CB  . LEU A 1 184 ? -0.863  15.957  -9.505  1.00 40.92 ? 184 LEU A CB  1 
ATOM   1360 C  CG  . LEU A 1 184 ? -1.303  17.427  -9.389  1.00 40.93 ? 184 LEU A CG  1 
ATOM   1361 C  CD1 . LEU A 1 184 ? -2.050  17.885  -10.644 1.00 39.32 ? 184 LEU A CD1 1 
ATOM   1362 C  CD2 . LEU A 1 184 ? -2.146  17.702  -8.136  1.00 40.23 ? 184 LEU A CD2 1 
ATOM   1363 N  N   . TYR A 1 185 ? 0.738   13.232  -9.217  1.00 40.21 ? 185 TYR A N   1 
ATOM   1364 C  CA  . TYR A 1 185 ? 0.844   11.770  -9.311  1.00 39.98 ? 185 TYR A CA  1 
ATOM   1365 C  C   . TYR A 1 185 ? 1.233   11.173  -7.972  1.00 39.77 ? 185 TYR A C   1 
ATOM   1366 O  O   . TYR A 1 185 ? 0.597   10.226  -7.519  1.00 40.05 ? 185 TYR A O   1 
ATOM   1367 C  CB  . TYR A 1 185 ? 1.864   11.335  -10.360 1.00 40.27 ? 185 TYR A CB  1 
ATOM   1368 C  CG  . TYR A 1 185 ? 1.581   11.813  -11.766 1.00 41.62 ? 185 TYR A CG  1 
ATOM   1369 C  CD1 . TYR A 1 185 ? 0.269   12.009  -12.218 1.00 41.55 ? 185 TYR A CD1 1 
ATOM   1370 C  CD2 . TYR A 1 185 ? 2.625   12.029  -12.663 1.00 41.34 ? 185 TYR A CD2 1 
ATOM   1371 C  CE1 . TYR A 1 185 ? 0.018   12.435  -13.508 1.00 42.45 ? 185 TYR A CE1 1 
ATOM   1372 C  CE2 . TYR A 1 185 ? 2.382   12.456  -13.958 1.00 41.44 ? 185 TYR A CE2 1 
ATOM   1373 C  CZ  . TYR A 1 185 ? 1.080   12.653  -14.376 1.00 42.23 ? 185 TYR A CZ  1 
ATOM   1374 O  OH  . TYR A 1 185 ? 0.833   13.082  -15.666 1.00 42.76 ? 185 TYR A OH  1 
ATOM   1375 N  N   . ILE A 1 186 ? 2.260   11.747  -7.338  1.00 39.02 ? 186 ILE A N   1 
ATOM   1376 C  CA  . ILE A 1 186 ? 2.768   11.257  -6.066  1.00 38.59 ? 186 ILE A CA  1 
ATOM   1377 C  C   . ILE A 1 186 ? 1.662   11.151  -5.022  1.00 38.60 ? 186 ILE A C   1 
ATOM   1378 O  O   . ILE A 1 186 ? 1.528   10.120  -4.352  1.00 38.43 ? 186 ILE A O   1 
ATOM   1379 C  CB  . ILE A 1 186 ? 3.942   12.133  -5.532  1.00 38.64 ? 186 ILE A CB  1 
ATOM   1380 C  CG1 . ILE A 1 186 ? 5.209   11.846  -6.337  1.00 38.26 ? 186 ILE A CG1 1 
ATOM   1381 C  CG2 . ILE A 1 186 ? 4.173   11.882  -4.038  1.00 37.75 ? 186 ILE A CG2 1 
ATOM   1382 C  CD1 . ILE A 1 186 ? 6.231   12.955  -6.315  1.00 40.47 ? 186 ILE A CD1 1 
ATOM   1383 N  N   . ILE A 1 187 ? 0.870   12.208  -4.882  1.00 38.77 ? 187 ILE A N   1 
ATOM   1384 C  CA  . ILE A 1 187 ? -0.179  12.201  -3.866  1.00 39.34 ? 187 ILE A CA  1 
ATOM   1385 C  C   . ILE A 1 187 ? -1.313  11.246  -4.242  1.00 39.55 ? 187 ILE A C   1 
ATOM   1386 O  O   . ILE A 1 187 ? -1.943  10.672  -3.363  1.00 39.39 ? 187 ILE A O   1 
ATOM   1387 C  CB  . ILE A 1 187 ? -0.686  13.629  -3.475  1.00 39.26 ? 187 ILE A CB  1 
ATOM   1388 C  CG1 . ILE A 1 187 ? -1.399  14.324  -4.634  1.00 39.82 ? 187 ILE A CG1 1 
ATOM   1389 C  CG2 . ILE A 1 187 ? 0.476   14.459  -2.955  1.00 38.76 ? 187 ILE A CG2 1 
ATOM   1390 C  CD1 . ILE A 1 187 ? -2.321  15.454  -4.200  1.00 39.37 ? 187 ILE A CD1 1 
ATOM   1391 N  N   . GLY A 1 188 ? -1.520  11.054  -5.548  1.00 39.32 ? 188 GLY A N   1 
ATOM   1392 C  CA  . GLY A 1 188 ? -2.454  10.052  -6.050  1.00 39.70 ? 188 GLY A CA  1 
ATOM   1393 C  C   . GLY A 1 188 ? -1.986  8.631   -5.763  1.00 40.27 ? 188 GLY A C   1 
ATOM   1394 O  O   . GLY A 1 188 ? -2.807  7.736   -5.497  1.00 40.16 ? 188 GLY A O   1 
ATOM   1395 N  N   . HIS A 1 189 ? -0.671  8.415   -5.819  1.00 40.09 ? 189 HIS A N   1 
ATOM   1396 C  CA  . HIS A 1 189 ? -0.090  7.106   -5.513  1.00 40.45 ? 189 HIS A CA  1 
ATOM   1397 C  C   . HIS A 1 189 ? -0.220  6.749   -4.039  1.00 40.23 ? 189 HIS A C   1 
ATOM   1398 O  O   . HIS A 1 189 ? -0.450  5.586   -3.707  1.00 40.61 ? 189 HIS A O   1 
ATOM   1399 C  CB  . HIS A 1 189 ? 1.373   7.027   -5.941  1.00 40.57 ? 189 HIS A CB  1 
ATOM   1400 C  CG  . HIS A 1 189 ? 1.558   6.864   -7.417  1.00 41.31 ? 189 HIS A CG  1 
ATOM   1401 N  ND1 . HIS A 1 189 ? 0.936   5.869   -8.138  1.00 40.29 ? 189 HIS A ND1 1 
ATOM   1402 C  CD2 . HIS A 1 189 ? 2.313   7.557   -8.306  1.00 42.15 ? 189 HIS A CD2 1 
ATOM   1403 C  CE1 . HIS A 1 189 ? 1.277   5.967   -9.411  1.00 41.88 ? 189 HIS A CE1 1 
ATOM   1404 N  NE2 . HIS A 1 189 ? 2.110   6.984   -9.541  1.00 43.21 ? 189 HIS A NE2 1 
ATOM   1405 N  N   . LEU A 1 190 ? -0.066  7.745   -3.173  1.00 40.02 ? 190 LEU A N   1 
ATOM   1406 C  CA  . LEU A 1 190 ? -0.218  7.569   -1.736  1.00 40.00 ? 190 LEU A CA  1 
ATOM   1407 C  C   . LEU A 1 190 ? -1.669  7.348   -1.376  1.00 40.66 ? 190 LEU A C   1 
ATOM   1408 O  O   . LEU A 1 190 ? -1.982  6.517   -0.522  1.00 40.75 ? 190 LEU A O   1 
ATOM   1409 C  CB  . LEU A 1 190 ? 0.309   8.794   -0.971  1.00 39.90 ? 190 LEU A CB  1 
ATOM   1410 C  CG  . LEU A 1 190 ? 1.805   8.874   -0.678  1.00 38.83 ? 190 LEU A CG  1 
ATOM   1411 C  CD1 . LEU A 1 190 ? 2.178   10.210  -0.054  1.00 37.05 ? 190 LEU A CD1 1 
ATOM   1412 C  CD2 . LEU A 1 190 ? 2.209   7.719   0.232   1.00 38.89 ? 190 LEU A CD2 1 
ATOM   1413 N  N   . GLU A 1 191 ? -2.556  8.104   -2.020  1.00 41.17 ? 191 GLU A N   1 
ATOM   1414 C  CA  . GLU A 1 191 ? -3.973  7.977   -1.759  1.00 41.99 ? 191 GLU A CA  1 
ATOM   1415 C  C   . GLU A 1 191 ? -4.450  6.554   -2.129  1.00 42.82 ? 191 GLU A C   1 
ATOM   1416 O  O   . GLU A 1 191 ? -5.175  5.944   -1.346  1.00 43.29 ? 191 GLU A O   1 
ATOM   1417 C  CB  . GLU A 1 191 ? -4.761  9.086   -2.478  1.00 42.06 ? 191 GLU A CB  1 
ATOM   1418 C  CG  . GLU A 1 191 ? -6.213  9.263   -2.007  1.00 43.12 ? 191 GLU A CG  1 
ATOM   1419 C  CD  . GLU A 1 191 ? -7.155  8.161   -2.507  1.00 43.58 ? 191 GLU A CD  1 
ATOM   1420 O  OE1 . GLU A 1 191 ? -6.911  7.612   -3.603  1.00 43.45 ? 191 GLU A OE1 1 
ATOM   1421 O  OE2 . GLU A 1 191 ? -8.141  7.850   -1.802  1.00 44.05 ? 191 GLU A OE2 1 
ATOM   1422 N  N   . ARG A 1 192 ? -4.026  6.038   -3.293  1.00 43.55 ? 192 ARG A N   1 
ATOM   1423 C  CA  . ARG A 1 192 ? -4.310  4.652   -3.726  1.00 44.73 ? 192 ARG A CA  1 
ATOM   1424 C  C   . ARG A 1 192 ? -3.711  3.583   -2.814  1.00 44.40 ? 192 ARG A C   1 
ATOM   1425 O  O   . ARG A 1 192 ? -4.399  2.630   -2.440  1.00 44.76 ? 192 ARG A O   1 
ATOM   1426 C  CB  . ARG A 1 192 ? -3.825  4.387   -5.159  1.00 45.34 ? 192 ARG A CB  1 
ATOM   1427 C  CG  . ARG A 1 192 ? -4.451  5.230   -6.218  1.00 48.83 ? 192 ARG A CG  1 
ATOM   1428 C  CD  . ARG A 1 192 ? -5.905  4.889   -6.404  1.00 57.55 ? 192 ARG A CD  1 
ATOM   1429 N  NE  . ARG A 1 192 ? -6.085  3.759   -7.319  1.00 62.80 ? 192 ARG A NE  1 
ATOM   1430 C  CZ  . ARG A 1 192 ? -6.173  2.495   -6.927  1.00 65.87 ? 192 ARG A CZ  1 
ATOM   1431 N  NH1 . ARG A 1 192 ? -6.119  2.190   -5.630  1.00 69.29 ? 192 ARG A NH1 1 
ATOM   1432 N  NH2 . ARG A 1 192 ? -6.337  1.541   -7.824  1.00 67.84 ? 192 ARG A NH2 1 
ATOM   1433 N  N   . PHE A 1 193 ? -2.429  3.735   -2.487  1.00 44.20 ? 193 PHE A N   1 
ATOM   1434 C  CA  . PHE A 1 193 ? -1.738  2.911   -1.485  1.00 43.90 ? 193 PHE A CA  1 
ATOM   1435 C  C   . PHE A 1 193 ? -2.597  2.707   -0.249  1.00 44.00 ? 193 PHE A C   1 
ATOM   1436 O  O   . PHE A 1 193 ? -2.830  1.579   0.172   1.00 43.68 ? 193 PHE A O   1 
ATOM   1437 C  CB  . PHE A 1 193 ? -0.421  3.595   -1.096  1.00 43.68 ? 193 PHE A CB  1 
ATOM   1438 C  CG  . PHE A 1 193 ? 0.458   2.799   -0.182  1.00 42.96 ? 193 PHE A CG  1 
ATOM   1439 C  CD1 . PHE A 1 193 ? 1.326   1.836   -0.688  1.00 43.71 ? 193 PHE A CD1 1 
ATOM   1440 C  CD2 . PHE A 1 193 ? 0.482   3.065   1.181   1.00 44.07 ? 193 PHE A CD2 1 
ATOM   1441 C  CE1 . PHE A 1 193 ? 2.187   1.121   0.168   1.00 43.20 ? 193 PHE A CE1 1 
ATOM   1442 C  CE2 . PHE A 1 193 ? 1.329   2.353   2.043   1.00 44.93 ? 193 PHE A CE2 1 
ATOM   1443 C  CZ  . PHE A 1 193 ? 2.182   1.380   1.530   1.00 43.93 ? 193 PHE A CZ  1 
ATOM   1444 N  N   . ALA A 1 194 ? -3.087  3.811   0.305   1.00 44.39 ? 194 ALA A N   1 
ATOM   1445 C  CA  . ALA A 1 194 ? -3.878  3.791   1.530   1.00 44.85 ? 194 ALA A CA  1 
ATOM   1446 C  C   . ALA A 1 194 ? -5.267  3.178   1.336   1.00 44.90 ? 194 ALA A C   1 
ATOM   1447 O  O   . ALA A 1 194 ? -5.789  2.511   2.223   1.00 45.49 ? 194 ALA A O   1 
ATOM   1448 C  CB  . ALA A 1 194 ? -3.973  5.194   2.127   1.00 44.53 ? 194 ALA A CB  1 
ATOM   1449 N  N   . ASP A 1 195 ? -5.858  3.400   0.173   1.00 45.09 ? 195 ASP A N   1 
ATOM   1450 C  CA  . ASP A 1 195 ? -7.104  2.759   -0.187  1.00 44.88 ? 195 ASP A CA  1 
ATOM   1451 C  C   . ASP A 1 195 ? -6.989  1.227   -0.189  1.00 43.43 ? 195 ASP A C   1 
ATOM   1452 O  O   . ASP A 1 195 ? -7.864  0.545   0.348   1.00 42.44 ? 195 ASP A O   1 
ATOM   1453 C  CB  . ASP A 1 195 ? -7.567  3.250   -1.559  1.00 46.32 ? 195 ASP A CB  1 
ATOM   1454 C  CG  . ASP A 1 195 ? -8.448  4.476   -1.482  1.00 50.91 ? 195 ASP A CG  1 
ATOM   1455 O  OD1 . ASP A 1 195 ? -8.981  4.777   -0.386  1.00 56.63 ? 195 ASP A OD1 1 
ATOM   1456 O  OD2 . ASP A 1 195 ? -8.637  5.143   -2.540  1.00 57.07 ? 195 ASP A OD2 1 
ATOM   1457 N  N   . TYR A 1 196 ? -5.934  0.684   -0.803  1.00 41.86 ? 196 TYR A N   1 
ATOM   1458 C  CA  . TYR A 1 196 ? -5.712  -0.777  -0.751  1.00 41.36 ? 196 TYR A CA  1 
ATOM   1459 C  C   . TYR A 1 196 ? -5.556  -1.348  0.667   1.00 40.61 ? 196 TYR A C   1 
ATOM   1460 O  O   . TYR A 1 196 ? -6.051  -2.437  0.952   1.00 39.76 ? 196 TYR A O   1 
ATOM   1461 C  CB  . TYR A 1 196 ? -4.540  -1.223  -1.634  1.00 41.11 ? 196 TYR A CB  1 
ATOM   1462 C  CG  . TYR A 1 196 ? -4.841  -1.140  -3.108  1.00 41.31 ? 196 TYR A CG  1 
ATOM   1463 C  CD1 . TYR A 1 196 ? -5.836  -1.939  -3.687  1.00 40.98 ? 196 TYR A CD1 1 
ATOM   1464 C  CD2 . TYR A 1 196 ? -4.148  -0.250  -3.937  1.00 42.30 ? 196 TYR A CD2 1 
ATOM   1465 C  CE1 . TYR A 1 196 ? -6.138  -1.861  -5.067  1.00 38.28 ? 196 TYR A CE1 1 
ATOM   1466 C  CE2 . TYR A 1 196 ? -4.446  -0.166  -5.309  1.00 40.64 ? 196 TYR A CE2 1 
ATOM   1467 C  CZ  . TYR A 1 196 ? -5.426  -0.980  -5.853  1.00 40.40 ? 196 TYR A CZ  1 
ATOM   1468 O  OH  . TYR A 1 196 ? -5.713  -0.898  -7.195  1.00 43.22 ? 196 TYR A OH  1 
ATOM   1469 N  N   . ILE A 1 197 ? -4.864  -0.621  1.543   1.00 40.60 ? 197 ILE A N   1 
ATOM   1470 C  CA  . ILE A 1 197 ? -4.781  -0.982  2.971   1.00 40.67 ? 197 ILE A CA  1 
ATOM   1471 C  C   . ILE A 1 197 ? -6.180  -1.134  3.573   1.00 41.31 ? 197 ILE A C   1 
ATOM   1472 O  O   . ILE A 1 197 ? -6.444  -2.099  4.309   1.00 41.71 ? 197 ILE A O   1 
ATOM   1473 C  CB  . ILE A 1 197 ? -3.966  0.061   3.783   1.00 40.71 ? 197 ILE A CB  1 
ATOM   1474 C  CG1 . ILE A 1 197 ? -2.502  0.061   3.313   1.00 39.89 ? 197 ILE A CG1 1 
ATOM   1475 C  CG2 . ILE A 1 197 ? -4.052  -0.216  5.278   1.00 40.21 ? 197 ILE A CG2 1 
ATOM   1476 C  CD1 . ILE A 1 197 ? -1.680  1.237   3.811   1.00 40.94 ? 197 ILE A CD1 1 
ATOM   1477 N  N   . ALA A 1 198 ? -7.063  -0.181  3.257   1.00 41.17 ? 198 ALA A N   1 
ATOM   1478 C  CA  . ALA A 1 198 ? -8.440  -0.186  3.723   1.00 41.71 ? 198 ALA A CA  1 
ATOM   1479 C  C   . ALA A 1 198 ? -9.196  -1.406  3.171   1.00 41.77 ? 198 ALA A C   1 
ATOM   1480 O  O   . ALA A 1 198 ? -9.933  -2.058  3.895   1.00 42.59 ? 198 ALA A O   1 
ATOM   1481 C  CB  . ALA A 1 198 ? -9.145  1.124   3.304   1.00 41.92 ? 198 ALA A CB  1 
ATOM   1482 N  N   . ASN A 1 199 ? -9.018  -1.685  1.884   1.00 41.64 ? 199 ASN A N   1 
ATOM   1483 C  CA  . ASN A 1 199 ? -9.455  -2.921  1.275   1.00 41.90 ? 199 ASN A CA  1 
ATOM   1484 C  C   . ASN A 1 199 ? -8.970  -4.191  2.006   1.00 41.57 ? 199 ASN A C   1 
ATOM   1485 O  O   . ASN A 1 199 ? -9.735  -5.133  2.146   1.00 41.98 ? 199 ASN A O   1 
ATOM   1486 C  CB  . ASN A 1 199 ? -9.061  -2.962  -0.208  1.00 42.45 ? 199 ASN A CB  1 
ATOM   1487 C  CG  . ASN A 1 199 ? -9.928  -2.045  -1.088  1.00 45.27 ? 199 ASN A CG  1 
ATOM   1488 O  OD1 . ASN A 1 199 ? -9.472  -1.544  -2.132  1.00 48.87 ? 199 ASN A OD1 1 
ATOM   1489 N  ND2 . ASN A 1 199 ? -11.173 -1.830  -0.678  1.00 45.44 ? 199 ASN A ND2 1 
ATOM   1490 N  N   . ILE A 1 200 ? -7.735  -4.215  2.502   1.00 41.51 ? 200 ILE A N   1 
ATOM   1491 C  CA  . ILE A 1 200 ? -7.232  -5.420  3.179   1.00 41.60 ? 200 ILE A CA  1 
ATOM   1492 C  C   . ILE A 1 200 ? -7.901  -5.541  4.543   1.00 42.06 ? 200 ILE A C   1 
ATOM   1493 O  O   . ILE A 1 200 ? -8.276  -6.636  4.966   1.00 42.57 ? 200 ILE A O   1 
ATOM   1494 C  CB  . ILE A 1 200 ? -5.690  -5.477  3.279   1.00 41.52 ? 200 ILE A CB  1 
ATOM   1495 C  CG1 . ILE A 1 200 ? -5.046  -5.454  1.886   1.00 42.20 ? 200 ILE A CG1 1 
ATOM   1496 C  CG2 . ILE A 1 200 ? -5.242  -6.739  4.026   1.00 42.15 ? 200 ILE A CG2 1 
ATOM   1497 C  CD1 . ILE A 1 200 ? -3.546  -5.246  1.897   1.00 41.10 ? 200 ILE A CD1 1 
ATOM   1498 N  N   . CYS A 1 201 ? -8.098  -4.388  5.180   1.00 42.46 ? 201 CYS A N   1 
ATOM   1499 C  CA  . CYS A 1 201 ? -8.905  -4.249  6.393   1.00 42.58 ? 201 CYS A CA  1 
ATOM   1500 C  C   . CYS A 1 201 ? -10.317 -4.832  6.289   1.00 42.35 ? 201 CYS A C   1 
ATOM   1501 O  O   . CYS A 1 201 ? -10.735 -5.570  7.161   1.00 42.00 ? 201 CYS A O   1 
ATOM   1502 C  CB  . CYS A 1 201 ? -8.935  -2.782  6.847   1.00 42.05 ? 201 CYS A CB  1 
ATOM   1503 S  SG  . CYS A 1 201 ? -7.337  -2.162  7.466   1.00 44.09 ? 201 CYS A SG  1 
ATOM   1504 N  N   . GLU A 1 202 ? -11.045 -4.498  5.222   1.00 43.14 ? 202 GLU A N   1 
ATOM   1505 C  CA  . GLU A 1 202 ? -12.393 -5.042  4.975   1.00 43.29 ? 202 GLU A CA  1 
ATOM   1506 C  C   . GLU A 1 202 ? -12.393 -6.561  4.804   1.00 42.51 ? 202 GLU A C   1 
ATOM   1507 O  O   . GLU A 1 202 ? -13.285 -7.242  5.285   1.00 42.32 ? 202 GLU A O   1 
ATOM   1508 C  CB  . GLU A 1 202 ? -13.031 -4.407  3.739   1.00 43.37 ? 202 GLU A CB  1 
ATOM   1509 C  CG  . GLU A 1 202 ? -13.209 -2.896  3.820   1.00 45.52 ? 202 GLU A CG  1 
ATOM   1510 C  CD  . GLU A 1 202 ? -13.946 -2.320  2.614   1.00 46.09 ? 202 GLU A CD  1 
ATOM   1511 O  OE1 . GLU A 1 202 ? -14.967 -1.638  2.815   1.00 50.50 ? 202 GLU A OE1 1 
ATOM   1512 O  OE2 . GLU A 1 202 ? -13.502 -2.541  1.465   1.00 50.69 ? 202 GLU A OE2 1 
ATOM   1513 N  N   . ARG A 1 203 ? -11.393 -7.074  4.103   1.00 42.41 ? 203 ARG A N   1 
ATOM   1514 C  CA  . ARG A 1 203 ? -11.163 -8.514  3.955   1.00 42.68 ? 203 ARG A CA  1 
ATOM   1515 C  C   . ARG A 1 203 ? -10.984 -9.193  5.315   1.00 41.97 ? 203 ARG A C   1 
ATOM   1516 O  O   . ARG A 1 203 ? -11.422 -10.321 5.527   1.00 41.69 ? 203 ARG A O   1 
ATOM   1517 C  CB  . ARG A 1 203 ? -9.902  -8.740  3.101   1.00 42.56 ? 203 ARG A CB  1 
ATOM   1518 C  CG  . ARG A 1 203 ? -9.822  -10.080 2.418   1.00 43.31 ? 203 ARG A CG  1 
ATOM   1519 C  CD  . ARG A 1 203 ? -10.589 -10.107 1.077   1.00 45.59 ? 203 ARG A CD  1 
ATOM   1520 N  NE  . ARG A 1 203 ? -11.825 -10.869 1.204   1.00 45.79 ? 203 ARG A NE  1 
ATOM   1521 C  CZ  . ARG A 1 203 ? -12.591 -11.272 0.197   1.00 43.32 ? 203 ARG A CZ  1 
ATOM   1522 N  NH1 . ARG A 1 203 ? -12.264 -11.009 -1.062  1.00 40.93 ? 203 ARG A NH1 1 
ATOM   1523 N  NH2 . ARG A 1 203 ? -13.693 -11.959 0.471   1.00 43.22 ? 203 ARG A NH2 1 
ATOM   1524 N  N   . LEU A 1 204 ? -10.320 -8.490  6.223   1.00 41.92 ? 204 LEU A N   1 
ATOM   1525 C  CA  . LEU A 1 204 ? -10.137 -8.957  7.597   1.00 42.03 ? 204 LEU A CA  1 
ATOM   1526 C  C   . LEU A 1 204 ? -11.482 -8.989  8.343   1.00 42.01 ? 204 LEU A C   1 
ATOM   1527 O  O   . LEU A 1 204 ? -11.752 -9.929  9.103   1.00 41.55 ? 204 LEU A O   1 
ATOM   1528 C  CB  . LEU A 1 204 ? -9.120  -8.061  8.308   1.00 42.03 ? 204 LEU A CB  1 
ATOM   1529 C  CG  . LEU A 1 204 ? -8.033  -8.572  9.265   1.00 43.54 ? 204 LEU A CG  1 
ATOM   1530 C  CD1 . LEU A 1 204 ? -7.643  -10.028 9.008   1.00 43.96 ? 204 LEU A CD1 1 
ATOM   1531 C  CD2 . LEU A 1 204 ? -6.792  -7.642  9.190   1.00 42.06 ? 204 LEU A CD2 1 
ATOM   1532 N  N   . VAL A 1 205 ? -12.342 -7.994  8.108   1.00 41.91 ? 205 VAL A N   1 
ATOM   1533 C  CA  . VAL A 1 205 ? -13.647 -8.015  8.786   1.00 43.00 ? 205 VAL A CA  1 
ATOM   1534 C  C   . VAL A 1 205 ? -14.502 -9.169  8.249   1.00 42.84 ? 205 VAL A C   1 
ATOM   1535 O  O   . VAL A 1 205 ? -15.146 -9.865  9.026   1.00 42.31 ? 205 VAL A O   1 
ATOM   1536 C  CB  . VAL A 1 205 ? -14.372 -6.608  8.880   1.00 42.70 ? 205 VAL A CB  1 
ATOM   1537 C  CG1 . VAL A 1 205 ? -14.488 -5.958  7.547   1.00 45.04 ? 205 VAL A CG1 1 
ATOM   1538 C  CG2 . VAL A 1 205 ? -15.775 -6.728  9.503   1.00 42.83 ? 205 VAL A CG2 1 
ATOM   1539 N  N   . TYR A 1 206 ? -14.446 -9.385  6.930   1.00 43.15 ? 206 TYR A N   1 
ATOM   1540 C  CA  . TYR A 1 206 ? -15.071 -10.522 6.256   1.00 43.32 ? 206 TYR A CA  1 
ATOM   1541 C  C   . TYR A 1 206 ? -14.604 -11.869 6.812   1.00 43.43 ? 206 TYR A C   1 
ATOM   1542 O  O   . TYR A 1 206 ? -15.366 -12.831 6.867   1.00 42.77 ? 206 TYR A O   1 
ATOM   1543 C  CB  . TYR A 1 206 ? -14.796 -10.444 4.746   1.00 44.24 ? 206 TYR A CB  1 
ATOM   1544 C  CG  . TYR A 1 206 ? -14.741 -11.777 4.040   1.00 44.25 ? 206 TYR A CG  1 
ATOM   1545 C  CD1 . TYR A 1 206 ? -15.889 -12.341 3.464   1.00 45.96 ? 206 TYR A CD1 1 
ATOM   1546 C  CD2 . TYR A 1 206 ? -13.539 -12.471 3.938   1.00 44.20 ? 206 TYR A CD2 1 
ATOM   1547 C  CE1 . TYR A 1 206 ? -15.830 -13.584 2.801   1.00 46.53 ? 206 TYR A CE1 1 
ATOM   1548 C  CE2 . TYR A 1 206 ? -13.464 -13.694 3.295   1.00 45.50 ? 206 TYR A CE2 1 
ATOM   1549 C  CZ  . TYR A 1 206 ? -14.599 -14.243 2.721   1.00 46.79 ? 206 TYR A CZ  1 
ATOM   1550 O  OH  . TYR A 1 206 ? -14.488 -15.465 2.092   1.00 48.55 ? 206 TYR A OH  1 
ATOM   1551 N  N   . LEU A 1 207 ? -13.340 -11.933 7.207   1.00 43.75 ? 207 LEU A N   1 
ATOM   1552 C  CA  . LEU A 1 207 ? -12.767 -13.160 7.741   1.00 44.17 ? 207 LEU A CA  1 
ATOM   1553 C  C   . LEU A 1 207 ? -13.392 -13.519 9.108   1.00 44.84 ? 207 LEU A C   1 
ATOM   1554 O  O   . LEU A 1 207 ? -13.768 -14.667 9.353   1.00 45.06 ? 207 LEU A O   1 
ATOM   1555 C  CB  . LEU A 1 207 ? -11.237 -13.031 7.791   1.00 44.21 ? 207 LEU A CB  1 
ATOM   1556 C  CG  . LEU A 1 207 ? -10.348 -14.129 8.377   1.00 44.31 ? 207 LEU A CG  1 
ATOM   1557 C  CD1 . LEU A 1 207 ? -10.638 -15.505 7.772   1.00 44.06 ? 207 LEU A CD1 1 
ATOM   1558 C  CD2 . LEU A 1 207 ? -8.890  -13.750 8.215   1.00 43.30 ? 207 LEU A CD2 1 
ATOM   1559 N  N   . GLU A 1 208 ? -13.542 -12.535 9.982   1.00 45.59 ? 208 GLU A N   1 
ATOM   1560 C  CA  . GLU A 1 208 ? -14.157 -12.778 11.273  1.00 46.71 ? 208 GLU A CA  1 
ATOM   1561 C  C   . GLU A 1 208 ? -15.670 -12.893 11.172  1.00 47.50 ? 208 GLU A C   1 
ATOM   1562 O  O   . GLU A 1 208 ? -16.293 -13.675 11.880  1.00 47.44 ? 208 GLU A O   1 
ATOM   1563 C  CB  . GLU A 1 208 ? -13.777 -11.690 12.275  1.00 46.79 ? 208 GLU A CB  1 
ATOM   1564 C  CG  . GLU A 1 208 ? -14.330 -11.986 13.680  1.00 48.18 ? 208 GLU A CG  1 
ATOM   1565 C  CD  . GLU A 1 208 ? -13.465 -11.466 14.804  1.00 48.34 ? 208 GLU A CD  1 
ATOM   1566 O  OE1 . GLU A 1 208 ? -12.791 -10.442 14.628  1.00 48.51 ? 208 GLU A OE1 1 
ATOM   1567 O  OE2 . GLU A 1 208 ? -13.473 -12.090 15.881  1.00 51.15 ? 208 GLU A OE2 1 
ATOM   1568 N  N   . THR A 1 209 ? -16.239 -12.124 10.253  1.00 48.70 ? 209 THR A N   1 
ATOM   1569 C  CA  . THR A 1 209 ? -17.671 -11.924 10.130  1.00 49.78 ? 209 THR A CA  1 
ATOM   1570 C  C   . THR A 1 209 ? -18.338 -12.934 9.191   1.00 50.52 ? 209 THR A C   1 
ATOM   1571 O  O   . THR A 1 209 ? -19.382 -13.487 9.518   1.00 50.53 ? 209 THR A O   1 
ATOM   1572 C  CB  . THR A 1 209 ? -17.912 -10.466 9.686   1.00 49.89 ? 209 THR A CB  1 
ATOM   1573 O  OG1 . THR A 1 209 ? -17.845 -9.623  10.845  1.00 50.76 ? 209 THR A OG1 1 
ATOM   1574 C  CG2 . THR A 1 209 ? -19.238 -10.274 9.007   1.00 51.31 ? 209 THR A CG2 1 
ATOM   1575 N  N   . GLY A 1 210 ? -17.733 -13.180 8.035   1.00 51.66 ? 210 GLY A N   1 
ATOM   1576 C  CA  . GLY A 1 210 ? -18.313 -14.077 7.034   1.00 53.11 ? 210 GLY A CA  1 
ATOM   1577 C  C   . GLY A 1 210 ? -18.960 -13.331 5.879   1.00 54.22 ? 210 GLY A C   1 
ATOM   1578 O  O   . GLY A 1 210 ? -19.464 -13.939 4.939   1.00 54.09 ? 210 GLY A O   1 
ATOM   1579 N  N   . GLU A 1 211 ? -18.937 -12.007 5.961   1.00 55.47 ? 211 GLU A N   1 
ATOM   1580 C  CA  . GLU A 1 211 ? -19.549 -11.139 4.975   1.00 56.92 ? 211 GLU A CA  1 
ATOM   1581 C  C   . GLU A 1 211 ? -18.594 -10.000 4.673   1.00 57.58 ? 211 GLU A C   1 
ATOM   1582 O  O   . GLU A 1 211 ? -18.064 -9.369  5.585   1.00 57.59 ? 211 GLU A O   1 
ATOM   1583 C  CB  . GLU A 1 211 ? -20.866 -10.579 5.515   1.00 56.76 ? 211 GLU A CB  1 
ATOM   1584 C  CG  . GLU A 1 211 ? -21.668 -9.736  4.515   1.00 57.29 ? 211 GLU A CG  1 
ATOM   1585 C  CD  . GLU A 1 211 ? -23.117 -9.538  4.933   1.00 58.32 ? 211 GLU A CD  1 
ATOM   1586 O  OE1 . GLU A 1 211 ? -23.555 -10.172 5.934   1.00 59.74 ? 211 GLU A OE1 1 
ATOM   1587 O  OE2 . GLU A 1 211 ? -23.829 -8.749  4.257   1.00 60.61 ? 211 GLU A OE2 1 
ATOM   1588 N  N   . LEU A 1 212 ? -18.367 -9.743  3.390   1.00 58.91 ? 212 LEU A N   1 
ATOM   1589 C  CA  . LEU A 1 212 ? -17.612 -8.566  2.985   1.00 59.91 ? 212 LEU A CA  1 
ATOM   1590 C  C   . LEU A 1 212 ? -18.565 -7.381  3.065   1.00 60.44 ? 212 LEU A C   1 
ATOM   1591 O  O   . LEU A 1 212 ? -19.613 -7.372  2.417   1.00 61.00 ? 212 LEU A O   1 
ATOM   1592 C  CB  . LEU A 1 212 ? -17.021 -8.737  1.576   1.00 59.99 ? 212 LEU A CB  1 
ATOM   1593 C  CG  . LEU A 1 212 ? -15.893 -7.782  1.132   1.00 60.63 ? 212 LEU A CG  1 
ATOM   1594 C  CD1 . LEU A 1 212 ? -14.639 -7.872  2.024   1.00 59.79 ? 212 LEU A CD1 1 
ATOM   1595 C  CD2 . LEU A 1 212 ? -15.532 -7.993  -0.351  1.00 59.60 ? 212 LEU A CD2 1 
ATOM   1596 N  N   . VAL A 1 213 ? -18.227 -6.418  3.915   1.00 61.05 ? 213 VAL A N   1 
ATOM   1597 C  CA  . VAL A 1 213 ? -19.021 -5.209  4.072   1.00 61.75 ? 213 VAL A CA  1 
ATOM   1598 C  C   . VAL A 1 213 ? -18.207 -4.030  3.561   1.00 62.17 ? 213 VAL A C   1 
ATOM   1599 O  O   . VAL A 1 213 ? -16.971 -4.081  3.532   1.00 62.61 ? 213 VAL A O   1 
ATOM   1600 C  CB  . VAL A 1 213 ? -19.474 -4.961  5.554   1.00 61.92 ? 213 VAL A CB  1 
ATOM   1601 C  CG1 . VAL A 1 213 ? -19.897 -6.267  6.236   1.00 62.13 ? 213 VAL A CG1 1 
ATOM   1602 C  CG2 . VAL A 1 213 ? -18.396 -4.243  6.372   1.00 61.77 ? 213 VAL A CG2 1 
ATOM   1603 N  N   . ASP A 1 214 ? -18.889 -2.962  3.168   1.00 62.44 ? 214 ASP A N   1 
ATOM   1604 C  CA  . ASP A 1 214 ? -18.184 -1.808  2.624   1.00 62.70 ? 214 ASP A CA  1 
ATOM   1605 C  C   . ASP A 1 214 ? -17.970 -0.710  3.676   1.00 63.51 ? 214 ASP A C   1 
ATOM   1606 O  O   . ASP A 1 214 ? -18.910 -0.299  4.375   1.00 63.62 ? 214 ASP A O   1 
ATOM   1607 C  CB  . ASP A 1 214 ? -18.899 -1.308  1.367   1.00 62.25 ? 214 ASP A CB  1 
ATOM   1608 C  CG  . ASP A 1 214 ? -18.941 -2.365  0.278   1.00 60.52 ? 214 ASP A CG  1 
ATOM   1609 O  OD1 . ASP A 1 214 ? -17.879 -2.697  -0.272  1.00 57.54 ? 214 ASP A OD1 1 
ATOM   1610 O  OD2 . ASP A 1 214 ? -20.033 -2.881  -0.020  1.00 59.36 ? 214 ASP A OD2 1 
ATOM   1611 N  N   . LEU A 1 215 ? -16.719 -0.263  3.788   1.00 63.92 ? 215 LEU A N   1 
ATOM   1612 C  CA  . LEU A 1 215 ? -16.318 0.721   4.793   1.00 64.44 ? 215 LEU A CA  1 
ATOM   1613 C  C   . LEU A 1 215 ? -15.842 2.024   4.131   1.00 64.94 ? 215 LEU A C   1 
ATOM   1614 O  O   . LEU A 1 215 ? -14.827 2.053   3.419   1.00 65.21 ? 215 LEU A O   1 
ATOM   1615 C  CB  . LEU A 1 215 ? -15.218 0.148   5.724   1.00 64.18 ? 215 LEU A CB  1 
ATOM   1616 C  CG  . LEU A 1 215 ? -15.389 -1.179  6.490   1.00 63.00 ? 215 LEU A CG  1 
ATOM   1617 C  CD1 . LEU A 1 215 ? -14.078 -1.621  7.130   1.00 61.39 ? 215 LEU A CD1 1 
ATOM   1618 C  CD2 . LEU A 1 215 ? -16.479 -1.120  7.544   1.00 61.51 ? 215 LEU A CD2 1 
HETATM 1619 ZN ZN  . ZN  B 2 .   ? -8.570  7.230   0.038   1.00 57.88 ? 217 ZN  A ZN  1 
HETATM 1620 ZN ZN  . ZN  C 2 .   ? 5.466   -19.610 12.709  1.00 52.90 ? 218 ZN  A ZN  1 
HETATM 1621 ZN ZN  . ZN  D 2 .   ? 0.589   -4.617  -10.770 1.00 46.45 ? 219 ZN  A ZN  1 
HETATM 1622 O  O   . HOH E 3 .   ? -7.929  -7.719  0.151   1.00 30.95 ? 220 HOH A O   1 
HETATM 1623 O  O   . HOH E 3 .   ? -0.400  -16.845 -9.841  1.00 48.77 ? 221 HOH A O   1 
HETATM 1624 O  O   . HOH E 3 .   ? -10.898 -12.852 12.147  1.00 61.96 ? 222 HOH A O   1 
HETATM 1625 O  O   . HOH E 3 .   ? 11.216  16.757  1.337   1.00 56.96 ? 223 HOH A O   1 
HETATM 1626 O  O   . HOH E 3 .   ? 3.549   -19.991 1.881   1.00 39.25 ? 224 HOH A O   1 
HETATM 1627 O  O   . HOH E 3 .   ? 11.152  -3.371  -3.881  1.00 36.37 ? 225 HOH A O   1 
HETATM 1628 O  O   . HOH E 3 .   ? -11.057 -30.606 -0.551  1.00 72.41 ? 226 HOH A O   1 
HETATM 1629 O  O   . HOH E 3 .   ? 10.094  -2.106  -5.779  1.00 35.14 ? 227 HOH A O   1 
HETATM 1630 O  O   . HOH E 3 .   ? -11.893 -6.617  17.793  0.50 58.84 ? 228 HOH A O   1 
HETATM 1631 O  O   . HOH E 3 .   ? 16.091  -0.640  -2.948  1.00 68.40 ? 229 HOH A O   1 
HETATM 1632 O  O   . HOH E 3 .   ? 7.533   -1.407  -6.195  1.00 35.03 ? 230 HOH A O   1 
HETATM 1633 O  O   . HOH E 3 .   ? -4.759  23.647  -0.373  1.00 70.69 ? 231 HOH A O   1 
HETATM 1634 O  O   . HOH E 3 .   ? 11.184  -5.858  -4.208  1.00 37.63 ? 232 HOH A O   1 
HETATM 1635 O  O   . HOH E 3 .   ? -19.993 -3.468  -2.546  1.00 10.53 ? 233 HOH A O   1 
HETATM 1636 O  O   . HOH E 3 .   ? 4.242   -4.067  11.517  1.00 44.05 ? 234 HOH A O   1 
HETATM 1637 O  O   . HOH E 3 .   ? -7.398  0.055   -9.486  1.00 56.29 ? 235 HOH A O   1 
HETATM 1638 O  O   . HOH E 3 .   ? 8.666   12.235  1.023   1.00 50.39 ? 236 HOH A O   1 
HETATM 1639 O  O   . HOH E 3 .   ? -8.635  -27.154 -4.203  0.50 61.83 ? 237 HOH A O   1 
HETATM 1640 O  O   . HOH E 3 .   ? 4.843   -2.429  14.214  1.00 55.16 ? 238 HOH A O   1 
HETATM 1641 O  O   . HOH E 3 .   ? 5.187   -18.840 -8.531  1.00 52.15 ? 239 HOH A O   1 
HETATM 1642 O  O   . HOH E 3 .   ? 3.204   -19.156 -0.406  1.00 47.42 ? 240 HOH A O   1 
HETATM 1643 O  O   . HOH E 3 .   ? 4.624   0.159   -11.920 1.00 44.93 ? 241 HOH A O   1 
HETATM 1644 O  O   . HOH E 3 .   ? -0.169  21.406  -12.003 1.00 55.45 ? 242 HOH A O   1 
HETATM 1645 O  O   . HOH E 3 .   ? -8.333  -18.820 10.421  1.00 46.80 ? 243 HOH A O   1 
# 
